data_6QHN
#
_entry.id   6QHN
#
_cell.length_a   116.839
_cell.length_b   121.728
_cell.length_c   318.048
_cell.angle_alpha   90.000
_cell.angle_beta   90.000
_cell.angle_gamma   90.000
#
_symmetry.space_group_name_H-M   'C 2 2 21'
#
loop_
_entity.id
_entity.type
_entity.pdbx_description
1 polymer 'SALICYLALDEHYDE DEHYDROGENASE'
2 non-polymer '3,4-DIHYDROXYBENZOIC ACID'
3 non-polymer GLYCEROL
4 water water
#
_entity_poly.entity_id   1
_entity_poly.type   'polypeptide(L)'
_entity_poly.pdbx_seq_one_letter_code
;MRGLTVNFERINPMTNQTASTAKAMTAAEARAVADRAAAGFAGWSVLGPNARRAVLMKAAAALEARKDDFVQAMMAEIGA
TAGWAMFNLMLAASMIREAAALTTQIGGEVIPSDKPGCLALALREPVGVVLGIAPWNAPIILGVRAIAVPLACGNAVILK
ASEICPRTHGLIIESFAEAGFPEGVVNVVTNAPQDAGEVVGALIDHPAVKRINFTGSTGVGRIIAKRAAEHLKPCLLELG
GKAPLVVLDDADLDEAAKAAAFGAFMNQGQICMSTERIIVVEAIAAEFTRRFAAKAQSMATGDPREGKTPLGAVVDRKTV
DHVNTLIDDATAKGARIIAGGKGDSVLMSATVVDGVTAAMKLYRDESFGPIVGIIRAKDEADAVRLANDSEYGLAAAVFT
RDTARGLRVARQIRSGICHINGPTVHDEAQMPFGGVGASGYGRFGGKAGIDQFTELRWITMETQPGHFPI
;
_entity_poly.pdbx_strand_id   A,B,C,D
#
loop_
_chem_comp.id
_chem_comp.type
_chem_comp.name
_chem_comp.formula
DHB non-polymer '3,4-DIHYDROXYBENZOIC ACID' 'C7 H6 O4'
GOL non-polymer GLYCEROL 'C3 H8 O3'
#
# COMPACT_ATOMS: atom_id res chain seq x y z
N THR A 5 3.38 -15.65 16.26
CA THR A 5 4.82 -15.44 16.11
C THR A 5 5.25 -15.79 14.67
N VAL A 6 5.45 -14.76 13.83
CA VAL A 6 5.81 -14.92 12.42
C VAL A 6 7.15 -14.24 12.14
N ASN A 7 8.08 -14.98 11.53
CA ASN A 7 9.40 -14.49 11.15
C ASN A 7 9.60 -14.58 9.65
N PHE A 8 10.57 -13.80 9.14
CA PHE A 8 11.03 -13.91 7.77
C PHE A 8 12.51 -14.25 7.90
N GLU A 9 13.13 -14.71 6.83
CA GLU A 9 14.55 -15.04 6.87
C GLU A 9 15.30 -14.33 5.77
N ARG A 10 16.60 -14.25 5.95
CA ARG A 10 17.51 -13.75 4.94
C ARG A 10 18.43 -14.92 4.61
N ILE A 11 18.52 -15.30 3.33
CA ILE A 11 19.41 -16.39 2.90
C ILE A 11 20.80 -15.81 2.59
N ASN A 12 21.85 -16.52 3.05
CA ASN A 12 23.25 -16.16 2.82
C ASN A 12 23.57 -16.34 1.33
N PRO A 13 24.00 -15.27 0.60
CA PRO A 13 24.26 -15.42 -0.85
C PRO A 13 25.46 -16.30 -1.22
N MET A 14 26.40 -16.56 -0.30
CA MET A 14 27.57 -17.39 -0.58
C MET A 14 27.30 -18.89 -0.35
N THR A 15 26.46 -19.23 0.64
CA THR A 15 26.15 -20.62 0.99
C THR A 15 24.72 -21.09 0.63
N ASN A 16 23.78 -20.16 0.37
CA ASN A 16 22.36 -20.46 0.10
C ASN A 16 21.63 -21.10 1.32
N GLN A 17 22.19 -20.91 2.54
CA GLN A 17 21.61 -21.38 3.80
C GLN A 17 21.13 -20.12 4.52
N THR A 18 20.29 -20.27 5.55
CA THR A 18 19.78 -19.14 6.33
C THR A 18 20.93 -18.36 7.00
N ALA A 19 21.00 -17.06 6.75
CA ALA A 19 21.97 -16.17 7.40
C ALA A 19 21.39 -15.67 8.72
N SER A 20 20.10 -15.34 8.72
CA SER A 20 19.44 -14.77 9.89
C SER A 20 17.93 -14.80 9.74
N THR A 21 17.22 -14.53 10.83
CA THR A 21 15.76 -14.44 10.86
C THR A 21 15.37 -13.24 11.71
N ALA A 22 14.18 -12.69 11.48
CA ALA A 22 13.70 -11.56 12.25
C ALA A 22 12.19 -11.55 12.24
N LYS A 23 11.58 -10.87 13.22
CA LYS A 23 10.12 -10.78 13.33
C LYS A 23 9.51 -10.05 12.11
N ALA A 24 8.47 -10.66 11.51
CA ALA A 24 7.74 -10.05 10.41
C ALA A 24 6.62 -9.26 11.10
N MET A 25 6.91 -8.00 11.51
CA MET A 25 5.91 -7.22 12.24
C MET A 25 4.71 -6.84 11.39
N THR A 26 3.54 -6.76 12.02
CA THR A 26 2.31 -6.32 11.38
C THR A 26 2.22 -4.78 11.52
N ALA A 27 1.24 -4.16 10.83
CA ALA A 27 1.02 -2.71 10.96
C ALA A 27 0.66 -2.36 12.41
N ALA A 28 -0.14 -3.20 13.08
CA ALA A 28 -0.51 -2.98 14.49
C ALA A 28 0.71 -3.00 15.44
N GLU A 29 1.64 -3.94 15.22
CA GLU A 29 2.86 -4.03 16.03
C GLU A 29 3.76 -2.83 15.76
N ALA A 30 3.85 -2.37 14.51
CA ALA A 30 4.63 -1.18 14.16
C ALA A 30 4.03 0.07 14.84
N ARG A 31 2.68 0.19 14.88
CA ARG A 31 2.02 1.32 15.56
C ARG A 31 2.33 1.31 17.06
N ALA A 32 2.37 0.10 17.69
CA ALA A 32 2.70 -0.01 19.12
C ALA A 32 4.16 0.41 19.37
N VAL A 33 5.08 0.17 18.40
CA VAL A 33 6.47 0.67 18.55
C VAL A 33 6.42 2.21 18.53
N ALA A 34 5.66 2.83 17.59
CA ALA A 34 5.54 4.29 17.56
C ALA A 34 4.91 4.85 18.84
N ASP A 35 3.97 4.12 19.49
CA ASP A 35 3.39 4.55 20.76
C ASP A 35 4.46 4.57 21.87
N ARG A 36 5.36 3.57 21.89
CA ARG A 36 6.45 3.53 22.89
C ARG A 36 7.42 4.69 22.62
N ALA A 37 7.73 4.98 21.34
CA ALA A 37 8.63 6.09 20.97
C ALA A 37 8.01 7.43 21.38
N ALA A 38 6.69 7.59 21.15
CA ALA A 38 5.95 8.80 21.52
C ALA A 38 6.04 9.06 23.03
N ALA A 39 5.93 7.99 23.85
CA ALA A 39 6.01 8.12 25.32
C ALA A 39 7.42 8.41 25.82
N GLY A 40 8.44 7.89 25.14
CA GLY A 40 9.84 8.13 25.51
C GLY A 40 10.36 9.51 25.13
N PHE A 41 9.75 10.16 24.12
CA PHE A 41 10.17 11.48 23.64
C PHE A 41 10.27 12.59 24.71
N ALA A 42 9.21 12.81 25.51
CA ALA A 42 9.19 13.94 26.48
C ALA A 42 10.40 14.02 27.38
N GLY A 43 10.77 12.91 28.00
CA GLY A 43 11.92 12.85 28.92
C GLY A 43 13.25 13.11 28.22
N TRP A 44 13.48 12.41 27.08
CA TRP A 44 14.71 12.56 26.29
C TRP A 44 14.86 13.99 25.74
N SER A 45 13.76 14.61 25.30
CA SER A 45 13.79 15.92 24.66
C SER A 45 14.25 17.06 25.58
N VAL A 46 14.15 16.91 26.91
CA VAL A 46 14.56 17.98 27.83
C VAL A 46 15.95 17.73 28.46
N LEU A 47 16.64 16.67 28.07
CA LEU A 47 17.96 16.36 28.60
C LEU A 47 18.96 17.42 28.06
N GLY A 48 19.87 17.87 28.92
CA GLY A 48 20.87 18.89 28.57
C GLY A 48 21.87 18.41 27.54
N PRO A 49 22.60 19.32 26.86
CA PRO A 49 23.51 18.87 25.80
C PRO A 49 24.66 17.96 26.25
N ASN A 50 25.28 18.20 27.42
CA ASN A 50 26.37 17.31 27.85
C ASN A 50 25.87 15.92 28.28
N ALA A 51 24.68 15.83 28.86
CA ALA A 51 24.09 14.54 29.24
C ALA A 51 23.75 13.74 27.96
N ARG A 52 23.20 14.43 26.94
N ARG A 52 23.18 14.41 26.93
CA ARG A 52 22.88 13.80 25.67
CA ARG A 52 22.86 13.76 25.65
C ARG A 52 24.16 13.32 24.97
C ARG A 52 24.16 13.30 24.97
N ARG A 53 25.21 14.16 24.98
CA ARG A 53 26.52 13.83 24.39
C ARG A 53 27.11 12.58 25.07
N ALA A 54 27.08 12.51 26.41
CA ALA A 54 27.61 11.35 27.14
C ALA A 54 26.91 10.03 26.77
N VAL A 55 25.56 10.03 26.57
CA VAL A 55 24.83 8.82 26.17
C VAL A 55 25.27 8.40 24.75
N LEU A 56 25.37 9.37 23.83
CA LEU A 56 25.76 9.08 22.45
C LEU A 56 27.19 8.54 22.37
N MET A 57 28.10 9.04 23.22
CA MET A 57 29.49 8.53 23.27
C MET A 57 29.50 7.07 23.77
N LYS A 58 28.61 6.71 24.72
CA LYS A 58 28.49 5.32 25.17
C LYS A 58 27.95 4.44 24.04
N ALA A 59 27.02 4.97 23.19
CA ALA A 59 26.48 4.23 22.06
C ALA A 59 27.57 3.90 21.05
N ALA A 60 28.45 4.88 20.72
CA ALA A 60 29.58 4.66 19.80
C ALA A 60 30.53 3.56 20.33
N ALA A 61 30.86 3.58 21.65
CA ALA A 61 31.72 2.56 22.25
C ALA A 61 31.01 1.18 22.25
N ALA A 62 29.68 1.13 22.53
CA ALA A 62 28.93 -0.13 22.54
C ALA A 62 28.84 -0.71 21.12
N LEU A 63 28.78 0.16 20.08
CA LEU A 63 28.78 -0.26 18.67
C LEU A 63 30.11 -0.95 18.38
N GLU A 64 31.23 -0.30 18.74
CA GLU A 64 32.58 -0.87 18.55
C GLU A 64 32.79 -2.17 19.36
N ALA A 65 32.18 -2.30 20.55
CA ALA A 65 32.27 -3.51 21.37
C ALA A 65 31.58 -4.74 20.72
N ARG A 66 30.56 -4.51 19.84
N ARG A 66 30.58 -4.49 19.83
CA ARG A 66 29.84 -5.59 19.13
CA ARG A 66 29.83 -5.54 19.14
C ARG A 66 30.45 -5.87 17.75
C ARG A 66 30.44 -5.84 17.75
N LYS A 67 31.74 -5.55 17.56
CA LYS A 67 32.49 -5.77 16.30
C LYS A 67 32.37 -7.20 15.72
N ASP A 68 32.58 -8.25 16.55
CA ASP A 68 32.51 -9.64 16.05
C ASP A 68 31.11 -9.98 15.53
N ASP A 69 30.05 -9.57 16.25
CA ASP A 69 28.68 -9.81 15.80
C ASP A 69 28.39 -9.05 14.48
N PHE A 70 28.90 -7.79 14.33
CA PHE A 70 28.71 -7.00 13.10
C PHE A 70 29.43 -7.60 11.90
N VAL A 71 30.68 -8.05 12.09
CA VAL A 71 31.45 -8.62 10.98
C VAL A 71 30.78 -9.92 10.50
N GLN A 72 30.37 -10.81 11.43
CA GLN A 72 29.70 -12.07 11.09
C GLN A 72 28.38 -11.79 10.34
N ALA A 73 27.55 -10.87 10.88
CA ALA A 73 26.24 -10.52 10.33
C ALA A 73 26.32 -9.96 8.90
N MET A 74 27.22 -8.99 8.66
CA MET A 74 27.36 -8.40 7.31
C MET A 74 27.88 -9.39 6.31
N MET A 75 28.89 -10.17 6.69
CA MET A 75 29.46 -11.18 5.78
C MET A 75 28.39 -12.22 5.40
N ALA A 76 27.66 -12.71 6.38
CA ALA A 76 26.61 -13.69 6.13
C ALA A 76 25.40 -13.13 5.37
N GLU A 77 24.89 -11.96 5.79
CA GLU A 77 23.66 -11.41 5.19
C GLU A 77 23.81 -10.80 3.80
N ILE A 78 24.89 -10.04 3.53
CA ILE A 78 25.02 -9.35 2.24
C ILE A 78 26.23 -9.83 1.42
N GLY A 79 27.03 -10.76 1.95
CA GLY A 79 28.20 -11.25 1.24
C GLY A 79 29.35 -10.27 1.27
N ALA A 80 29.44 -9.43 2.32
CA ALA A 80 30.50 -8.43 2.43
C ALA A 80 31.85 -9.05 2.84
N THR A 81 32.93 -8.34 2.54
CA THR A 81 34.25 -8.72 3.03
C THR A 81 34.34 -8.23 4.48
N ALA A 82 35.23 -8.83 5.30
CA ALA A 82 35.45 -8.38 6.66
C ALA A 82 35.95 -6.93 6.66
N GLY A 83 36.69 -6.55 5.61
CA GLY A 83 37.19 -5.19 5.44
C GLY A 83 36.07 -4.17 5.27
N TRP A 84 35.07 -4.48 4.43
CA TRP A 84 33.90 -3.59 4.21
C TRP A 84 33.11 -3.49 5.51
N ALA A 85 32.97 -4.60 6.27
CA ALA A 85 32.30 -4.58 7.56
C ALA A 85 33.06 -3.74 8.61
N MET A 86 34.41 -3.88 8.69
CA MET A 86 35.22 -3.08 9.63
C MET A 86 35.18 -1.60 9.24
N PHE A 87 35.21 -1.29 7.93
CA PHE A 87 35.11 0.08 7.45
C PHE A 87 33.75 0.69 7.88
N ASN A 88 32.66 -0.08 7.67
CA ASN A 88 31.32 0.33 8.07
C ASN A 88 31.29 0.64 9.58
N LEU A 89 31.90 -0.24 10.41
CA LEU A 89 31.92 -0.10 11.86
C LEU A 89 32.66 1.17 12.30
N MET A 90 33.86 1.35 11.75
CA MET A 90 34.73 2.49 12.03
C MET A 90 34.02 3.81 11.70
N LEU A 91 33.56 3.99 10.46
CA LEU A 91 32.89 5.23 10.06
C LEU A 91 31.54 5.46 10.80
N ALA A 92 30.74 4.40 11.03
CA ALA A 92 29.47 4.54 11.77
C ALA A 92 29.77 5.05 13.20
N ALA A 93 30.81 4.50 13.88
CA ALA A 93 31.19 4.94 15.23
C ALA A 93 31.62 6.42 15.19
N SER A 94 32.38 6.82 14.16
CA SER A 94 32.79 8.21 14.00
C SER A 94 31.57 9.14 13.82
N MET A 95 30.53 8.70 13.06
CA MET A 95 29.32 9.49 12.86
C MET A 95 28.50 9.66 14.15
N ILE A 96 28.49 8.64 15.02
CA ILE A 96 27.82 8.76 16.34
C ILE A 96 28.58 9.79 17.18
N ARG A 97 29.92 9.74 17.17
CA ARG A 97 30.73 10.72 17.92
C ARG A 97 30.55 12.14 17.35
N GLU A 98 30.36 12.29 16.03
CA GLU A 98 30.07 13.61 15.44
C GLU A 98 28.69 14.07 15.97
N ALA A 99 27.66 13.17 15.97
CA ALA A 99 26.33 13.55 16.50
C ALA A 99 26.44 13.97 17.98
N ALA A 100 27.27 13.25 18.78
CA ALA A 100 27.51 13.59 20.19
C ALA A 100 28.18 15.00 20.28
N ALA A 101 29.15 15.29 19.40
CA ALA A 101 29.83 16.59 19.38
C ALA A 101 28.84 17.75 19.11
N LEU A 102 27.79 17.52 18.27
CA LEU A 102 26.83 18.57 17.90
C LEU A 102 25.86 19.03 18.98
N THR A 103 25.72 18.33 20.13
CA THR A 103 24.65 18.71 21.07
C THR A 103 24.76 20.16 21.56
N THR A 104 25.97 20.69 21.82
CA THR A 104 26.09 22.08 22.28
C THR A 104 26.01 23.08 21.09
N GLN A 105 25.95 22.56 19.83
CA GLN A 105 25.90 23.38 18.60
C GLN A 105 24.48 23.51 18.03
N ILE A 106 23.46 22.89 18.67
CA ILE A 106 22.07 22.95 18.20
C ILE A 106 21.41 24.02 19.04
N GLY A 107 21.30 25.21 18.49
CA GLY A 107 20.72 26.31 19.24
C GLY A 107 19.71 27.10 18.44
N GLY A 108 19.86 28.40 18.42
CA GLY A 108 18.95 29.28 17.73
C GLY A 108 19.58 30.59 17.41
N GLU A 109 18.76 31.55 17.01
CA GLU A 109 19.20 32.85 16.60
C GLU A 109 18.35 33.90 17.32
N VAL A 110 18.93 35.07 17.57
CA VAL A 110 18.21 36.21 18.14
C VAL A 110 18.17 37.16 16.93
N ILE A 111 16.98 37.64 16.57
CA ILE A 111 16.81 38.47 15.37
C ILE A 111 16.31 39.84 15.79
N PRO A 112 16.89 40.94 15.29
CA PRO A 112 16.38 42.27 15.70
C PRO A 112 14.97 42.54 15.14
N SER A 113 14.12 43.10 15.97
CA SER A 113 12.71 43.37 15.67
C SER A 113 12.48 44.87 15.54
N ASP A 114 11.54 45.25 14.67
CA ASP A 114 11.10 46.65 14.56
C ASP A 114 10.00 46.97 15.58
N LYS A 115 9.51 45.99 16.34
CA LYS A 115 8.51 46.24 17.38
C LYS A 115 9.28 46.65 18.64
N PRO A 116 9.11 47.89 19.17
CA PRO A 116 9.92 48.33 20.32
C PRO A 116 9.89 47.40 21.54
N GLY A 117 11.07 47.03 22.03
CA GLY A 117 11.19 46.17 23.22
C GLY A 117 10.97 44.68 22.98
N CYS A 118 10.62 44.27 21.77
CA CYS A 118 10.34 42.87 21.46
C CYS A 118 11.64 42.07 21.35
N LEU A 119 11.82 41.03 22.19
CA LEU A 119 12.96 40.13 22.06
C LEU A 119 12.46 39.00 21.14
N ALA A 120 13.09 38.79 19.98
CA ALA A 120 12.65 37.79 18.99
C ALA A 120 13.67 36.67 18.82
N LEU A 121 13.21 35.42 18.99
CA LEU A 121 14.07 34.21 18.89
C LEU A 121 13.62 33.30 17.77
N ALA A 122 14.57 32.59 17.14
CA ALA A 122 14.29 31.57 16.16
C ALA A 122 14.97 30.34 16.75
N LEU A 123 14.20 29.47 17.39
CA LEU A 123 14.71 28.31 18.13
C LEU A 123 14.60 27.02 17.38
N ARG A 124 15.64 26.17 17.43
CA ARG A 124 15.57 24.83 16.80
C ARG A 124 15.24 23.89 17.93
N GLU A 125 14.03 23.34 17.95
CA GLU A 125 13.58 22.47 19.03
C GLU A 125 13.43 21.03 18.57
N PRO A 126 13.47 20.05 19.51
CA PRO A 126 13.19 18.64 19.13
C PRO A 126 11.79 18.53 18.52
N VAL A 127 11.59 17.63 17.56
CA VAL A 127 10.30 17.49 16.87
C VAL A 127 9.35 16.46 17.51
N GLY A 128 9.86 15.27 17.79
CA GLY A 128 9.04 14.19 18.31
C GLY A 128 9.68 12.87 17.97
N VAL A 129 8.98 12.02 17.21
CA VAL A 129 9.51 10.72 16.78
C VAL A 129 9.98 10.86 15.34
N VAL A 130 11.22 10.39 15.07
CA VAL A 130 11.76 10.41 13.71
C VAL A 130 11.77 8.96 13.22
N LEU A 131 11.26 8.73 12.02
CA LEU A 131 11.28 7.41 11.38
C LEU A 131 12.45 7.44 10.40
N GLY A 132 13.39 6.53 10.58
CA GLY A 132 14.59 6.44 9.74
C GLY A 132 14.66 5.09 9.04
N ILE A 133 14.46 5.06 7.71
CA ILE A 133 14.41 3.85 6.90
C ILE A 133 15.77 3.67 6.23
N ALA A 134 16.50 2.61 6.59
CA ALA A 134 17.89 2.40 6.14
C ALA A 134 18.05 1.19 5.21
N PRO A 135 18.87 1.33 4.15
CA PRO A 135 19.08 0.21 3.22
C PRO A 135 20.27 -0.65 3.66
N TRP A 136 20.60 -1.67 2.86
CA TRP A 136 21.57 -2.73 3.19
C TRP A 136 23.00 -2.56 2.65
N ASN A 137 23.23 -1.67 1.70
CA ASN A 137 24.54 -1.64 1.01
C ASN A 137 25.74 -1.23 1.88
N ALA A 138 25.55 -0.24 2.78
CA ALA A 138 26.56 0.21 3.75
C ALA A 138 25.70 0.19 5.01
N PRO A 139 25.40 -1.02 5.53
CA PRO A 139 24.31 -1.13 6.50
C PRO A 139 24.55 -0.49 7.86
N ILE A 140 25.79 -0.48 8.36
CA ILE A 140 26.07 0.13 9.67
C ILE A 140 26.10 1.66 9.51
N ILE A 141 26.75 2.15 8.44
CA ILE A 141 26.80 3.58 8.14
C ILE A 141 25.39 4.18 8.02
N LEU A 142 24.57 3.56 7.16
CA LEU A 142 23.26 4.09 6.85
C LEU A 142 22.23 3.84 7.92
N GLY A 143 22.35 2.73 8.65
CA GLY A 143 21.45 2.46 9.77
C GLY A 143 21.72 3.49 10.87
N VAL A 144 23.00 3.79 11.11
CA VAL A 144 23.38 4.81 12.10
C VAL A 144 23.01 6.22 11.61
N ARG A 145 23.21 6.52 10.31
CA ARG A 145 22.87 7.84 9.74
C ARG A 145 21.36 8.14 9.92
N ALA A 146 20.54 7.12 9.75
CA ALA A 146 19.08 7.25 9.90
C ALA A 146 18.65 7.73 11.30
N ILE A 147 19.48 7.51 12.35
CA ILE A 147 19.07 7.84 13.73
C ILE A 147 20.00 8.72 14.56
N ALA A 148 21.33 8.81 14.26
CA ALA A 148 22.30 9.47 15.13
C ALA A 148 22.06 10.96 15.34
N VAL A 149 22.00 11.77 14.26
CA VAL A 149 21.70 13.22 14.41
C VAL A 149 20.23 13.38 14.88
N PRO A 150 19.25 12.60 14.38
CA PRO A 150 17.89 12.69 14.98
C PRO A 150 17.93 12.55 16.52
N LEU A 151 18.72 11.60 17.07
CA LEU A 151 18.84 11.44 18.54
C LEU A 151 19.55 12.65 19.20
N ALA A 152 20.65 13.18 18.59
CA ALA A 152 21.34 14.36 19.14
C ALA A 152 20.41 15.57 19.19
N CYS A 153 19.45 15.65 18.26
CA CYS A 153 18.46 16.74 18.20
C CYS A 153 17.35 16.57 19.25
N GLY A 154 17.44 15.54 20.09
CA GLY A 154 16.47 15.31 21.16
C GLY A 154 15.19 14.63 20.75
N ASN A 155 15.18 13.93 19.62
CA ASN A 155 14.01 13.15 19.19
C ASN A 155 14.13 11.70 19.65
N ALA A 156 12.97 10.99 19.75
CA ALA A 156 12.95 9.53 19.91
C ALA A 156 13.03 9.03 18.46
N VAL A 157 13.53 7.80 18.24
CA VAL A 157 13.69 7.29 16.86
C VAL A 157 13.15 5.89 16.66
N ILE A 158 12.79 5.59 15.40
CA ILE A 158 12.41 4.27 14.97
C ILE A 158 13.32 3.96 13.79
N LEU A 159 14.21 2.97 13.93
CA LEU A 159 15.02 2.51 12.82
C LEU A 159 14.15 1.46 12.09
N LYS A 160 13.83 1.72 10.84
CA LYS A 160 13.05 0.77 10.05
C LYS A 160 14.10 -0.07 9.30
N ALA A 161 14.42 -1.24 9.86
CA ALA A 161 15.49 -2.12 9.38
C ALA A 161 15.23 -2.72 8.00
N SER A 162 16.32 -3.01 7.28
CA SER A 162 16.24 -3.62 5.94
C SER A 162 15.97 -5.13 6.08
N GLU A 163 15.07 -5.67 5.26
CA GLU A 163 14.81 -7.12 5.22
C GLU A 163 16.04 -7.90 4.67
N ILE A 164 16.99 -7.22 4.00
CA ILE A 164 18.20 -7.84 3.45
C ILE A 164 19.25 -8.05 4.54
N CYS A 165 19.27 -7.21 5.61
CA CYS A 165 20.28 -7.36 6.67
C CYS A 165 19.64 -7.09 8.05
N PRO A 166 18.58 -7.85 8.42
CA PRO A 166 17.90 -7.56 9.69
C PRO A 166 18.75 -7.73 10.93
N ARG A 167 19.72 -8.66 10.92
CA ARG A 167 20.60 -8.85 12.07
C ARG A 167 21.61 -7.68 12.17
N THR A 168 22.22 -7.25 11.03
CA THR A 168 23.14 -6.10 11.07
C THR A 168 22.42 -4.87 11.65
N HIS A 169 21.20 -4.58 11.18
CA HIS A 169 20.44 -3.43 11.69
C HIS A 169 19.95 -3.65 13.13
N GLY A 170 19.58 -4.88 13.47
CA GLY A 170 19.17 -5.22 14.84
C GLY A 170 20.31 -5.02 15.83
N LEU A 171 21.55 -5.34 15.42
CA LEU A 171 22.74 -5.12 16.25
C LEU A 171 23.03 -3.61 16.53
N ILE A 172 22.59 -2.69 15.63
CA ILE A 172 22.77 -1.26 15.89
C ILE A 172 21.91 -0.91 17.08
N ILE A 173 20.64 -1.38 17.08
CA ILE A 173 19.70 -1.07 18.16
C ILE A 173 20.12 -1.77 19.48
N GLU A 174 20.71 -2.99 19.39
CA GLU A 174 21.21 -3.66 20.60
C GLU A 174 22.43 -2.92 21.18
N SER A 175 23.27 -2.32 20.33
CA SER A 175 24.42 -1.52 20.78
C SER A 175 23.92 -0.24 21.46
N PHE A 176 22.93 0.45 20.85
CA PHE A 176 22.36 1.66 21.43
C PHE A 176 21.66 1.34 22.78
N ALA A 177 21.06 0.14 22.89
CA ALA A 177 20.40 -0.31 24.13
C ALA A 177 21.35 -0.38 25.34
N GLU A 178 22.63 -0.62 25.10
CA GLU A 178 23.64 -0.69 26.15
C GLU A 178 24.08 0.70 26.65
N ALA A 179 23.78 1.80 25.90
CA ALA A 179 24.24 3.16 26.20
C ALA A 179 23.49 3.89 27.32
N GLY A 180 22.30 3.44 27.68
CA GLY A 180 21.54 4.10 28.74
C GLY A 180 20.61 5.21 28.28
N PHE A 181 19.98 5.03 27.10
CA PHE A 181 18.96 5.98 26.63
C PHE A 181 17.73 5.69 27.48
N PRO A 182 16.84 6.67 27.75
CA PRO A 182 15.58 6.33 28.43
C PRO A 182 14.75 5.30 27.66
N GLU A 183 13.81 4.64 28.34
CA GLU A 183 12.92 3.64 27.71
C GLU A 183 12.10 4.26 26.56
N GLY A 184 12.00 3.54 25.45
CA GLY A 184 11.25 3.98 24.28
C GLY A 184 11.94 5.00 23.39
N VAL A 185 13.17 5.40 23.69
CA VAL A 185 13.85 6.42 22.87
C VAL A 185 14.43 5.81 21.59
N VAL A 186 15.01 4.59 21.67
CA VAL A 186 15.59 3.93 20.49
C VAL A 186 14.77 2.68 20.24
N ASN A 187 14.26 2.53 19.01
CA ASN A 187 13.39 1.41 18.65
C ASN A 187 13.69 0.89 17.26
N VAL A 188 13.31 -0.36 17.00
CA VAL A 188 13.50 -1.00 15.70
C VAL A 188 12.16 -1.50 15.21
N VAL A 189 11.96 -1.48 13.88
CA VAL A 189 10.82 -2.11 13.22
C VAL A 189 11.43 -3.02 12.14
N THR A 190 11.00 -4.28 12.11
CA THR A 190 11.42 -5.27 11.12
C THR A 190 10.15 -5.78 10.42
N ASN A 191 10.23 -6.05 9.13
CA ASN A 191 9.07 -6.53 8.38
C ASN A 191 9.50 -7.36 7.18
N ALA A 192 8.61 -8.27 6.74
CA ALA A 192 8.85 -9.08 5.54
C ALA A 192 8.75 -8.11 4.33
N PRO A 193 9.47 -8.36 3.22
CA PRO A 193 9.42 -7.42 2.07
C PRO A 193 8.01 -7.08 1.58
N GLN A 194 7.14 -8.09 1.48
CA GLN A 194 5.75 -7.92 1.03
C GLN A 194 4.89 -7.03 1.94
N ASP A 195 5.28 -6.85 3.21
CA ASP A 195 4.55 -6.00 4.17
C ASP A 195 5.12 -4.58 4.26
N ALA A 196 6.19 -4.25 3.52
CA ALA A 196 6.82 -2.94 3.54
C ALA A 196 5.84 -1.79 3.38
N GLY A 197 4.96 -1.87 2.38
CA GLY A 197 3.94 -0.86 2.12
C GLY A 197 3.03 -0.58 3.28
N GLU A 198 2.46 -1.65 3.88
CA GLU A 198 1.54 -1.50 5.01
C GLU A 198 2.23 -1.10 6.33
N VAL A 199 3.42 -1.63 6.61
CA VAL A 199 4.15 -1.31 7.85
C VAL A 199 4.71 0.12 7.82
N VAL A 200 5.36 0.50 6.71
CA VAL A 200 5.91 1.84 6.56
C VAL A 200 4.75 2.88 6.49
N GLY A 201 3.66 2.52 5.80
CA GLY A 201 2.46 3.34 5.71
C GLY A 201 1.87 3.63 7.08
N ALA A 202 1.73 2.59 7.92
CA ALA A 202 1.21 2.75 9.28
C ALA A 202 2.09 3.69 10.15
N LEU A 203 3.42 3.60 10.00
CA LEU A 203 4.35 4.47 10.74
C LEU A 203 4.26 5.92 10.22
N ILE A 204 4.22 6.11 8.89
CA ILE A 204 4.08 7.46 8.33
C ILE A 204 2.76 8.12 8.79
N ASP A 205 1.65 7.32 8.87
CA ASP A 205 0.33 7.83 9.31
C ASP A 205 0.26 8.10 10.81
N HIS A 206 1.17 7.54 11.63
CA HIS A 206 1.11 7.69 13.08
C HIS A 206 1.31 9.16 13.53
N PRO A 207 0.38 9.74 14.31
CA PRO A 207 0.53 11.16 14.72
C PRO A 207 1.83 11.54 15.43
N ALA A 208 2.47 10.60 16.16
CA ALA A 208 3.73 10.92 16.86
C ALA A 208 4.93 11.04 15.92
N VAL A 209 4.87 10.42 14.72
CA VAL A 209 5.97 10.43 13.76
C VAL A 209 5.91 11.76 13.01
N LYS A 210 6.90 12.65 13.24
CA LYS A 210 6.93 14.00 12.68
C LYS A 210 7.92 14.24 11.58
N ARG A 211 8.93 13.36 11.42
CA ARG A 211 9.91 13.49 10.33
C ARG A 211 10.21 12.09 9.84
N ILE A 212 10.45 11.98 8.54
CA ILE A 212 10.76 10.71 7.91
C ILE A 212 12.02 10.90 7.10
N ASN A 213 13.00 10.04 7.29
CA ASN A 213 14.18 10.03 6.43
C ASN A 213 14.20 8.65 5.76
N PHE A 214 14.44 8.64 4.46
CA PHE A 214 14.44 7.43 3.66
C PHE A 214 15.62 7.44 2.72
N THR A 215 16.34 6.31 2.65
CA THR A 215 17.42 6.11 1.69
C THR A 215 17.05 4.83 0.93
N GLY A 216 16.97 4.92 -0.38
CA GLY A 216 16.59 3.77 -1.21
C GLY A 216 16.31 4.17 -2.65
N SER A 217 15.44 3.43 -3.34
CA SER A 217 15.19 3.71 -4.77
C SER A 217 14.25 4.90 -4.99
N THR A 218 14.32 5.50 -6.19
CA THR A 218 13.44 6.59 -6.57
C THR A 218 11.95 6.18 -6.50
N GLY A 219 11.64 4.98 -7.01
CA GLY A 219 10.28 4.46 -7.03
C GLY A 219 9.64 4.38 -5.66
N VAL A 220 10.36 3.82 -4.69
CA VAL A 220 9.86 3.72 -3.31
C VAL A 220 9.84 5.13 -2.65
N GLY A 221 10.79 6.00 -2.98
CA GLY A 221 10.82 7.36 -2.43
C GLY A 221 9.59 8.15 -2.81
N ARG A 222 9.17 8.02 -4.09
CA ARG A 222 7.97 8.71 -4.59
C ARG A 222 6.70 8.20 -3.83
N ILE A 223 6.63 6.90 -3.55
CA ILE A 223 5.50 6.30 -2.80
C ILE A 223 5.50 6.87 -1.35
N ILE A 224 6.67 6.91 -0.72
CA ILE A 224 6.83 7.48 0.63
C ILE A 224 6.43 8.98 0.65
N ALA A 225 6.91 9.78 -0.33
CA ALA A 225 6.58 11.20 -0.39
C ALA A 225 5.05 11.41 -0.54
N LYS A 226 4.36 10.61 -1.37
CA LYS A 226 2.90 10.78 -1.53
C LYS A 226 2.19 10.38 -0.26
N ARG A 227 2.62 9.27 0.38
CA ARG A 227 1.99 8.84 1.63
C ARG A 227 2.19 9.92 2.73
N ALA A 228 3.39 10.50 2.80
CA ALA A 228 3.70 11.56 3.77
C ALA A 228 2.86 12.85 3.51
N ALA A 229 2.64 13.20 2.23
CA ALA A 229 1.83 14.36 1.82
C ALA A 229 0.40 14.26 2.33
N GLU A 230 -0.15 13.04 2.45
CA GLU A 230 -1.50 12.85 2.99
C GLU A 230 -1.67 13.33 4.44
N HIS A 231 -0.59 13.29 5.24
CA HIS A 231 -0.62 13.80 6.62
C HIS A 231 0.35 15.00 6.78
N LEU A 232 0.67 15.69 5.65
CA LEU A 232 1.56 16.86 5.63
C LEU A 232 2.85 16.61 6.45
N LYS A 233 3.53 15.47 6.24
CA LYS A 233 4.74 15.14 6.99
C LYS A 233 5.96 15.51 6.10
N PRO A 234 6.93 16.32 6.56
CA PRO A 234 8.15 16.56 5.74
C PRO A 234 9.02 15.29 5.61
N CYS A 235 9.69 15.10 4.44
CA CYS A 235 10.61 13.95 4.22
C CYS A 235 12.00 14.40 3.85
N LEU A 236 12.98 13.56 4.17
CA LEU A 236 14.38 13.69 3.72
C LEU A 236 14.52 12.44 2.84
N LEU A 237 14.65 12.61 1.49
CA LEU A 237 14.69 11.51 0.53
C LEU A 237 16.05 11.46 -0.19
N GLU A 238 16.83 10.40 0.05
CA GLU A 238 18.16 10.18 -0.56
C GLU A 238 17.92 9.03 -1.53
N LEU A 239 17.74 9.29 -2.83
CA LEU A 239 17.26 8.25 -3.73
C LEU A 239 18.28 7.73 -4.78
N GLY A 240 19.55 7.72 -4.41
CA GLY A 240 20.60 7.19 -5.29
C GLY A 240 20.75 7.88 -6.64
N GLY A 241 21.38 7.19 -7.59
CA GLY A 241 21.64 7.77 -8.89
C GLY A 241 22.65 7.06 -9.77
N LYS A 242 23.09 7.78 -10.79
CA LYS A 242 23.94 7.25 -11.86
C LYS A 242 25.13 8.19 -11.98
N ALA A 243 26.05 8.15 -10.91
CA ALA A 243 27.17 9.12 -10.79
C ALA A 243 28.09 9.22 -11.99
N PRO A 244 28.15 10.41 -12.66
CA PRO A 244 29.10 10.56 -13.75
C PRO A 244 30.45 11.08 -13.25
N LEU A 245 31.56 10.62 -13.85
CA LEU A 245 32.89 11.15 -13.59
C LEU A 245 33.36 11.72 -14.96
N VAL A 246 33.61 13.04 -15.05
CA VAL A 246 34.01 13.71 -16.29
C VAL A 246 35.54 13.86 -16.36
N VAL A 247 36.14 13.42 -17.47
CA VAL A 247 37.59 13.53 -17.67
C VAL A 247 37.82 14.53 -18.80
N LEU A 248 38.36 15.71 -18.47
CA LEU A 248 38.63 16.75 -19.46
C LEU A 248 40.04 16.63 -20.00
N ASP A 249 40.35 17.38 -21.09
CA ASP A 249 41.60 17.24 -21.85
C ASP A 249 42.87 17.44 -21.04
N ASP A 250 42.85 18.23 -19.96
CA ASP A 250 44.05 18.44 -19.16
C ASP A 250 43.99 17.67 -17.82
N ALA A 251 43.15 16.62 -17.73
CA ALA A 251 43.04 15.82 -16.51
C ALA A 251 44.34 15.04 -16.26
N ASP A 252 44.67 14.80 -14.97
CA ASP A 252 45.79 13.92 -14.60
C ASP A 252 45.16 12.54 -14.83
N LEU A 253 45.54 11.87 -15.92
CA LEU A 253 44.90 10.61 -16.32
C LEU A 253 45.16 9.45 -15.35
N ASP A 254 46.36 9.36 -14.75
CA ASP A 254 46.65 8.32 -13.75
C ASP A 254 45.74 8.50 -12.52
N GLU A 255 45.63 9.75 -12.01
CA GLU A 255 44.77 10.05 -10.87
C GLU A 255 43.29 9.78 -11.22
N ALA A 256 42.83 10.21 -12.42
CA ALA A 256 41.43 9.96 -12.84
C ALA A 256 41.13 8.45 -12.88
N ALA A 257 42.07 7.65 -13.42
CA ALA A 257 41.90 6.20 -13.53
C ALA A 257 41.82 5.55 -12.13
N LYS A 258 42.68 5.99 -11.19
CA LYS A 258 42.66 5.48 -9.81
C LYS A 258 41.37 5.85 -9.09
N ALA A 259 40.94 7.12 -9.22
CA ALA A 259 39.69 7.57 -8.59
C ALA A 259 38.47 6.88 -9.20
N ALA A 260 38.45 6.73 -10.54
CA ALA A 260 37.34 6.08 -11.24
C ALA A 260 37.25 4.60 -10.84
N ALA A 261 38.41 3.90 -10.67
CA ALA A 261 38.42 2.47 -10.32
C ALA A 261 37.92 2.29 -8.90
N PHE A 262 38.40 3.13 -7.98
CA PHE A 262 37.95 3.08 -6.60
C PHE A 262 36.43 3.36 -6.55
N GLY A 263 35.96 4.41 -7.22
CA GLY A 263 34.55 4.77 -7.21
C GLY A 263 33.63 3.79 -7.91
N ALA A 264 34.09 3.17 -9.00
CA ALA A 264 33.25 2.21 -9.72
C ALA A 264 33.09 0.88 -8.98
N PHE A 265 34.14 0.38 -8.32
CA PHE A 265 34.14 -0.98 -7.82
C PHE A 265 34.17 -1.16 -6.31
N MET A 266 34.28 -0.09 -5.52
CA MET A 266 34.21 -0.21 -4.05
C MET A 266 32.86 -0.84 -3.69
N ASN A 267 32.88 -1.86 -2.81
CA ASN A 267 31.69 -2.61 -2.42
C ASN A 267 30.97 -3.20 -3.66
N GLN A 268 31.75 -3.62 -4.67
CA GLN A 268 31.22 -4.18 -5.92
C GLN A 268 30.21 -3.22 -6.63
N GLY A 269 30.46 -1.90 -6.54
CA GLY A 269 29.58 -0.90 -7.14
C GLY A 269 28.18 -0.82 -6.54
N GLN A 270 27.98 -1.29 -5.32
CA GLN A 270 26.68 -1.26 -4.65
C GLN A 270 26.69 -0.05 -3.65
N ILE A 271 26.83 1.17 -4.18
CA ILE A 271 26.83 2.43 -3.38
C ILE A 271 25.98 3.41 -4.19
N CYS A 272 25.18 4.26 -3.53
CA CYS A 272 24.35 5.30 -4.18
C CYS A 272 25.20 6.22 -5.07
N MET A 273 26.46 6.44 -4.72
CA MET A 273 27.39 7.36 -5.37
C MET A 273 28.52 6.62 -6.14
N SER A 274 28.33 5.30 -6.44
CA SER A 274 29.29 4.53 -7.25
C SER A 274 29.41 5.17 -8.62
N THR A 275 30.61 5.12 -9.23
CA THR A 275 30.83 5.69 -10.55
C THR A 275 30.20 4.78 -11.58
N GLU A 276 29.14 5.26 -12.25
CA GLU A 276 28.38 4.53 -13.27
C GLU A 276 28.72 4.92 -14.70
N ARG A 277 29.03 6.20 -14.93
CA ARG A 277 29.30 6.72 -16.27
C ARG A 277 30.61 7.48 -16.25
N ILE A 278 31.57 7.08 -17.05
CA ILE A 278 32.79 7.86 -17.17
C ILE A 278 32.68 8.59 -18.53
N ILE A 279 32.65 9.92 -18.49
CA ILE A 279 32.51 10.73 -19.70
C ILE A 279 33.87 11.30 -20.02
N VAL A 280 34.48 10.85 -21.15
CA VAL A 280 35.86 11.21 -21.54
C VAL A 280 35.89 12.05 -22.82
N VAL A 281 36.57 13.20 -22.81
CA VAL A 281 36.69 14.02 -24.03
C VAL A 281 37.60 13.28 -25.03
N GLU A 282 37.29 13.43 -26.33
CA GLU A 282 38.03 12.70 -27.37
C GLU A 282 39.57 12.91 -27.34
N ALA A 283 40.04 14.10 -26.96
CA ALA A 283 41.48 14.39 -26.92
C ALA A 283 42.31 13.41 -26.08
N ILE A 284 41.74 12.87 -24.98
CA ILE A 284 42.47 11.95 -24.09
C ILE A 284 41.75 10.59 -23.89
N ALA A 285 40.66 10.30 -24.65
CA ALA A 285 39.89 9.08 -24.47
C ALA A 285 40.69 7.80 -24.62
N ALA A 286 41.53 7.68 -25.66
CA ALA A 286 42.30 6.45 -25.87
C ALA A 286 43.28 6.20 -24.71
N GLU A 287 44.02 7.21 -24.28
CA GLU A 287 44.98 7.04 -23.20
C GLU A 287 44.29 6.77 -21.86
N PHE A 288 43.22 7.49 -21.54
CA PHE A 288 42.49 7.25 -20.28
C PHE A 288 41.98 5.81 -20.25
N THR A 289 41.33 5.38 -21.34
CA THR A 289 40.74 4.05 -21.44
C THR A 289 41.78 2.96 -21.24
N ARG A 290 42.97 3.10 -21.84
CA ARG A 290 44.05 2.12 -21.66
C ARG A 290 44.45 2.03 -20.19
N ARG A 291 44.68 3.19 -19.54
CA ARG A 291 45.10 3.24 -18.14
C ARG A 291 44.03 2.67 -17.23
N PHE A 292 42.76 3.06 -17.48
CA PHE A 292 41.63 2.62 -16.66
C PHE A 292 41.38 1.11 -16.84
N ALA A 293 41.46 0.58 -18.06
CA ALA A 293 41.29 -0.84 -18.29
C ALA A 293 42.36 -1.63 -17.56
N ALA A 294 43.63 -1.18 -17.64
CA ALA A 294 44.73 -1.85 -16.94
C ALA A 294 44.49 -1.85 -15.42
N LYS A 295 43.96 -0.75 -14.90
CA LYS A 295 43.67 -0.67 -13.48
C LYS A 295 42.50 -1.62 -13.10
N ALA A 296 41.40 -1.63 -13.88
CA ALA A 296 40.24 -2.50 -13.61
C ALA A 296 40.65 -3.99 -13.68
N GLN A 297 41.52 -4.33 -14.64
CA GLN A 297 42.00 -5.72 -14.79
C GLN A 297 42.85 -6.17 -13.60
N SER A 298 43.57 -5.24 -12.94
CA SER A 298 44.39 -5.56 -11.77
C SER A 298 43.57 -5.77 -10.47
N MET A 299 42.24 -5.51 -10.49
CA MET A 299 41.38 -5.63 -9.31
C MET A 299 40.62 -6.95 -9.38
N ALA A 300 41.10 -7.95 -8.62
CA ALA A 300 40.50 -9.29 -8.66
C ALA A 300 39.24 -9.41 -7.80
N THR A 301 38.41 -10.40 -8.14
CA THR A 301 37.22 -10.76 -7.36
C THR A 301 37.54 -12.10 -6.73
N GLY A 302 37.11 -12.28 -5.48
CA GLY A 302 37.33 -13.53 -4.76
C GLY A 302 36.31 -13.73 -3.68
N ASP A 303 36.28 -14.94 -3.11
CA ASP A 303 35.35 -15.31 -2.03
C ASP A 303 35.58 -14.33 -0.86
N PRO A 304 34.55 -13.58 -0.42
CA PRO A 304 34.76 -12.62 0.68
C PRO A 304 35.25 -13.26 1.98
N ARG A 305 34.97 -14.57 2.20
CA ARG A 305 35.42 -15.29 3.39
C ARG A 305 36.95 -15.49 3.40
N GLU A 306 37.60 -15.47 2.23
CA GLU A 306 39.06 -15.62 2.13
C GLU A 306 39.81 -14.31 2.42
N GLY A 307 39.17 -13.17 2.19
CA GLY A 307 39.73 -11.85 2.46
C GLY A 307 41.02 -11.51 1.73
N LYS A 308 41.22 -12.03 0.50
CA LYS A 308 42.45 -11.79 -0.28
C LYS A 308 42.29 -10.89 -1.50
N THR A 309 41.06 -10.41 -1.82
CA THR A 309 40.81 -9.64 -3.04
C THR A 309 40.10 -8.31 -2.78
N PRO A 310 40.30 -7.28 -3.65
CA PRO A 310 39.59 -5.99 -3.44
C PRO A 310 38.07 -6.10 -3.64
N LEU A 311 37.59 -7.03 -4.52
CA LEU A 311 36.15 -7.23 -4.73
C LEU A 311 35.71 -8.56 -4.10
N GLY A 312 34.54 -8.51 -3.50
CA GLY A 312 33.84 -9.64 -2.92
C GLY A 312 32.62 -9.95 -3.77
N ALA A 313 31.55 -10.39 -3.10
CA ALA A 313 30.34 -10.81 -3.76
C ALA A 313 29.32 -9.68 -3.90
N VAL A 314 28.43 -9.79 -4.89
CA VAL A 314 27.27 -8.91 -5.01
C VAL A 314 26.19 -9.54 -4.08
N VAL A 315 25.20 -8.73 -3.71
CA VAL A 315 24.19 -9.09 -2.70
C VAL A 315 23.37 -10.36 -3.06
N ASP A 316 23.10 -10.64 -4.35
CA ASP A 316 22.37 -11.84 -4.77
C ASP A 316 22.33 -12.04 -6.31
N ARG A 317 21.78 -13.18 -6.77
CA ARG A 317 21.65 -13.57 -8.18
C ARG A 317 20.95 -12.52 -9.07
N LYS A 318 20.00 -11.75 -8.52
CA LYS A 318 19.32 -10.68 -9.29
C LYS A 318 20.32 -9.70 -9.94
N THR A 319 21.35 -9.31 -9.18
CA THR A 319 22.40 -8.41 -9.67
C THR A 319 23.20 -9.07 -10.76
N VAL A 320 23.54 -10.36 -10.59
CA VAL A 320 24.31 -11.11 -11.59
C VAL A 320 23.58 -11.11 -12.94
N ASP A 321 22.27 -11.43 -12.91
CA ASP A 321 21.45 -11.50 -14.11
C ASP A 321 21.32 -10.13 -14.78
N HIS A 322 21.14 -9.08 -13.96
CA HIS A 322 21.02 -7.71 -14.44
C HIS A 322 22.34 -7.20 -15.08
N VAL A 323 23.49 -7.42 -14.45
CA VAL A 323 24.77 -6.97 -15.03
C VAL A 323 25.04 -7.74 -16.33
N ASN A 324 24.81 -9.08 -16.34
CA ASN A 324 25.00 -9.88 -17.55
C ASN A 324 24.15 -9.34 -18.69
N THR A 325 22.90 -8.92 -18.38
CA THR A 325 22.01 -8.36 -19.39
C THR A 325 22.62 -7.05 -19.94
N LEU A 326 23.17 -6.18 -19.08
CA LEU A 326 23.78 -4.92 -19.53
C LEU A 326 24.97 -5.17 -20.43
N ILE A 327 25.78 -6.22 -20.15
CA ILE A 327 26.93 -6.56 -21.02
C ILE A 327 26.44 -7.05 -22.40
N ASP A 328 25.53 -8.03 -22.42
CA ASP A 328 24.97 -8.62 -23.66
C ASP A 328 24.40 -7.53 -24.57
N ASP A 329 23.60 -6.65 -23.96
CA ASP A 329 22.99 -5.55 -24.67
C ASP A 329 24.04 -4.60 -25.27
N ALA A 330 24.97 -4.12 -24.44
CA ALA A 330 25.97 -3.15 -24.90
C ALA A 330 26.86 -3.72 -26.00
N THR A 331 27.39 -4.91 -25.79
CA THR A 331 28.27 -5.52 -26.82
C THR A 331 27.51 -5.85 -28.10
N ALA A 332 26.19 -6.18 -28.01
CA ALA A 332 25.39 -6.43 -29.23
C ALA A 332 25.16 -5.13 -30.03
N LYS A 333 25.32 -3.95 -29.40
CA LYS A 333 25.13 -2.66 -30.08
C LYS A 333 26.45 -1.94 -30.42
N GLY A 334 27.55 -2.66 -30.48
CA GLY A 334 28.83 -2.06 -30.88
C GLY A 334 29.71 -1.57 -29.76
N ALA A 335 29.38 -1.88 -28.49
CA ALA A 335 30.27 -1.46 -27.38
C ALA A 335 31.46 -2.44 -27.31
N ARG A 336 32.52 -2.03 -26.60
CA ARG A 336 33.72 -2.86 -26.44
C ARG A 336 33.84 -3.28 -24.97
N ILE A 337 34.17 -4.56 -24.72
CA ILE A 337 34.37 -5.04 -23.34
C ILE A 337 35.90 -5.01 -23.09
N ILE A 338 36.38 -4.05 -22.27
CA ILE A 338 37.83 -3.89 -22.10
C ILE A 338 38.36 -4.41 -20.74
N ALA A 339 37.45 -4.87 -19.86
CA ALA A 339 37.87 -5.47 -18.59
C ALA A 339 36.70 -6.28 -18.07
N GLY A 340 36.99 -7.40 -17.40
CA GLY A 340 35.98 -8.24 -16.80
C GLY A 340 35.09 -8.89 -17.82
N GLY A 341 33.81 -9.01 -17.49
CA GLY A 341 32.85 -9.69 -18.35
C GLY A 341 31.75 -10.35 -17.55
N LYS A 342 30.99 -11.21 -18.22
CA LYS A 342 29.85 -11.89 -17.62
C LYS A 342 30.26 -12.89 -16.57
N GLY A 343 29.41 -13.09 -15.59
CA GLY A 343 29.65 -14.07 -14.53
C GLY A 343 28.51 -15.03 -14.37
N ASP A 344 28.79 -16.20 -13.82
CA ASP A 344 27.72 -17.17 -13.50
C ASP A 344 27.52 -17.28 -11.97
N SER A 345 28.14 -16.38 -11.18
CA SER A 345 27.96 -16.42 -9.73
C SER A 345 28.00 -15.00 -9.14
N VAL A 346 27.70 -14.89 -7.85
CA VAL A 346 27.74 -13.61 -7.11
C VAL A 346 29.16 -13.03 -7.05
N LEU A 347 30.21 -13.82 -7.35
CA LEU A 347 31.58 -13.34 -7.43
C LEU A 347 31.76 -12.78 -8.85
N MET A 348 31.37 -11.52 -9.04
CA MET A 348 31.42 -10.85 -10.35
C MET A 348 32.71 -10.08 -10.56
N SER A 349 33.21 -10.08 -11.79
CA SER A 349 34.43 -9.35 -12.15
C SER A 349 34.18 -7.85 -12.23
N ALA A 350 35.23 -7.04 -12.00
CA ALA A 350 35.17 -5.59 -12.18
C ALA A 350 35.07 -5.39 -13.71
N THR A 351 33.90 -4.93 -14.23
CA THR A 351 33.68 -4.89 -15.67
C THR A 351 33.63 -3.47 -16.22
N VAL A 352 34.31 -3.25 -17.35
CA VAL A 352 34.37 -1.92 -18.00
C VAL A 352 33.91 -2.09 -19.44
N VAL A 353 32.92 -1.31 -19.87
CA VAL A 353 32.39 -1.33 -21.24
C VAL A 353 32.72 0.04 -21.86
N ASP A 354 33.34 0.05 -23.05
CA ASP A 354 33.71 1.30 -23.72
C ASP A 354 32.85 1.52 -24.94
N GLY A 355 32.67 2.79 -25.32
CA GLY A 355 31.86 3.16 -26.48
C GLY A 355 30.38 3.07 -26.17
N VAL A 356 29.99 3.40 -24.93
CA VAL A 356 28.59 3.36 -24.52
C VAL A 356 27.82 4.53 -25.16
N THR A 357 26.61 4.25 -25.68
CA THR A 357 25.76 5.24 -26.35
C THR A 357 24.37 5.23 -25.75
N ALA A 358 23.57 6.24 -26.11
CA ALA A 358 22.20 6.40 -25.61
C ALA A 358 21.26 5.22 -26.09
N ALA A 359 21.66 4.43 -27.11
CA ALA A 359 20.89 3.25 -27.55
C ALA A 359 21.01 2.05 -26.60
N MET A 360 21.98 2.05 -25.68
CA MET A 360 22.25 0.94 -24.80
C MET A 360 21.61 1.13 -23.45
N LYS A 361 21.22 0.00 -22.81
CA LYS A 361 20.64 0.04 -21.45
C LYS A 361 21.64 0.61 -20.42
N LEU A 362 22.95 0.36 -20.61
CA LEU A 362 23.98 0.85 -19.68
C LEU A 362 24.10 2.40 -19.58
N TYR A 363 23.58 3.15 -20.54
CA TYR A 363 23.63 4.61 -20.52
C TYR A 363 22.77 5.30 -19.43
N ARG A 364 21.54 4.78 -19.10
CA ARG A 364 20.61 5.40 -18.11
C ARG A 364 20.34 4.61 -16.83
N ASP A 365 20.40 3.27 -16.95
CA ASP A 365 20.17 2.27 -15.91
C ASP A 365 20.92 2.46 -14.61
N GLU A 366 20.32 2.35 -13.41
CA GLU A 366 21.17 2.19 -12.22
C GLU A 366 21.51 0.65 -12.14
N SER A 367 22.79 0.29 -12.24
CA SER A 367 23.21 -1.13 -12.22
C SER A 367 23.40 -1.70 -10.80
N PHE A 368 23.83 -0.86 -9.87
CA PHE A 368 24.15 -1.31 -8.50
C PHE A 368 24.99 -2.64 -8.48
N GLY A 369 25.99 -2.71 -9.35
CA GLY A 369 26.85 -3.88 -9.54
C GLY A 369 28.20 -3.46 -10.06
N PRO A 370 29.21 -4.34 -10.16
CA PRO A 370 30.57 -3.87 -10.51
C PRO A 370 30.78 -3.69 -12.03
N ILE A 371 30.06 -2.73 -12.63
CA ILE A 371 30.16 -2.42 -14.05
C ILE A 371 30.10 -0.91 -14.26
N VAL A 372 30.93 -0.40 -15.16
CA VAL A 372 30.95 1.04 -15.45
C VAL A 372 31.03 1.19 -16.98
N GLY A 373 30.34 2.20 -17.51
CA GLY A 373 30.31 2.46 -18.94
C GLY A 373 31.12 3.70 -19.28
N ILE A 374 31.91 3.67 -20.38
CA ILE A 374 32.70 4.84 -20.78
C ILE A 374 31.98 5.46 -22.01
N ILE A 375 31.61 6.73 -21.88
CA ILE A 375 30.88 7.50 -22.89
C ILE A 375 31.86 8.53 -23.47
N ARG A 376 31.96 8.64 -24.80
CA ARG A 376 32.90 9.56 -25.47
C ARG A 376 32.25 10.93 -25.69
N ALA A 377 32.88 12.01 -25.23
CA ALA A 377 32.40 13.39 -25.42
C ALA A 377 33.28 14.08 -26.45
N LYS A 378 32.71 14.99 -27.25
CA LYS A 378 33.53 15.72 -28.25
C LYS A 378 34.52 16.69 -27.56
N ASP A 379 34.02 17.47 -26.60
CA ASP A 379 34.75 18.53 -25.91
C ASP A 379 34.12 18.80 -24.51
N GLU A 380 34.56 19.82 -23.79
CA GLU A 380 34.01 20.14 -22.45
C GLU A 380 32.49 20.39 -22.46
N ALA A 381 32.00 21.20 -23.42
CA ALA A 381 30.56 21.53 -23.50
C ALA A 381 29.72 20.27 -23.71
N ASP A 382 30.19 19.34 -24.58
CA ASP A 382 29.48 18.08 -24.83
C ASP A 382 29.52 17.19 -23.57
N ALA A 383 30.69 17.19 -22.84
CA ALA A 383 30.80 16.38 -21.62
C ALA A 383 29.81 16.83 -20.54
N VAL A 384 29.62 18.16 -20.38
CA VAL A 384 28.65 18.72 -19.43
C VAL A 384 27.22 18.27 -19.82
N ARG A 385 26.87 18.38 -21.12
CA ARG A 385 25.55 17.96 -21.60
C ARG A 385 25.33 16.48 -21.32
N LEU A 386 26.34 15.64 -21.58
CA LEU A 386 26.24 14.19 -21.32
C LEU A 386 26.13 13.91 -19.82
N ALA A 387 26.91 14.62 -18.98
CA ALA A 387 26.80 14.45 -17.52
C ALA A 387 25.38 14.76 -17.02
N ASN A 388 24.76 15.79 -17.61
CA ASN A 388 23.42 16.22 -17.24
C ASN A 388 22.29 15.41 -17.95
N ASP A 389 22.61 14.48 -18.87
CA ASP A 389 21.59 13.71 -19.59
C ASP A 389 21.16 12.50 -18.74
N SER A 390 20.49 12.81 -17.62
CA SER A 390 20.04 11.84 -16.63
C SER A 390 18.95 12.49 -15.78
N GLU A 391 18.00 11.70 -15.29
CA GLU A 391 16.98 12.24 -14.38
C GLU A 391 17.58 12.36 -12.96
N TYR A 392 18.66 11.62 -12.69
CA TYR A 392 19.35 11.59 -11.39
C TYR A 392 20.31 12.76 -11.21
N GLY A 393 20.70 12.99 -9.97
CA GLY A 393 21.64 14.06 -9.63
C GLY A 393 22.11 13.97 -8.20
N LEU A 394 22.80 12.89 -7.85
CA LEU A 394 23.31 12.76 -6.48
C LEU A 394 24.76 13.24 -6.46
N ALA A 395 25.74 12.36 -6.79
CA ALA A 395 27.16 12.73 -6.80
C ALA A 395 27.67 12.80 -8.23
N ALA A 396 28.74 13.55 -8.42
CA ALA A 396 29.42 13.70 -9.70
C ALA A 396 30.87 14.09 -9.41
N ALA A 397 31.74 13.91 -10.40
CA ALA A 397 33.15 14.32 -10.28
C ALA A 397 33.65 14.84 -11.60
N VAL A 398 34.64 15.74 -11.55
CA VAL A 398 35.26 16.34 -12.73
C VAL A 398 36.76 16.31 -12.52
N PHE A 399 37.50 15.81 -13.50
CA PHE A 399 38.96 15.77 -13.46
C PHE A 399 39.55 16.75 -14.45
N THR A 400 40.42 17.62 -13.96
CA THR A 400 41.09 18.65 -14.76
C THR A 400 42.21 19.27 -13.91
N ARG A 401 43.39 19.49 -14.51
CA ARG A 401 44.48 20.16 -13.79
C ARG A 401 44.17 21.65 -13.58
N ASP A 402 43.21 22.21 -14.33
CA ASP A 402 42.77 23.59 -14.19
C ASP A 402 41.55 23.54 -13.27
N THR A 403 41.81 23.69 -11.98
CA THR A 403 40.76 23.62 -10.96
C THR A 403 39.72 24.76 -11.11
N ALA A 404 40.11 25.94 -11.64
CA ALA A 404 39.15 27.04 -11.89
C ALA A 404 38.13 26.56 -12.97
N ARG A 405 38.61 25.85 -14.01
CA ARG A 405 37.75 25.23 -15.04
C ARG A 405 36.87 24.12 -14.37
N GLY A 406 37.45 23.36 -13.45
CA GLY A 406 36.68 22.37 -12.68
C GLY A 406 35.51 23.03 -11.97
N LEU A 407 35.73 24.22 -11.38
CA LEU A 407 34.64 24.95 -10.71
C LEU A 407 33.57 25.42 -11.69
N ARG A 408 33.98 25.95 -12.85
CA ARG A 408 33.02 26.37 -13.89
C ARG A 408 32.16 25.17 -14.34
N VAL A 409 32.79 23.99 -14.52
CA VAL A 409 32.07 22.78 -14.92
C VAL A 409 31.18 22.29 -13.78
N ALA A 410 31.70 22.24 -12.51
CA ALA A 410 30.90 21.79 -11.39
C ALA A 410 29.62 22.65 -11.23
N ARG A 411 29.72 23.97 -11.47
CA ARG A 411 28.58 24.90 -11.37
C ARG A 411 27.48 24.54 -12.39
N GLN A 412 27.85 24.01 -13.57
CA GLN A 412 26.90 23.62 -14.62
C GLN A 412 26.33 22.21 -14.43
N ILE A 413 27.03 21.31 -13.70
CA ILE A 413 26.54 19.96 -13.47
C ILE A 413 25.38 20.02 -12.47
N ARG A 414 24.28 19.33 -12.80
CA ARG A 414 23.10 19.31 -11.92
C ARG A 414 23.21 18.13 -10.98
N SER A 415 23.64 18.39 -9.75
CA SER A 415 23.82 17.35 -8.74
C SER A 415 23.86 18.02 -7.35
N GLY A 416 23.64 17.23 -6.31
CA GLY A 416 23.75 17.74 -4.95
C GLY A 416 25.20 17.77 -4.49
N ILE A 417 26.06 16.97 -5.15
CA ILE A 417 27.47 16.81 -4.80
C ILE A 417 28.34 16.83 -6.04
N CYS A 418 29.47 17.56 -6.00
CA CYS A 418 30.43 17.50 -7.10
C CYS A 418 31.86 17.61 -6.56
N HIS A 419 32.70 16.63 -6.90
CA HIS A 419 34.08 16.56 -6.45
C HIS A 419 35.03 16.88 -7.58
N ILE A 420 35.85 17.93 -7.42
CA ILE A 420 36.82 18.31 -8.45
C ILE A 420 38.12 17.58 -8.10
N ASN A 421 38.56 16.70 -9.01
CA ASN A 421 39.75 15.86 -8.88
C ASN A 421 39.67 14.86 -7.71
N GLY A 422 38.46 14.48 -7.31
CA GLY A 422 38.23 13.47 -6.28
C GLY A 422 37.27 12.40 -6.81
N PRO A 423 37.23 11.21 -6.20
CA PRO A 423 36.26 10.18 -6.67
C PRO A 423 34.81 10.57 -6.37
N THR A 424 33.86 9.91 -7.02
CA THR A 424 32.43 10.16 -6.76
C THR A 424 32.03 9.60 -5.38
N VAL A 425 32.76 8.57 -4.89
CA VAL A 425 32.50 7.93 -3.61
C VAL A 425 33.26 8.68 -2.51
N HIS A 426 32.53 9.40 -1.68
CA HIS A 426 33.13 10.22 -0.62
C HIS A 426 32.00 10.69 0.26
N ASP A 427 32.16 10.54 1.58
CA ASP A 427 31.19 11.09 2.52
C ASP A 427 31.91 11.33 3.83
N GLU A 428 31.52 12.38 4.51
CA GLU A 428 32.05 12.75 5.84
C GLU A 428 30.85 13.27 6.60
N ALA A 429 30.74 12.91 7.89
CA ALA A 429 29.60 13.26 8.74
C ALA A 429 29.31 14.77 8.83
N GLN A 430 30.34 15.62 8.75
CA GLN A 430 30.17 17.08 8.86
C GLN A 430 29.74 17.73 7.53
N MET A 431 29.66 16.99 6.42
CA MET A 431 29.32 17.57 5.10
C MET A 431 27.85 17.35 4.75
N PRO A 432 27.20 18.32 4.09
CA PRO A 432 25.79 18.10 3.70
C PRO A 432 25.74 17.11 2.50
N PHE A 433 24.88 16.11 2.58
CA PHE A 433 24.84 15.04 1.59
C PHE A 433 23.41 14.79 1.12
N GLY A 434 23.15 14.95 -0.17
CA GLY A 434 21.83 14.67 -0.73
C GLY A 434 21.80 15.00 -2.21
N GLY A 435 20.67 14.72 -2.84
CA GLY A 435 20.50 14.93 -4.28
C GLY A 435 19.52 15.98 -4.74
N VAL A 436 19.35 16.00 -6.08
CA VAL A 436 18.39 16.85 -6.80
C VAL A 436 17.68 15.93 -7.80
N GLY A 437 16.60 16.40 -8.41
CA GLY A 437 15.85 15.61 -9.40
C GLY A 437 15.33 14.30 -8.84
N ALA A 438 15.50 13.21 -9.60
CA ALA A 438 15.08 11.87 -9.21
C ALA A 438 15.90 11.31 -8.04
N SER A 439 17.05 11.95 -7.67
CA SER A 439 17.84 11.55 -6.52
C SER A 439 17.23 12.07 -5.18
N GLY A 440 16.14 12.83 -5.22
CA GLY A 440 15.43 13.27 -4.02
C GLY A 440 15.73 14.69 -3.58
N TYR A 441 15.54 14.96 -2.29
CA TYR A 441 15.72 16.26 -1.68
C TYR A 441 15.97 16.09 -0.17
N GLY A 442 16.45 17.16 0.45
CA GLY A 442 16.87 17.13 1.84
C GLY A 442 18.32 16.71 1.90
N ARG A 443 18.97 16.97 3.04
CA ARG A 443 20.38 16.66 3.23
C ARG A 443 20.64 16.07 4.60
N PHE A 444 21.47 15.03 4.66
CA PHE A 444 22.00 14.52 5.92
C PHE A 444 23.33 15.27 6.11
N GLY A 445 23.82 15.34 7.34
CA GLY A 445 25.15 15.86 7.64
C GLY A 445 25.25 17.36 7.87
N GLY A 446 26.20 17.72 8.73
CA GLY A 446 26.45 19.12 9.09
C GLY A 446 25.23 19.85 9.63
N LYS A 447 25.18 21.16 9.38
CA LYS A 447 24.07 22.00 9.85
C LYS A 447 22.78 21.66 9.12
N ALA A 448 22.87 21.23 7.82
CA ALA A 448 21.68 20.87 7.07
C ALA A 448 20.94 19.69 7.73
N GLY A 449 21.68 18.69 8.20
CA GLY A 449 21.14 17.55 8.92
C GLY A 449 20.39 17.95 10.17
N ILE A 450 20.98 18.87 10.95
CA ILE A 450 20.33 19.40 12.16
C ILE A 450 18.97 20.03 11.80
N ASP A 451 18.94 20.86 10.75
CA ASP A 451 17.68 21.50 10.32
C ASP A 451 16.59 20.49 9.94
N GLN A 452 16.97 19.32 9.37
CA GLN A 452 16.00 18.29 9.00
C GLN A 452 15.30 17.66 10.21
N PHE A 453 15.99 17.60 11.37
CA PHE A 453 15.46 16.93 12.59
C PHE A 453 15.16 17.86 13.76
N THR A 454 14.92 19.13 13.50
CA THR A 454 14.49 20.07 14.52
C THR A 454 13.31 20.86 13.93
N GLU A 455 12.56 21.52 14.81
CA GLU A 455 11.44 22.37 14.46
C GLU A 455 11.90 23.79 14.70
N LEU A 456 11.86 24.63 13.66
CA LEU A 456 12.29 26.03 13.79
C LEU A 456 11.08 26.83 14.27
N ARG A 457 11.17 27.46 15.45
CA ARG A 457 10.03 28.19 16.01
C ARG A 457 10.38 29.64 16.22
N TRP A 458 9.43 30.53 15.88
CA TRP A 458 9.60 31.97 16.10
C TRP A 458 8.94 32.25 17.44
N ILE A 459 9.76 32.56 18.46
CA ILE A 459 9.29 32.83 19.81
C ILE A 459 9.61 34.25 20.15
N THR A 460 8.62 35.03 20.61
CA THR A 460 8.91 36.42 20.98
C THR A 460 8.44 36.71 22.40
N MET A 461 9.02 37.75 22.98
N MET A 461 9.01 37.76 22.98
CA MET A 461 8.68 38.24 24.31
CA MET A 461 8.66 38.23 24.30
C MET A 461 8.61 39.76 24.25
C MET A 461 8.62 39.75 24.27
N GLU A 462 7.49 40.34 24.70
CA GLU A 462 7.35 41.79 24.75
C GLU A 462 7.92 42.29 26.07
N THR A 463 8.58 43.45 26.05
CA THR A 463 9.05 44.12 27.26
C THR A 463 8.40 45.50 27.40
N GLN A 464 7.49 45.88 26.48
CA GLN A 464 6.79 47.17 26.53
C GLN A 464 5.31 46.95 26.18
N PRO A 465 4.40 47.87 26.56
CA PRO A 465 3.00 47.73 26.13
C PRO A 465 2.85 47.88 24.62
N GLY A 466 1.91 47.16 24.04
CA GLY A 466 1.67 47.22 22.60
C GLY A 466 0.92 48.49 22.19
N HIS A 467 1.05 48.87 20.93
CA HIS A 467 0.34 50.02 20.38
C HIS A 467 -0.47 49.49 19.21
N PHE A 468 -1.78 49.34 19.41
CA PHE A 468 -2.66 48.70 18.43
C PHE A 468 -3.40 49.70 17.52
N PRO A 469 -3.49 49.43 16.20
CA PRO A 469 -4.21 50.34 15.30
C PRO A 469 -5.73 50.34 15.51
N ILE A 470 -6.30 49.23 16.04
CA ILE A 470 -7.74 49.11 16.38
C ILE A 470 -7.86 48.47 17.78
N THR B 5 -12.10 18.90 -4.95
CA THR B 5 -12.43 18.30 -6.25
C THR B 5 -11.12 18.04 -7.03
N VAL B 6 -10.67 16.76 -7.05
CA VAL B 6 -9.42 16.34 -7.69
C VAL B 6 -9.71 15.28 -8.74
N ASN B 7 -9.21 15.51 -9.97
CA ASN B 7 -9.37 14.61 -11.10
C ASN B 7 -8.02 14.13 -11.60
N PHE B 8 -8.02 13.02 -12.32
CA PHE B 8 -6.86 12.52 -13.03
C PHE B 8 -7.32 12.48 -14.49
N GLU B 9 -6.39 12.36 -15.42
CA GLU B 9 -6.74 12.28 -16.83
C GLU B 9 -6.11 11.09 -17.48
N ARG B 10 -6.68 10.71 -18.62
CA ARG B 10 -6.14 9.68 -19.47
C ARG B 10 -5.77 10.39 -20.78
N ILE B 11 -4.52 10.27 -21.21
CA ILE B 11 -4.09 10.88 -22.47
C ILE B 11 -4.35 9.89 -23.62
N ASN B 12 -4.87 10.41 -24.75
CA ASN B 12 -5.15 9.66 -25.95
C ASN B 12 -3.80 9.22 -26.58
N PRO B 13 -3.55 7.88 -26.74
CA PRO B 13 -2.24 7.46 -27.30
C PRO B 13 -1.98 7.82 -28.77
N MET B 14 -3.03 8.13 -29.55
CA MET B 14 -2.85 8.49 -30.97
C MET B 14 -2.60 9.99 -31.17
N THR B 15 -3.19 10.86 -30.32
CA THR B 15 -3.06 12.31 -30.45
C THR B 15 -2.20 12.98 -29.36
N ASN B 16 -1.95 12.29 -28.22
CA ASN B 16 -1.23 12.84 -27.06
C ASN B 16 -1.99 14.02 -26.38
N GLN B 17 -3.30 14.13 -26.61
CA GLN B 17 -4.19 15.13 -26.00
C GLN B 17 -5.07 14.35 -25.02
N THR B 18 -5.74 15.06 -24.10
CA THR B 18 -6.62 14.44 -23.12
C THR B 18 -7.77 13.67 -23.79
N ALA B 19 -7.91 12.37 -23.47
CA ALA B 19 -9.01 11.53 -23.96
C ALA B 19 -10.19 11.70 -23.01
N SER B 20 -9.91 11.71 -21.70
CA SER B 20 -10.97 11.79 -20.69
C SER B 20 -10.39 12.15 -19.33
N THR B 21 -11.27 12.48 -18.39
CA THR B 21 -10.91 12.79 -17.00
C THR B 21 -11.90 12.09 -16.08
N ALA B 22 -11.50 11.83 -14.85
CA ALA B 22 -12.37 11.18 -13.87
C ALA B 22 -11.92 11.57 -12.47
N LYS B 23 -12.84 11.44 -11.50
CA LYS B 23 -12.55 11.78 -10.11
C LYS B 23 -11.45 10.88 -9.52
N ALA B 24 -10.44 11.49 -8.89
CA ALA B 24 -9.37 10.76 -8.21
C ALA B 24 -9.89 10.56 -6.79
N MET B 25 -10.67 9.49 -6.57
CA MET B 25 -11.27 9.27 -5.24
C MET B 25 -10.24 8.94 -4.18
N THR B 26 -10.51 9.40 -2.95
CA THR B 26 -9.67 9.10 -1.79
C THR B 26 -10.16 7.78 -1.18
N ALA B 27 -9.41 7.24 -0.20
CA ALA B 27 -9.82 6.02 0.51
C ALA B 27 -11.16 6.26 1.24
N ALA B 28 -11.34 7.47 1.82
CA ALA B 28 -12.58 7.82 2.52
C ALA B 28 -13.80 7.85 1.57
N GLU B 29 -13.62 8.39 0.35
CA GLU B 29 -14.70 8.44 -0.64
C GLU B 29 -15.03 7.03 -1.13
N ALA B 30 -14.01 6.17 -1.30
CA ALA B 30 -14.23 4.77 -1.69
C ALA B 30 -14.99 4.01 -0.58
N ARG B 31 -14.68 4.28 0.71
CA ARG B 31 -15.42 3.65 1.82
C ARG B 31 -16.89 4.08 1.83
N ALA B 32 -17.17 5.37 1.52
CA ALA B 32 -18.55 5.87 1.44
C ALA B 32 -19.31 5.20 0.28
N VAL B 33 -18.62 4.85 -0.83
CA VAL B 33 -19.28 4.09 -1.91
C VAL B 33 -19.65 2.69 -1.36
N ALA B 34 -18.73 2.03 -0.62
CA ALA B 34 -19.03 0.72 -0.03
C ALA B 34 -20.18 0.79 0.98
N ASP B 35 -20.32 1.92 1.73
CA ASP B 35 -21.45 2.10 2.66
C ASP B 35 -22.78 2.17 1.90
N ARG B 36 -22.81 2.87 0.73
CA ARG B 36 -24.02 2.94 -0.09
C ARG B 36 -24.36 1.55 -0.65
N ALA B 37 -23.34 0.79 -1.10
CA ALA B 37 -23.55 -0.58 -1.62
C ALA B 37 -24.09 -1.50 -0.52
N ALA B 38 -23.53 -1.38 0.70
CA ALA B 38 -23.98 -2.16 1.86
C ALA B 38 -25.46 -1.91 2.15
N ALA B 39 -25.91 -0.64 2.07
CA ALA B 39 -27.32 -0.28 2.33
C ALA B 39 -28.27 -0.74 1.21
N GLY B 40 -27.79 -0.77 -0.04
CA GLY B 40 -28.60 -1.21 -1.18
C GLY B 40 -28.78 -2.72 -1.27
N PHE B 41 -27.84 -3.49 -0.68
CA PHE B 41 -27.86 -4.96 -0.73
C PHE B 41 -29.15 -5.63 -0.24
N ALA B 42 -29.65 -5.30 0.97
CA ALA B 42 -30.83 -5.97 1.55
C ALA B 42 -32.04 -6.06 0.63
N GLY B 43 -32.43 -4.93 0.04
CA GLY B 43 -33.58 -4.87 -0.87
C GLY B 43 -33.39 -5.68 -2.13
N TRP B 44 -32.23 -5.50 -2.81
CA TRP B 44 -31.89 -6.22 -4.04
C TRP B 44 -31.79 -7.74 -3.81
N SER B 45 -31.24 -8.16 -2.66
CA SER B 45 -31.00 -9.57 -2.37
C SER B 45 -32.27 -10.42 -2.24
N VAL B 46 -33.43 -9.81 -1.94
CA VAL B 46 -34.68 -10.57 -1.80
C VAL B 46 -35.60 -10.48 -3.03
N LEU B 47 -35.16 -9.82 -4.10
CA LEU B 47 -35.95 -9.72 -5.31
C LEU B 47 -36.01 -11.11 -5.98
N GLY B 48 -37.19 -11.48 -6.53
CA GLY B 48 -37.41 -12.76 -7.16
C GLY B 48 -36.62 -12.93 -8.46
N PRO B 49 -36.45 -14.18 -8.96
CA PRO B 49 -35.61 -14.35 -10.15
C PRO B 49 -36.12 -13.68 -11.43
N ASN B 50 -37.44 -13.66 -11.70
CA ASN B 50 -37.91 -13.00 -12.92
C ASN B 50 -37.79 -11.47 -12.85
N ALA B 51 -37.97 -10.88 -11.65
CA ALA B 51 -37.81 -9.43 -11.47
C ALA B 51 -36.33 -9.05 -11.65
N ARG B 52 -35.42 -9.87 -11.13
N ARG B 52 -35.39 -9.86 -11.11
CA ARG B 52 -33.98 -9.66 -11.29
CA ARG B 52 -33.95 -9.62 -11.29
C ARG B 52 -33.57 -9.79 -12.76
C ARG B 52 -33.57 -9.78 -12.77
N ARG B 53 -34.09 -10.82 -13.45
CA ARG B 53 -33.84 -11.05 -14.88
C ARG B 53 -34.31 -9.85 -15.71
N ALA B 54 -35.52 -9.33 -15.45
CA ALA B 54 -36.04 -8.17 -16.19
C ALA B 54 -35.15 -6.92 -16.06
N VAL B 55 -34.59 -6.64 -14.86
CA VAL B 55 -33.70 -5.49 -14.67
C VAL B 55 -32.42 -5.71 -15.48
N LEU B 56 -31.84 -6.92 -15.43
CA LEU B 56 -30.60 -7.21 -16.16
C LEU B 56 -30.80 -7.13 -17.67
N MET B 57 -31.97 -7.54 -18.18
CA MET B 57 -32.29 -7.42 -19.62
C MET B 57 -32.38 -5.93 -20.03
N LYS B 58 -32.89 -5.05 -19.14
CA LYS B 58 -32.93 -3.61 -19.41
C LYS B 58 -31.50 -3.06 -19.43
N ALA B 59 -30.59 -3.57 -18.54
CA ALA B 59 -29.19 -3.13 -18.52
C ALA B 59 -28.49 -3.47 -19.82
N ALA B 60 -28.69 -4.69 -20.38
CA ALA B 60 -28.10 -5.09 -21.66
C ALA B 60 -28.58 -4.16 -22.80
N ALA B 61 -29.89 -3.83 -22.86
CA ALA B 61 -30.43 -2.92 -23.88
C ALA B 61 -29.87 -1.47 -23.68
N ALA B 62 -29.74 -1.00 -22.42
CA ALA B 62 -29.21 0.33 -22.14
C ALA B 62 -27.71 0.40 -22.52
N LEU B 63 -26.97 -0.71 -22.38
CA LEU B 63 -25.57 -0.80 -22.78
C LEU B 63 -25.49 -0.61 -24.30
N GLU B 64 -26.31 -1.36 -25.05
CA GLU B 64 -26.37 -1.26 -26.51
C GLU B 64 -26.84 0.14 -26.99
N ALA B 65 -27.72 0.80 -26.24
CA ALA B 65 -28.19 2.16 -26.57
C ALA B 65 -27.07 3.24 -26.45
N ARG B 66 -26.03 3.02 -25.60
N ARG B 66 -26.03 3.00 -25.61
CA ARG B 66 -24.90 3.96 -25.44
CA ARG B 66 -24.89 3.93 -25.43
C ARG B 66 -23.72 3.61 -26.37
C ARG B 66 -23.72 3.59 -26.38
N LYS B 67 -23.98 2.88 -27.49
CA LYS B 67 -22.97 2.46 -28.48
C LYS B 67 -22.03 3.59 -28.95
N ASP B 68 -22.57 4.76 -29.34
CA ASP B 68 -21.73 5.87 -29.84
C ASP B 68 -20.76 6.35 -28.76
N ASP B 69 -21.23 6.51 -27.51
CA ASP B 69 -20.36 6.92 -26.41
C ASP B 69 -19.27 5.87 -26.13
N PHE B 70 -19.60 4.55 -26.21
CA PHE B 70 -18.62 3.46 -26.01
C PHE B 70 -17.57 3.42 -27.11
N VAL B 71 -17.98 3.55 -28.37
CA VAL B 71 -17.02 3.50 -29.48
C VAL B 71 -16.04 4.68 -29.39
N GLN B 72 -16.55 5.90 -29.13
CA GLN B 72 -15.71 7.10 -28.99
C GLN B 72 -14.71 6.95 -27.83
N ALA B 73 -15.23 6.51 -26.66
CA ALA B 73 -14.43 6.34 -25.44
C ALA B 73 -13.31 5.33 -25.59
N MET B 74 -13.58 4.14 -26.15
CA MET B 74 -12.53 3.11 -26.33
C MET B 74 -11.47 3.52 -27.33
N MET B 75 -11.90 4.09 -28.45
CA MET B 75 -10.94 4.52 -29.47
C MET B 75 -10.03 5.62 -28.89
N ALA B 76 -10.62 6.60 -28.21
CA ALA B 76 -9.83 7.69 -27.63
C ALA B 76 -8.92 7.22 -26.47
N GLU B 77 -9.48 6.43 -25.52
CA GLU B 77 -8.73 6.06 -24.32
C GLU B 77 -7.65 5.00 -24.50
N ILE B 78 -7.90 3.93 -25.29
CA ILE B 78 -6.94 2.84 -25.43
C ILE B 78 -6.39 2.68 -26.84
N GLY B 79 -6.85 3.50 -27.79
CA GLY B 79 -6.41 3.41 -29.17
C GLY B 79 -7.02 2.24 -29.90
N ALA B 80 -8.23 1.81 -29.50
CA ALA B 80 -8.91 0.68 -30.14
C ALA B 80 -9.50 1.03 -31.49
N THR B 81 -9.72 0.01 -32.32
CA THR B 81 -10.44 0.19 -33.58
C THR B 81 -11.93 0.22 -33.23
N ALA B 82 -12.76 0.80 -34.10
CA ALA B 82 -14.21 0.80 -33.91
C ALA B 82 -14.73 -0.65 -33.89
N GLY B 83 -14.07 -1.53 -34.64
CA GLY B 83 -14.42 -2.95 -34.68
C GLY B 83 -14.22 -3.64 -33.35
N TRP B 84 -13.07 -3.39 -32.69
CA TRP B 84 -12.78 -3.98 -31.35
C TRP B 84 -13.78 -3.43 -30.34
N ALA B 85 -14.15 -2.13 -30.44
CA ALA B 85 -15.16 -1.54 -29.56
C ALA B 85 -16.56 -2.13 -29.80
N MET B 86 -16.98 -2.33 -31.07
CA MET B 86 -18.30 -2.94 -31.38
C MET B 86 -18.31 -4.40 -30.93
N PHE B 87 -17.19 -5.13 -31.10
CA PHE B 87 -17.09 -6.52 -30.62
C PHE B 87 -17.25 -6.57 -29.09
N ASN B 88 -16.56 -5.67 -28.38
CA ASN B 88 -16.68 -5.56 -26.92
C ASN B 88 -18.14 -5.39 -26.48
N LEU B 89 -18.82 -4.42 -27.10
CA LEU B 89 -20.22 -4.06 -26.82
C LEU B 89 -21.14 -5.25 -27.06
N MET B 90 -21.02 -5.88 -28.23
CA MET B 90 -21.83 -7.04 -28.60
C MET B 90 -21.67 -8.18 -27.58
N LEU B 91 -20.41 -8.60 -27.32
CA LEU B 91 -20.16 -9.69 -26.38
C LEU B 91 -20.55 -9.33 -24.91
N ALA B 92 -20.28 -8.08 -24.47
CA ALA B 92 -20.64 -7.67 -23.11
C ALA B 92 -22.17 -7.70 -22.94
N ALA B 93 -22.95 -7.25 -23.97
CA ALA B 93 -24.42 -7.30 -23.92
C ALA B 93 -24.89 -8.75 -23.84
N SER B 94 -24.25 -9.67 -24.59
CA SER B 94 -24.59 -11.09 -24.54
C SER B 94 -24.32 -11.67 -23.14
N MET B 95 -23.22 -11.26 -22.48
CA MET B 95 -22.88 -11.74 -21.12
C MET B 95 -23.89 -11.25 -20.08
N ILE B 96 -24.42 -10.02 -20.24
CA ILE B 96 -25.47 -9.51 -19.34
C ILE B 96 -26.74 -10.36 -19.52
N ARG B 97 -27.10 -10.67 -20.80
CA ARG B 97 -28.28 -11.52 -21.06
C ARG B 97 -28.07 -12.94 -20.53
N GLU B 98 -26.82 -13.48 -20.56
CA GLU B 98 -26.54 -14.78 -19.97
C GLU B 98 -26.75 -14.68 -18.43
N ALA B 99 -26.23 -13.59 -17.78
CA ALA B 99 -26.43 -13.41 -16.32
C ALA B 99 -27.94 -13.31 -16.00
N ALA B 100 -28.73 -12.62 -16.85
CA ALA B 100 -30.19 -12.52 -16.69
C ALA B 100 -30.84 -13.93 -16.82
N ALA B 101 -30.37 -14.74 -17.79
CA ALA B 101 -30.88 -16.11 -17.99
C ALA B 101 -30.66 -16.99 -16.74
N LEU B 102 -29.54 -16.80 -16.02
CA LEU B 102 -29.19 -17.62 -14.84
C LEU B 102 -30.03 -17.41 -13.60
N THR B 103 -30.85 -16.36 -13.50
CA THR B 103 -31.55 -16.08 -12.23
C THR B 103 -32.41 -17.26 -11.72
N THR B 104 -33.13 -17.98 -12.60
CA THR B 104 -33.94 -19.12 -12.15
C THR B 104 -33.09 -20.39 -11.95
N GLN B 105 -31.78 -20.36 -12.31
CA GLN B 105 -30.85 -21.49 -12.22
C GLN B 105 -29.95 -21.43 -10.98
N ILE B 106 -30.08 -20.40 -10.15
CA ILE B 106 -29.26 -20.25 -8.93
C ILE B 106 -30.13 -20.76 -7.80
N GLY B 107 -29.91 -21.99 -7.41
CA GLY B 107 -30.72 -22.59 -6.36
C GLY B 107 -29.89 -23.31 -5.32
N GLY B 108 -30.27 -24.52 -5.02
CA GLY B 108 -29.59 -25.31 -4.02
C GLY B 108 -29.85 -26.78 -4.22
N GLU B 109 -29.47 -27.56 -3.22
CA GLU B 109 -29.56 -29.01 -3.25
C GLU B 109 -30.24 -29.49 -1.99
N VAL B 110 -30.94 -30.61 -2.07
CA VAL B 110 -31.56 -31.27 -0.91
C VAL B 110 -30.70 -32.51 -0.77
N ILE B 111 -30.14 -32.75 0.43
CA ILE B 111 -29.21 -33.86 0.62
C ILE B 111 -29.81 -34.83 1.63
N PRO B 112 -29.83 -36.14 1.37
CA PRO B 112 -30.41 -37.07 2.37
C PRO B 112 -29.55 -37.13 3.65
N SER B 113 -30.20 -37.12 4.78
CA SER B 113 -29.59 -37.13 6.11
C SER B 113 -29.79 -38.46 6.80
N ASP B 114 -28.82 -38.85 7.64
CA ASP B 114 -28.96 -40.04 8.49
C ASP B 114 -29.65 -39.70 9.81
N LYS B 115 -29.96 -38.43 10.07
CA LYS B 115 -30.69 -38.03 11.27
C LYS B 115 -32.20 -38.19 10.93
N PRO B 116 -32.95 -39.09 11.61
CA PRO B 116 -34.36 -39.30 11.21
C PRO B 116 -35.22 -38.04 11.17
N GLY B 117 -35.93 -37.83 10.06
CA GLY B 117 -36.83 -36.70 9.89
C GLY B 117 -36.17 -35.37 9.55
N CYS B 118 -34.83 -35.32 9.49
CA CYS B 118 -34.11 -34.09 9.22
C CYS B 118 -34.15 -33.74 7.73
N LEU B 119 -34.71 -32.57 7.39
CA LEU B 119 -34.69 -32.09 6.00
C LEU B 119 -33.42 -31.24 5.91
N ALA B 120 -32.46 -31.62 5.03
CA ALA B 120 -31.17 -30.92 4.92
C ALA B 120 -31.00 -30.25 3.55
N LEU B 121 -30.69 -28.94 3.57
CA LEU B 121 -30.54 -28.12 2.37
C LEU B 121 -29.14 -27.54 2.25
N ALA B 122 -28.66 -27.38 1.04
CA ALA B 122 -27.38 -26.71 0.74
C ALA B 122 -27.81 -25.57 -0.20
N LEU B 123 -27.94 -24.35 0.36
CA LEU B 123 -28.48 -23.19 -0.36
C LEU B 123 -27.41 -22.26 -0.84
N ARG B 124 -27.52 -21.76 -2.08
CA ARG B 124 -26.59 -20.74 -2.59
C ARG B 124 -27.30 -19.42 -2.38
N GLU B 125 -26.82 -18.60 -1.45
CA GLU B 125 -27.46 -17.32 -1.11
C GLU B 125 -26.61 -16.12 -1.53
N PRO B 126 -27.22 -14.94 -1.72
CA PRO B 126 -26.43 -13.72 -2.00
C PRO B 126 -25.43 -13.47 -0.86
N VAL B 127 -24.24 -12.92 -1.15
CA VAL B 127 -23.21 -12.71 -0.13
C VAL B 127 -23.29 -11.32 0.53
N GLY B 128 -23.35 -10.27 -0.29
CA GLY B 128 -23.33 -8.90 0.21
C GLY B 128 -22.85 -7.97 -0.89
N VAL B 129 -21.71 -7.30 -0.68
CA VAL B 129 -21.14 -6.40 -1.68
C VAL B 129 -19.98 -7.13 -2.36
N VAL B 130 -19.96 -7.13 -3.71
CA VAL B 130 -18.87 -7.73 -4.47
C VAL B 130 -18.06 -6.59 -5.06
N LEU B 131 -16.75 -6.65 -4.89
CA LEU B 131 -15.82 -5.68 -5.46
C LEU B 131 -15.26 -6.31 -6.73
N GLY B 132 -15.50 -5.69 -7.88
CA GLY B 132 -15.04 -6.19 -9.17
C GLY B 132 -14.03 -5.22 -9.76
N ILE B 133 -12.76 -5.62 -9.89
CA ILE B 133 -11.67 -4.77 -10.40
C ILE B 133 -11.42 -5.18 -11.85
N ALA B 134 -11.76 -4.26 -12.77
CA ALA B 134 -11.72 -4.46 -14.22
C ALA B 134 -10.53 -3.79 -14.91
N PRO B 135 -9.81 -4.51 -15.81
CA PRO B 135 -8.71 -3.91 -16.55
C PRO B 135 -9.23 -3.23 -17.85
N TRP B 136 -8.31 -2.73 -18.66
CA TRP B 136 -8.60 -1.93 -19.86
C TRP B 136 -8.55 -2.63 -21.21
N ASN B 137 -7.93 -3.82 -21.28
CA ASN B 137 -7.68 -4.41 -22.61
C ASN B 137 -8.95 -4.81 -23.38
N ALA B 138 -9.98 -5.40 -22.72
CA ALA B 138 -11.29 -5.70 -23.35
C ALA B 138 -12.22 -5.02 -22.36
N PRO B 139 -12.29 -3.68 -22.39
CA PRO B 139 -12.87 -2.96 -21.26
C PRO B 139 -14.36 -3.14 -21.00
N ILE B 140 -15.19 -3.33 -22.06
CA ILE B 140 -16.64 -3.50 -21.84
C ILE B 140 -16.90 -4.95 -21.41
N ILE B 141 -16.24 -5.93 -22.06
CA ILE B 141 -16.35 -7.34 -21.70
C ILE B 141 -15.96 -7.54 -20.23
N LEU B 142 -14.76 -7.06 -19.87
CA LEU B 142 -14.21 -7.30 -18.54
C LEU B 142 -14.82 -6.43 -17.43
N GLY B 143 -15.28 -5.22 -17.76
CA GLY B 143 -15.98 -4.38 -16.80
C GLY B 143 -17.33 -5.00 -16.50
N VAL B 144 -18.00 -5.53 -17.54
CA VAL B 144 -19.28 -6.22 -17.36
C VAL B 144 -19.09 -7.55 -16.64
N ARG B 145 -18.03 -8.33 -16.97
CA ARG B 145 -17.74 -9.62 -16.33
C ARG B 145 -17.56 -9.45 -14.82
N ALA B 146 -16.91 -8.35 -14.42
CA ALA B 146 -16.65 -8.06 -13.01
C ALA B 146 -17.94 -7.90 -12.17
N ILE B 147 -19.11 -7.56 -12.79
CA ILE B 147 -20.34 -7.27 -12.04
C ILE B 147 -21.63 -8.02 -12.47
N ALA B 148 -21.75 -8.55 -13.71
CA ALA B 148 -23.01 -9.13 -14.19
C ALA B 148 -23.48 -10.36 -13.40
N VAL B 149 -22.67 -11.44 -13.33
CA VAL B 149 -23.11 -12.62 -12.55
C VAL B 149 -23.16 -12.23 -11.05
N PRO B 150 -22.22 -11.44 -10.51
CA PRO B 150 -22.41 -10.97 -9.10
C PRO B 150 -23.80 -10.31 -8.89
N LEU B 151 -24.29 -9.49 -9.84
CA LEU B 151 -25.64 -8.89 -9.72
C LEU B 151 -26.76 -9.93 -9.84
N ALA B 152 -26.66 -10.90 -10.77
CA ALA B 152 -27.68 -11.94 -10.92
C ALA B 152 -27.76 -12.84 -9.68
N CYS B 153 -26.66 -12.95 -8.93
CA CYS B 153 -26.59 -13.69 -7.68
C CYS B 153 -27.20 -12.90 -6.51
N GLY B 154 -27.78 -11.71 -6.76
CA GLY B 154 -28.42 -10.89 -5.73
C GLY B 154 -27.50 -10.04 -4.87
N ASN B 155 -26.27 -9.75 -5.34
CA ASN B 155 -25.32 -8.92 -4.60
C ASN B 155 -25.34 -7.48 -5.08
N ALA B 156 -24.94 -6.54 -4.21
CA ALA B 156 -24.70 -5.17 -4.65
C ALA B 156 -23.26 -5.22 -5.18
N VAL B 157 -22.87 -4.32 -6.09
CA VAL B 157 -21.53 -4.36 -6.68
C VAL B 157 -20.82 -3.00 -6.68
N ILE B 158 -19.49 -3.06 -6.69
CA ILE B 158 -18.63 -1.91 -6.87
C ILE B 158 -17.72 -2.27 -8.04
N LEU B 159 -17.84 -1.54 -9.15
CA LEU B 159 -16.95 -1.71 -10.28
C LEU B 159 -15.76 -0.79 -9.96
N LYS B 160 -14.58 -1.36 -9.82
CA LYS B 160 -13.37 -0.55 -9.58
C LYS B 160 -12.79 -0.34 -10.96
N ALA B 161 -13.09 0.83 -11.54
CA ALA B 161 -12.72 1.21 -12.91
C ALA B 161 -11.21 1.35 -13.13
N SER B 162 -10.79 1.09 -14.37
CA SER B 162 -9.38 1.20 -14.74
C SER B 162 -9.03 2.68 -14.96
N GLU B 163 -7.87 3.12 -14.47
CA GLU B 163 -7.38 4.49 -14.73
C GLU B 163 -7.01 4.68 -16.22
N ILE B 164 -6.84 3.59 -16.99
CA ILE B 164 -6.53 3.64 -18.41
C ILE B 164 -7.78 3.93 -19.25
N CYS B 165 -8.99 3.53 -18.80
CA CYS B 165 -10.22 3.77 -19.57
C CYS B 165 -11.37 4.16 -18.63
N PRO B 166 -11.21 5.25 -17.84
CA PRO B 166 -12.25 5.60 -16.87
C PRO B 166 -13.60 5.96 -17.48
N ARG B 167 -13.62 6.56 -18.68
CA ARG B 167 -14.88 6.87 -19.33
C ARG B 167 -15.57 5.58 -19.86
N THR B 168 -14.83 4.67 -20.50
CA THR B 168 -15.42 3.40 -20.97
C THR B 168 -16.07 2.65 -19.79
N HIS B 169 -15.37 2.54 -18.65
CA HIS B 169 -15.92 1.88 -17.46
C HIS B 169 -17.05 2.69 -16.81
N GLY B 170 -16.94 4.01 -16.82
CA GLY B 170 -17.99 4.89 -16.29
C GLY B 170 -19.28 4.75 -17.08
N LEU B 171 -19.17 4.57 -18.41
CA LEU B 171 -20.33 4.34 -19.28
C LEU B 171 -21.07 3.01 -18.99
N ILE B 172 -20.37 1.98 -18.46
CA ILE B 172 -21.02 0.72 -18.08
C ILE B 172 -21.96 1.03 -16.95
N ILE B 173 -21.48 1.78 -15.94
CA ILE B 173 -22.29 2.11 -14.76
C ILE B 173 -23.44 3.07 -15.13
N GLU B 174 -23.21 4.00 -16.08
CA GLU B 174 -24.29 4.89 -16.54
C GLU B 174 -25.37 4.10 -17.32
N SER B 175 -24.98 3.06 -18.06
CA SER B 175 -25.92 2.18 -18.77
C SER B 175 -26.76 1.38 -17.76
N PHE B 176 -26.09 0.81 -16.73
CA PHE B 176 -26.78 0.03 -15.70
C PHE B 176 -27.73 0.96 -14.90
N ALA B 177 -27.35 2.25 -14.72
CA ALA B 177 -28.19 3.24 -14.01
C ALA B 177 -29.56 3.46 -14.68
N GLU B 178 -29.67 3.28 -16.00
CA GLU B 178 -30.93 3.42 -16.72
C GLU B 178 -31.84 2.18 -16.61
N ALA B 179 -31.34 1.04 -16.11
CA ALA B 179 -32.09 -0.21 -16.01
C ALA B 179 -33.10 -0.30 -14.86
N GLY B 180 -32.98 0.54 -13.84
CA GLY B 180 -33.91 0.50 -12.71
C GLY B 180 -33.50 -0.42 -11.57
N PHE B 181 -32.18 -0.49 -11.28
CA PHE B 181 -31.71 -1.25 -10.11
C PHE B 181 -32.05 -0.38 -8.90
N PRO B 182 -32.31 -0.95 -7.70
CA PRO B 182 -32.49 -0.09 -6.52
C PRO B 182 -31.26 0.80 -6.25
N GLU B 183 -31.46 1.86 -5.45
CA GLU B 183 -30.38 2.79 -5.08
C GLU B 183 -29.23 2.04 -4.36
N GLY B 184 -28.00 2.36 -4.74
CA GLY B 184 -26.82 1.76 -4.12
C GLY B 184 -26.45 0.36 -4.58
N VAL B 185 -27.18 -0.23 -5.52
CA VAL B 185 -26.88 -1.60 -5.97
C VAL B 185 -25.71 -1.63 -6.96
N VAL B 186 -25.63 -0.65 -7.88
CA VAL B 186 -24.55 -0.60 -8.86
C VAL B 186 -23.75 0.67 -8.56
N ASN B 187 -22.44 0.54 -8.39
CA ASN B 187 -21.57 1.65 -8.02
C ASN B 187 -20.24 1.58 -8.74
N VAL B 188 -19.57 2.72 -8.85
CA VAL B 188 -18.27 2.82 -9.49
C VAL B 188 -17.28 3.46 -8.52
N VAL B 189 -16.01 3.05 -8.60
CA VAL B 189 -14.91 3.70 -7.88
C VAL B 189 -13.85 4.00 -8.95
N THR B 190 -13.38 5.25 -8.98
CA THR B 190 -12.31 5.70 -9.89
C THR B 190 -11.18 6.26 -9.02
N ASN B 191 -9.93 6.06 -9.44
CA ASN B 191 -8.79 6.55 -8.68
C ASN B 191 -7.60 6.80 -9.57
N ALA B 192 -6.70 7.70 -9.15
CA ALA B 192 -5.46 7.96 -9.87
C ALA B 192 -4.56 6.71 -9.69
N PRO B 193 -3.67 6.38 -10.66
CA PRO B 193 -2.84 5.16 -10.52
C PRO B 193 -2.05 5.06 -9.20
N GLN B 194 -1.47 6.16 -8.76
CA GLN B 194 -0.69 6.22 -7.52
C GLN B 194 -1.50 5.94 -6.25
N ASP B 195 -2.84 6.10 -6.30
CA ASP B 195 -3.72 5.84 -5.16
C ASP B 195 -4.35 4.44 -5.18
N ALA B 196 -4.05 3.61 -6.21
CA ALA B 196 -4.59 2.25 -6.36
C ALA B 196 -4.45 1.42 -5.10
N GLY B 197 -3.25 1.38 -4.52
CA GLY B 197 -2.98 0.64 -3.29
C GLY B 197 -3.86 1.01 -2.13
N GLU B 198 -3.98 2.32 -1.84
CA GLU B 198 -4.81 2.80 -0.74
C GLU B 198 -6.31 2.69 -0.97
N VAL B 199 -6.79 2.96 -2.20
CA VAL B 199 -8.22 2.90 -2.53
C VAL B 199 -8.72 1.45 -2.56
N VAL B 200 -7.98 0.57 -3.25
CA VAL B 200 -8.35 -0.84 -3.36
C VAL B 200 -8.22 -1.51 -1.96
N GLY B 201 -7.18 -1.13 -1.21
CA GLY B 201 -6.96 -1.60 0.16
C GLY B 201 -8.12 -1.26 1.06
N ALA B 202 -8.60 0.00 1.00
CA ALA B 202 -9.75 0.45 1.82
C ALA B 202 -11.03 -0.34 1.49
N LEU B 203 -11.26 -0.65 0.20
CA LEU B 203 -12.43 -1.42 -0.22
C LEU B 203 -12.31 -2.88 0.24
N ILE B 204 -11.13 -3.50 0.08
CA ILE B 204 -10.91 -4.87 0.55
C ILE B 204 -11.13 -4.97 2.09
N ASP B 205 -10.66 -3.94 2.84
CA ASP B 205 -10.81 -3.90 4.32
C ASP B 205 -12.25 -3.62 4.78
N HIS B 206 -13.14 -3.09 3.91
CA HIS B 206 -14.49 -2.71 4.29
C HIS B 206 -15.34 -3.94 4.70
N PRO B 207 -15.94 -3.96 5.90
CA PRO B 207 -16.72 -5.15 6.32
C PRO B 207 -17.86 -5.59 5.39
N ALA B 208 -18.48 -4.67 4.62
CA ALA B 208 -19.57 -5.03 3.72
C ALA B 208 -19.09 -5.78 2.46
N VAL B 209 -17.81 -5.60 2.07
CA VAL B 209 -17.24 -6.23 0.88
C VAL B 209 -16.88 -7.67 1.24
N LYS B 210 -17.61 -8.63 0.68
CA LYS B 210 -17.47 -10.06 1.00
C LYS B 210 -16.79 -10.90 -0.04
N ARG B 211 -16.72 -10.44 -1.31
CA ARG B 211 -16.04 -11.16 -2.38
C ARG B 211 -15.31 -10.15 -3.23
N ILE B 212 -14.15 -10.55 -3.75
CA ILE B 212 -13.32 -9.70 -4.57
C ILE B 212 -12.97 -10.47 -5.82
N ASN B 213 -13.21 -9.88 -6.98
CA ASN B 213 -12.75 -10.47 -8.23
C ASN B 213 -11.79 -9.44 -8.84
N PHE B 214 -10.66 -9.92 -9.33
CA PHE B 214 -9.60 -9.10 -9.89
C PHE B 214 -9.06 -9.73 -11.15
N THR B 215 -8.93 -8.92 -12.20
CA THR B 215 -8.31 -9.34 -13.46
C THR B 215 -7.17 -8.33 -13.70
N GLY B 216 -5.96 -8.82 -13.87
CA GLY B 216 -4.80 -7.97 -14.06
C GLY B 216 -3.49 -8.74 -13.96
N SER B 217 -2.41 -8.10 -13.55
CA SER B 217 -1.09 -8.76 -13.49
C SER B 217 -0.91 -9.67 -12.27
N THR B 218 0.02 -10.64 -12.38
CA THR B 218 0.35 -11.53 -11.24
C THR B 218 0.84 -10.73 -10.02
N GLY B 219 1.69 -9.74 -10.24
CA GLY B 219 2.24 -8.91 -9.16
C GLY B 219 1.18 -8.20 -8.34
N VAL B 220 0.22 -7.56 -9.00
CA VAL B 220 -0.89 -6.87 -8.31
C VAL B 220 -1.85 -7.93 -7.70
N GLY B 221 -2.03 -9.06 -8.39
CA GLY B 221 -2.85 -10.16 -7.88
C GLY B 221 -2.40 -10.66 -6.52
N ARG B 222 -1.07 -10.85 -6.38
CA ARG B 222 -0.46 -11.33 -5.14
C ARG B 222 -0.65 -10.29 -4.00
N ILE B 223 -0.58 -9.00 -4.32
CA ILE B 223 -0.76 -7.91 -3.34
C ILE B 223 -2.24 -7.94 -2.87
N ILE B 224 -3.17 -8.08 -3.80
CA ILE B 224 -4.61 -8.19 -3.50
C ILE B 224 -4.91 -9.43 -2.62
N ALA B 225 -4.35 -10.61 -2.97
CA ALA B 225 -4.56 -11.83 -2.19
C ALA B 225 -4.03 -11.67 -0.76
N LYS B 226 -2.86 -11.04 -0.61
CA LYS B 226 -2.30 -10.84 0.73
C LYS B 226 -3.16 -9.87 1.55
N ARG B 227 -3.62 -8.80 0.93
CA ARG B 227 -4.48 -7.83 1.62
C ARG B 227 -5.83 -8.48 2.02
N ALA B 228 -6.40 -9.32 1.11
CA ALA B 228 -7.66 -10.02 1.38
C ALA B 228 -7.51 -11.04 2.54
N ALA B 229 -6.35 -11.73 2.61
CA ALA B 229 -6.04 -12.71 3.67
C ALA B 229 -6.07 -12.07 5.04
N GLU B 230 -5.71 -10.78 5.17
CA GLU B 230 -5.75 -10.09 6.46
C GLU B 230 -7.15 -9.99 7.06
N HIS B 231 -8.21 -9.95 6.21
CA HIS B 231 -9.59 -9.95 6.68
C HIS B 231 -10.33 -11.22 6.23
N LEU B 232 -9.58 -12.30 5.95
CA LEU B 232 -10.14 -13.60 5.52
C LEU B 232 -11.21 -13.44 4.42
N LYS B 233 -10.91 -12.66 3.37
CA LYS B 233 -11.87 -12.44 2.28
C LYS B 233 -11.51 -13.37 1.11
N PRO B 234 -12.43 -14.21 0.58
CA PRO B 234 -12.10 -15.01 -0.62
C PRO B 234 -11.89 -14.14 -1.89
N CYS B 235 -10.95 -14.54 -2.78
CA CYS B 235 -10.68 -13.82 -4.04
C CYS B 235 -10.84 -14.71 -5.27
N LEU B 236 -11.23 -14.10 -6.39
CA LEU B 236 -11.26 -14.73 -7.70
C LEU B 236 -10.16 -13.94 -8.44
N LEU B 237 -9.02 -14.59 -8.75
CA LEU B 237 -7.84 -13.91 -9.37
C LEU B 237 -7.56 -14.46 -10.76
N GLU B 238 -7.74 -13.62 -11.78
CA GLU B 238 -7.49 -13.92 -13.20
C GLU B 238 -6.24 -13.12 -13.53
N LEU B 239 -5.06 -13.75 -13.54
N LEU B 239 -5.07 -13.74 -13.52
CA LEU B 239 -3.80 -13.01 -13.65
CA LEU B 239 -3.80 -13.03 -13.65
C LEU B 239 -3.00 -13.19 -14.95
C LEU B 239 -3.12 -13.22 -15.02
N GLY B 240 -3.69 -13.37 -16.08
N GLY B 240 -1.85 -12.87 -15.13
CA GLY B 240 -3.07 -13.50 -17.39
CA GLY B 240 -1.06 -12.98 -16.36
C GLY B 240 -2.11 -14.66 -17.54
C GLY B 240 -1.03 -14.37 -16.98
N GLY B 241 -1.23 -14.59 -18.53
N GLY B 241 -0.65 -14.43 -18.25
CA GLY B 241 -0.26 -15.66 -18.73
CA GLY B 241 -0.56 -15.67 -18.99
C GLY B 241 0.68 -15.52 -19.91
C GLY B 241 0.37 -15.59 -20.18
N LYS B 242 1.13 -16.66 -20.45
CA LYS B 242 2.06 -16.75 -21.57
C LYS B 242 1.59 -17.95 -22.38
N ALA B 243 0.38 -17.81 -23.00
CA ALA B 243 -0.27 -18.93 -23.68
C ALA B 243 0.56 -19.64 -24.74
N PRO B 244 0.79 -20.96 -24.57
CA PRO B 244 1.48 -21.71 -25.62
C PRO B 244 0.51 -22.36 -26.58
N LEU B 245 0.89 -22.44 -27.87
CA LEU B 245 0.17 -23.16 -28.90
C LEU B 245 1.13 -24.27 -29.39
N VAL B 246 0.76 -25.54 -29.20
CA VAL B 246 1.62 -26.68 -29.57
C VAL B 246 1.21 -27.22 -30.96
N VAL B 247 2.17 -27.35 -31.89
CA VAL B 247 1.93 -27.89 -33.24
C VAL B 247 2.66 -29.23 -33.33
N LEU B 248 1.89 -30.33 -33.34
CA LEU B 248 2.45 -31.68 -33.43
C LEU B 248 2.60 -32.11 -34.87
N ASP B 249 3.31 -33.23 -35.10
CA ASP B 249 3.70 -33.67 -36.45
C ASP B 249 2.54 -33.93 -37.42
N ASP B 250 1.33 -34.26 -36.92
CA ASP B 250 0.18 -34.50 -37.81
C ASP B 250 -0.82 -33.33 -37.73
N ALA B 251 -0.38 -32.13 -37.32
CA ALA B 251 -1.27 -30.96 -37.25
C ALA B 251 -1.66 -30.49 -38.66
N ASP B 252 -2.86 -29.94 -38.81
CA ASP B 252 -3.29 -29.32 -40.07
C ASP B 252 -2.54 -27.96 -39.99
N LEU B 253 -1.46 -27.82 -40.74
CA LEU B 253 -0.59 -26.65 -40.66
C LEU B 253 -1.24 -25.34 -41.09
N ASP B 254 -2.10 -25.36 -42.12
CA ASP B 254 -2.82 -24.15 -42.54
C ASP B 254 -3.78 -23.68 -41.41
N GLU B 255 -4.53 -24.61 -40.80
CA GLU B 255 -5.43 -24.29 -39.69
C GLU B 255 -4.63 -23.79 -38.47
N ALA B 256 -3.50 -24.45 -38.13
CA ALA B 256 -2.65 -24.02 -36.99
C ALA B 256 -2.13 -22.59 -37.22
N ALA B 257 -1.69 -22.28 -38.46
CA ALA B 257 -1.17 -20.96 -38.79
C ALA B 257 -2.27 -19.88 -38.66
N LYS B 258 -3.50 -20.20 -39.15
CA LYS B 258 -4.64 -19.25 -39.04
C LYS B 258 -5.02 -19.02 -37.59
N ALA B 259 -5.13 -20.11 -36.79
CA ALA B 259 -5.48 -19.99 -35.37
C ALA B 259 -4.39 -19.25 -34.58
N ALA B 260 -3.11 -19.57 -34.87
CA ALA B 260 -1.99 -18.91 -34.19
C ALA B 260 -1.95 -17.41 -34.51
N ALA B 261 -2.23 -17.03 -35.78
CA ALA B 261 -2.20 -15.61 -36.20
C ALA B 261 -3.33 -14.84 -35.52
N PHE B 262 -4.54 -15.41 -35.53
CA PHE B 262 -5.67 -14.80 -34.87
C PHE B 262 -5.38 -14.63 -33.37
N GLY B 263 -4.89 -15.69 -32.72
CA GLY B 263 -4.60 -15.66 -31.29
C GLY B 263 -3.43 -14.77 -30.90
N ALA B 264 -2.39 -14.69 -31.72
CA ALA B 264 -1.24 -13.84 -31.39
C ALA B 264 -1.54 -12.34 -31.54
N PHE B 265 -2.31 -11.94 -32.57
CA PHE B 265 -2.43 -10.54 -32.91
C PHE B 265 -3.79 -9.88 -32.71
N MET B 266 -4.83 -10.61 -32.30
CA MET B 266 -6.14 -9.99 -32.01
C MET B 266 -5.93 -8.93 -30.91
N ASN B 267 -6.49 -7.73 -31.11
CA ASN B 267 -6.31 -6.60 -30.18
C ASN B 267 -4.82 -6.30 -29.93
N GLN B 268 -3.99 -6.46 -30.97
CA GLN B 268 -2.54 -6.23 -30.89
C GLN B 268 -1.86 -7.08 -29.78
N GLY B 269 -2.34 -8.31 -29.57
CA GLY B 269 -1.82 -9.21 -28.54
C GLY B 269 -2.02 -8.71 -27.11
N GLN B 270 -3.01 -7.83 -26.87
CA GLN B 270 -3.27 -7.30 -25.52
C GLN B 270 -4.48 -8.07 -24.94
N ILE B 271 -4.33 -9.38 -24.77
CA ILE B 271 -5.38 -10.25 -24.22
C ILE B 271 -4.67 -11.17 -23.26
N CYS B 272 -5.32 -11.50 -22.13
CA CYS B 272 -4.81 -12.43 -21.11
C CYS B 272 -4.41 -13.81 -21.72
N MET B 273 -5.09 -14.22 -22.81
CA MET B 273 -4.96 -15.51 -23.49
C MET B 273 -4.37 -15.39 -24.90
N SER B 274 -3.71 -14.26 -25.23
CA SER B 274 -3.03 -14.08 -26.53
C SER B 274 -1.95 -15.16 -26.68
N THR B 275 -1.72 -15.64 -27.91
CA THR B 275 -0.71 -16.65 -28.18
C THR B 275 0.66 -16.01 -28.09
N GLU B 276 1.45 -16.42 -27.09
CA GLU B 276 2.79 -15.90 -26.82
C GLU B 276 3.92 -16.82 -27.29
N ARG B 277 3.70 -18.13 -27.21
CA ARG B 277 4.73 -19.13 -27.54
C ARG B 277 4.15 -20.15 -28.50
N ILE B 278 4.76 -20.32 -29.67
CA ILE B 278 4.30 -21.36 -30.60
C ILE B 278 5.37 -22.45 -30.52
N ILE B 279 5.01 -23.63 -29.99
CA ILE B 279 5.96 -24.73 -29.82
C ILE B 279 5.71 -25.70 -30.98
N VAL B 280 6.70 -25.85 -31.89
CA VAL B 280 6.55 -26.68 -33.09
C VAL B 280 7.54 -27.84 -33.08
N VAL B 281 7.06 -29.05 -33.35
CA VAL B 281 7.94 -30.21 -33.44
C VAL B 281 8.80 -30.11 -34.72
N GLU B 282 10.06 -30.60 -34.63
CA GLU B 282 11.05 -30.55 -35.69
C GLU B 282 10.50 -31.05 -37.04
N ALA B 283 9.69 -32.14 -37.03
CA ALA B 283 9.16 -32.76 -38.26
C ALA B 283 8.42 -31.79 -39.18
N ILE B 284 7.69 -30.79 -38.62
CA ILE B 284 6.93 -29.83 -39.44
C ILE B 284 7.31 -28.36 -39.19
N ALA B 285 8.35 -28.11 -38.40
CA ALA B 285 8.76 -26.76 -38.03
C ALA B 285 8.98 -25.82 -39.25
N ALA B 286 9.78 -26.23 -40.25
CA ALA B 286 10.09 -25.38 -41.41
C ALA B 286 8.82 -25.00 -42.18
N GLU B 287 7.95 -25.98 -42.48
CA GLU B 287 6.72 -25.72 -43.22
C GLU B 287 5.75 -24.83 -42.43
N PHE B 288 5.55 -25.12 -41.13
CA PHE B 288 4.66 -24.30 -40.30
C PHE B 288 5.14 -22.84 -40.30
N THR B 289 6.44 -22.65 -40.05
CA THR B 289 7.05 -21.33 -39.95
C THR B 289 6.86 -20.52 -41.23
N ARG B 290 7.05 -21.15 -42.40
CA ARG B 290 6.83 -20.47 -43.69
C ARG B 290 5.37 -20.00 -43.81
N ARG B 291 4.42 -20.91 -43.53
CA ARG B 291 2.99 -20.60 -43.63
C ARG B 291 2.58 -19.50 -42.64
N PHE B 292 3.07 -19.61 -41.40
CA PHE B 292 2.75 -18.67 -40.34
C PHE B 292 3.33 -17.29 -40.63
N ALA B 293 4.58 -17.21 -41.11
CA ALA B 293 5.20 -15.94 -41.47
C ALA B 293 4.37 -15.25 -42.58
N ALA B 294 4.01 -16.01 -43.61
CA ALA B 294 3.22 -15.45 -44.70
C ALA B 294 1.88 -14.92 -44.18
N LYS B 295 1.26 -15.63 -43.23
CA LYS B 295 0.01 -15.17 -42.65
C LYS B 295 0.22 -13.88 -41.79
N ALA B 296 1.28 -13.83 -40.96
CA ALA B 296 1.55 -12.66 -40.12
C ALA B 296 1.88 -11.44 -40.97
N GLN B 297 2.60 -11.65 -42.10
CA GLN B 297 2.94 -10.55 -43.01
C GLN B 297 1.69 -9.99 -43.69
N SER B 298 0.66 -10.81 -43.92
CA SER B 298 -0.58 -10.33 -44.58
C SER B 298 -1.50 -9.53 -43.63
N MET B 299 -1.15 -9.42 -42.34
CA MET B 299 -1.95 -8.68 -41.36
C MET B 299 -1.32 -7.30 -41.09
N ALA B 300 -1.85 -6.27 -41.74
CA ALA B 300 -1.28 -4.93 -41.65
C ALA B 300 -1.66 -4.20 -40.36
N THR B 301 -0.85 -3.21 -39.99
CA THR B 301 -1.13 -2.31 -38.87
C THR B 301 -1.42 -0.96 -39.49
N GLY B 302 -2.39 -0.26 -38.94
CA GLY B 302 -2.78 1.06 -39.43
C GLY B 302 -3.44 1.89 -38.35
N ASP B 303 -3.62 3.18 -38.62
CA ASP B 303 -4.26 4.11 -37.70
C ASP B 303 -5.67 3.58 -37.37
N PRO B 304 -5.99 3.31 -36.08
CA PRO B 304 -7.33 2.78 -35.78
C PRO B 304 -8.49 3.68 -36.21
N ARG B 305 -8.24 5.02 -36.34
CA ARG B 305 -9.28 5.95 -36.79
C ARG B 305 -9.66 5.74 -38.26
N GLU B 306 -8.76 5.15 -39.07
CA GLU B 306 -9.04 4.89 -40.49
C GLU B 306 -9.88 3.62 -40.69
N GLY B 307 -9.80 2.67 -39.75
CA GLY B 307 -10.57 1.44 -39.79
C GLY B 307 -10.36 0.55 -41.01
N LYS B 308 -9.14 0.54 -41.57
CA LYS B 308 -8.83 -0.26 -42.77
C LYS B 308 -7.90 -1.47 -42.52
N THR B 309 -7.40 -1.68 -41.29
CA THR B 309 -6.43 -2.74 -41.01
C THR B 309 -6.83 -3.67 -39.86
N PRO B 310 -6.36 -4.94 -39.85
CA PRO B 310 -6.70 -5.85 -38.72
C PRO B 310 -6.06 -5.43 -37.39
N LEU B 311 -4.87 -4.77 -37.42
CA LEU B 311 -4.21 -4.29 -36.20
C LEU B 311 -4.32 -2.77 -36.13
N GLY B 312 -4.55 -2.27 -34.92
CA GLY B 312 -4.57 -0.87 -34.61
C GLY B 312 -3.36 -0.53 -33.75
N ALA B 313 -3.57 0.29 -32.74
CA ALA B 313 -2.51 0.75 -31.87
C ALA B 313 -2.40 -0.06 -30.58
N VAL B 314 -1.22 -0.01 -29.98
CA VAL B 314 -1.03 -0.57 -28.65
C VAL B 314 -1.41 0.57 -27.69
N VAL B 315 -1.67 0.21 -26.45
CA VAL B 315 -2.22 1.13 -25.45
C VAL B 315 -1.32 2.36 -25.17
N ASP B 316 0.02 2.25 -25.24
CA ASP B 316 0.93 3.39 -25.04
C ASP B 316 2.40 3.04 -25.33
N ARG B 317 3.27 4.05 -25.27
CA ARG B 317 4.72 3.95 -25.51
C ARG B 317 5.43 2.89 -24.64
N LYS B 318 4.96 2.65 -23.41
CA LYS B 318 5.54 1.61 -22.54
C LYS B 318 5.59 0.23 -23.25
N THR B 319 4.52 -0.13 -23.97
CA THR B 319 4.44 -1.40 -24.71
C THR B 319 5.43 -1.41 -25.86
N VAL B 320 5.55 -0.27 -26.57
CA VAL B 320 6.48 -0.16 -27.70
C VAL B 320 7.91 -0.42 -27.21
N ASP B 321 8.31 0.24 -26.12
CA ASP B 321 9.66 0.10 -25.56
C ASP B 321 9.92 -1.32 -25.06
N HIS B 322 8.93 -1.93 -24.41
CA HIS B 322 9.04 -3.29 -23.89
C HIS B 322 9.20 -4.33 -25.02
N VAL B 323 8.36 -4.26 -26.06
CA VAL B 323 8.47 -5.17 -27.22
C VAL B 323 9.82 -4.96 -27.92
N ASN B 324 10.24 -3.68 -28.11
CA ASN B 324 11.54 -3.38 -28.75
C ASN B 324 12.70 -3.98 -27.97
N THR B 325 12.61 -3.98 -26.62
CA THR B 325 13.60 -4.61 -25.74
C THR B 325 13.60 -6.14 -25.93
N LEU B 326 12.42 -6.76 -25.99
CA LEU B 326 12.30 -8.21 -26.17
C LEU B 326 12.90 -8.63 -27.52
N ILE B 327 12.67 -7.81 -28.58
CA ILE B 327 13.21 -8.08 -29.92
C ILE B 327 14.74 -7.95 -29.89
N ASP B 328 15.30 -6.86 -29.31
CA ASP B 328 16.76 -6.66 -29.22
C ASP B 328 17.44 -7.79 -28.43
N ASP B 329 16.79 -8.26 -27.37
CA ASP B 329 17.34 -9.36 -26.57
C ASP B 329 17.38 -10.67 -27.41
N ALA B 330 16.31 -10.95 -28.16
CA ALA B 330 16.23 -12.19 -28.96
C ALA B 330 17.20 -12.13 -30.15
N THR B 331 17.23 -11.02 -30.91
CA THR B 331 18.17 -10.93 -32.05
C THR B 331 19.64 -10.94 -31.61
N ALA B 332 19.96 -10.38 -30.43
CA ALA B 332 21.34 -10.42 -29.92
C ALA B 332 21.76 -11.86 -29.54
N LYS B 333 20.80 -12.76 -29.29
CA LYS B 333 21.05 -14.17 -28.96
C LYS B 333 20.79 -15.10 -30.17
N GLY B 334 20.76 -14.52 -31.39
CA GLY B 334 20.61 -15.26 -32.64
C GLY B 334 19.22 -15.54 -33.17
N ALA B 335 18.15 -15.06 -32.51
CA ALA B 335 16.79 -15.26 -33.04
C ALA B 335 16.63 -14.46 -34.36
N ARG B 336 15.71 -14.89 -35.21
CA ARG B 336 15.47 -14.23 -36.51
C ARG B 336 14.08 -13.63 -36.57
N ILE B 337 13.96 -12.40 -37.12
CA ILE B 337 12.66 -11.75 -37.32
C ILE B 337 12.19 -12.25 -38.70
N ILE B 338 11.04 -12.95 -38.75
CA ILE B 338 10.53 -13.49 -40.02
C ILE B 338 9.27 -12.76 -40.47
N ALA B 339 8.72 -11.88 -39.60
CA ALA B 339 7.58 -11.03 -39.91
C ALA B 339 7.61 -9.82 -38.97
N GLY B 340 7.23 -8.64 -39.49
CA GLY B 340 7.19 -7.41 -38.73
C GLY B 340 8.57 -7.01 -38.28
N GLY B 341 8.66 -6.63 -37.02
CA GLY B 341 9.91 -6.22 -36.43
C GLY B 341 9.72 -4.96 -35.61
N LYS B 342 10.84 -4.34 -35.20
CA LYS B 342 10.82 -3.15 -34.35
C LYS B 342 10.20 -1.94 -35.05
N GLY B 343 9.63 -1.06 -34.24
CA GLY B 343 9.05 0.21 -34.67
C GLY B 343 9.21 1.30 -33.61
N ASP B 344 8.85 2.52 -34.00
CA ASP B 344 9.00 3.73 -33.20
C ASP B 344 7.67 4.38 -32.78
N SER B 345 6.53 3.69 -32.96
CA SER B 345 5.24 4.27 -32.59
C SER B 345 4.30 3.20 -32.06
N VAL B 346 3.14 3.65 -31.52
CA VAL B 346 2.11 2.76 -31.00
C VAL B 346 1.48 1.89 -32.11
N LEU B 347 1.67 2.24 -33.40
CA LEU B 347 1.22 1.43 -34.52
C LEU B 347 2.31 0.38 -34.76
N MET B 348 2.26 -0.74 -33.99
CA MET B 348 3.27 -1.78 -34.07
C MET B 348 2.91 -2.87 -35.05
N SER B 349 3.91 -3.38 -35.76
CA SER B 349 3.69 -4.48 -36.72
C SER B 349 3.43 -5.80 -36.01
N ALA B 350 2.70 -6.72 -36.67
CA ALA B 350 2.49 -8.08 -36.16
C ALA B 350 3.88 -8.74 -36.30
N THR B 351 4.58 -8.98 -35.17
CA THR B 351 5.96 -9.50 -35.20
C THR B 351 6.07 -10.98 -34.87
N VAL B 352 6.89 -11.71 -35.64
CA VAL B 352 7.13 -13.14 -35.40
C VAL B 352 8.63 -13.33 -35.30
N VAL B 353 9.07 -13.93 -34.18
CA VAL B 353 10.48 -14.20 -33.89
C VAL B 353 10.66 -15.70 -33.95
N ASP B 354 11.57 -16.17 -34.79
CA ASP B 354 11.88 -17.59 -34.95
C ASP B 354 13.17 -17.87 -34.19
N GLY B 355 13.36 -19.13 -33.81
CA GLY B 355 14.56 -19.57 -33.13
C GLY B 355 14.62 -19.12 -31.67
N VAL B 356 13.44 -19.00 -31.01
CA VAL B 356 13.38 -18.57 -29.61
C VAL B 356 13.87 -19.72 -28.70
N THR B 357 14.73 -19.39 -27.71
CA THR B 357 15.27 -20.36 -26.74
C THR B 357 15.08 -19.84 -25.32
N ALA B 358 15.35 -20.72 -24.34
CA ALA B 358 15.26 -20.39 -22.91
C ALA B 358 16.24 -19.32 -22.44
N ALA B 359 17.32 -19.03 -23.22
CA ALA B 359 18.23 -17.96 -22.88
C ALA B 359 17.61 -16.56 -23.14
N MET B 360 16.45 -16.48 -23.88
CA MET B 360 15.84 -15.22 -24.29
C MET B 360 14.71 -14.77 -23.40
N LYS B 361 14.61 -13.45 -23.17
CA LYS B 361 13.52 -12.87 -22.38
C LYS B 361 12.16 -13.20 -23.00
N LEU B 362 12.09 -13.21 -24.37
CA LEU B 362 10.84 -13.54 -25.08
C LEU B 362 10.29 -14.96 -24.74
N TYR B 363 11.17 -15.88 -24.29
CA TYR B 363 10.75 -17.21 -23.86
C TYR B 363 9.82 -17.21 -22.61
N ARG B 364 10.03 -16.33 -21.59
CA ARG B 364 9.24 -16.30 -20.33
C ARG B 364 8.35 -15.10 -20.07
N ASP B 365 8.76 -13.91 -20.50
CA ASP B 365 8.10 -12.69 -20.09
C ASP B 365 6.81 -12.39 -20.84
N GLU B 366 5.75 -11.92 -20.14
CA GLU B 366 4.46 -11.55 -20.78
C GLU B 366 4.69 -10.25 -21.57
N SER B 367 4.54 -10.29 -22.91
CA SER B 367 4.79 -9.10 -23.75
C SER B 367 3.57 -8.15 -23.83
N PHE B 368 2.33 -8.68 -23.75
CA PHE B 368 1.08 -7.90 -23.92
C PHE B 368 1.19 -6.91 -25.11
N GLY B 369 1.73 -7.41 -26.22
CA GLY B 369 1.96 -6.65 -27.44
C GLY B 369 1.93 -7.56 -28.64
N PRO B 370 1.96 -7.02 -29.88
CA PRO B 370 1.80 -7.90 -31.05
C PRO B 370 3.08 -8.63 -31.46
N ILE B 371 3.51 -9.56 -30.63
CA ILE B 371 4.76 -10.32 -30.86
C ILE B 371 4.62 -11.75 -30.36
N VAL B 372 5.13 -12.71 -31.13
CA VAL B 372 5.02 -14.11 -30.74
C VAL B 372 6.35 -14.80 -31.09
N GLY B 373 6.76 -15.74 -30.23
CA GLY B 373 7.99 -16.51 -30.43
C GLY B 373 7.71 -17.93 -30.92
N ILE B 374 8.57 -18.45 -31.81
CA ILE B 374 8.47 -19.82 -32.30
C ILE B 374 9.61 -20.60 -31.64
N ILE B 375 9.26 -21.66 -30.91
CA ILE B 375 10.20 -22.48 -30.15
C ILE B 375 10.19 -23.88 -30.74
N ARG B 376 11.38 -24.41 -31.06
CA ARG B 376 11.55 -25.75 -31.63
C ARG B 376 11.46 -26.85 -30.53
N ALA B 377 10.67 -27.91 -30.80
CA ALA B 377 10.53 -29.07 -29.93
C ALA B 377 11.03 -30.28 -30.71
N LYS B 378 11.75 -31.18 -30.04
CA LYS B 378 12.27 -32.39 -30.67
C LYS B 378 11.11 -33.33 -31.09
N ASP B 379 10.17 -33.56 -30.18
CA ASP B 379 9.04 -34.48 -30.36
C ASP B 379 7.88 -34.09 -29.43
N GLU B 380 6.76 -34.89 -29.41
CA GLU B 380 5.59 -34.58 -28.56
C GLU B 380 5.96 -34.43 -27.08
N ALA B 381 6.77 -35.35 -26.54
CA ALA B 381 7.16 -35.31 -25.11
C ALA B 381 7.93 -34.02 -24.79
N ASP B 382 8.85 -33.61 -25.69
CA ASP B 382 9.59 -32.36 -25.52
C ASP B 382 8.64 -31.13 -25.63
N ALA B 383 7.65 -31.18 -26.55
CA ALA B 383 6.68 -30.09 -26.72
C ALA B 383 5.85 -29.87 -25.46
N VAL B 384 5.43 -30.97 -24.80
CA VAL B 384 4.69 -30.89 -23.52
C VAL B 384 5.58 -30.25 -22.43
N ARG B 385 6.84 -30.69 -22.32
CA ARG B 385 7.77 -30.13 -21.33
C ARG B 385 7.96 -28.63 -21.58
N LEU B 386 8.13 -28.23 -22.85
CA LEU B 386 8.30 -26.81 -23.19
C LEU B 386 7.03 -26.02 -22.90
N ALA B 387 5.84 -26.57 -23.21
CA ALA B 387 4.57 -25.89 -22.90
C ALA B 387 4.43 -25.65 -21.40
N ASN B 388 4.88 -26.62 -20.58
CA ASN B 388 4.81 -26.51 -19.12
C ASN B 388 5.97 -25.73 -18.49
N ASP B 389 6.99 -25.29 -19.27
CA ASP B 389 8.14 -24.58 -18.71
C ASP B 389 7.80 -23.10 -18.57
N SER B 390 6.89 -22.81 -17.64
CA SER B 390 6.37 -21.48 -17.35
C SER B 390 5.72 -21.49 -15.98
N GLU B 391 5.76 -20.36 -15.27
CA GLU B 391 5.06 -20.25 -13.97
C GLU B 391 3.56 -20.03 -14.22
N TYR B 392 3.20 -19.55 -15.43
CA TYR B 392 1.81 -19.27 -15.83
C TYR B 392 1.07 -20.52 -16.30
N GLY B 393 -0.25 -20.42 -16.32
CA GLY B 393 -1.11 -21.51 -16.76
C GLY B 393 -2.53 -21.08 -16.97
N LEU B 394 -2.78 -20.15 -17.90
CA LEU B 394 -4.15 -19.72 -18.14
C LEU B 394 -4.72 -20.51 -19.33
N ALA B 395 -4.46 -20.09 -20.59
CA ALA B 395 -4.94 -20.80 -21.76
C ALA B 395 -3.78 -21.47 -22.49
N ALA B 396 -4.12 -22.50 -23.26
CA ALA B 396 -3.17 -23.24 -24.08
C ALA B 396 -3.94 -23.87 -25.24
N ALA B 397 -3.24 -24.27 -26.29
CA ALA B 397 -3.86 -24.97 -27.41
C ALA B 397 -2.91 -26.02 -27.95
N VAL B 398 -3.47 -27.06 -28.56
CA VAL B 398 -2.71 -28.17 -29.16
C VAL B 398 -3.33 -28.45 -30.51
N PHE B 399 -2.50 -28.52 -31.56
CA PHE B 399 -2.94 -28.83 -32.91
C PHE B 399 -2.43 -30.21 -33.32
N THR B 400 -3.36 -31.06 -33.74
CA THR B 400 -3.08 -32.43 -34.17
C THR B 400 -4.34 -32.99 -34.84
N ARG B 401 -4.18 -33.71 -35.97
CA ARG B 401 -5.33 -34.35 -36.62
C ARG B 401 -5.84 -35.54 -35.79
N ASP B 402 -5.02 -36.05 -34.86
CA ASP B 402 -5.39 -37.15 -33.97
C ASP B 402 -5.89 -36.47 -32.68
N THR B 403 -7.19 -36.25 -32.62
CA THR B 403 -7.81 -35.59 -31.49
C THR B 403 -7.67 -36.39 -30.16
N ALA B 404 -7.62 -37.74 -30.23
CA ALA B 404 -7.40 -38.57 -29.02
C ALA B 404 -5.98 -38.24 -28.45
N ARG B 405 -4.99 -38.03 -29.34
CA ARG B 405 -3.65 -37.62 -28.95
C ARG B 405 -3.69 -36.19 -28.37
N GLY B 406 -4.50 -35.32 -28.98
CA GLY B 406 -4.75 -33.98 -28.46
C GLY B 406 -5.25 -34.02 -27.03
N LEU B 407 -6.16 -34.98 -26.71
CA LEU B 407 -6.66 -35.12 -25.32
C LEU B 407 -5.57 -35.58 -24.37
N ARG B 408 -4.74 -36.58 -24.78
CA ARG B 408 -3.64 -37.05 -23.96
C ARG B 408 -2.67 -35.89 -23.65
N VAL B 409 -2.37 -35.05 -24.66
CA VAL B 409 -1.48 -33.90 -24.48
C VAL B 409 -2.16 -32.85 -23.59
N ALA B 410 -3.45 -32.52 -23.87
CA ALA B 410 -4.16 -31.51 -23.05
C ALA B 410 -4.17 -31.91 -21.56
N ARG B 411 -4.32 -33.22 -21.26
CA ARG B 411 -4.34 -33.72 -19.88
C ARG B 411 -2.99 -33.45 -19.17
N GLN B 412 -1.87 -33.47 -19.90
CA GLN B 412 -0.52 -33.22 -19.35
C GLN B 412 -0.16 -31.73 -19.27
N ILE B 413 -0.80 -30.87 -20.07
CA ILE B 413 -0.52 -29.44 -20.02
C ILE B 413 -1.12 -28.85 -18.75
N ARG B 414 -0.33 -28.06 -18.02
CA ARG B 414 -0.80 -27.44 -16.78
C ARG B 414 -1.38 -26.06 -17.10
N SER B 415 -2.70 -25.99 -17.19
CA SER B 415 -3.40 -24.75 -17.51
C SER B 415 -4.86 -24.88 -17.07
N GLY B 416 -5.54 -23.75 -16.94
CA GLY B 416 -6.95 -23.73 -16.60
C GLY B 416 -7.81 -24.03 -17.82
N ILE B 417 -7.25 -23.79 -19.01
CA ILE B 417 -7.95 -23.89 -20.30
C ILE B 417 -7.05 -24.55 -21.33
N CYS B 418 -7.58 -25.49 -22.11
CA CYS B 418 -6.83 -26.07 -23.23
C CYS B 418 -7.78 -26.35 -24.42
N HIS B 419 -7.45 -25.79 -25.58
CA HIS B 419 -8.22 -25.95 -26.79
C HIS B 419 -7.53 -26.88 -27.76
N ILE B 420 -8.18 -27.99 -28.15
CA ILE B 420 -7.60 -28.92 -29.12
C ILE B 420 -8.11 -28.47 -30.51
N ASN B 421 -7.17 -28.10 -31.38
CA ASN B 421 -7.40 -27.61 -32.74
C ASN B 421 -8.21 -26.27 -32.78
N GLY B 422 -8.14 -25.48 -31.70
CA GLY B 422 -8.76 -24.17 -31.63
C GLY B 422 -7.72 -23.14 -31.21
N PRO B 423 -7.96 -21.83 -31.43
CA PRO B 423 -6.98 -20.82 -30.98
C PRO B 423 -6.95 -20.70 -29.46
N THR B 424 -5.90 -20.05 -28.92
CA THR B 424 -5.81 -19.83 -27.46
C THR B 424 -6.82 -18.75 -27.03
N VAL B 425 -7.20 -17.85 -27.94
CA VAL B 425 -8.16 -16.77 -27.68
C VAL B 425 -9.58 -17.29 -27.93
N HIS B 426 -10.35 -17.46 -26.87
CA HIS B 426 -11.70 -18.01 -26.94
C HIS B 426 -12.33 -17.83 -25.57
N ASP B 427 -13.53 -17.30 -25.52
CA ASP B 427 -14.28 -17.22 -24.27
C ASP B 427 -15.75 -17.16 -24.60
N GLU B 428 -16.55 -17.78 -23.75
CA GLU B 428 -18.02 -17.79 -23.88
C GLU B 428 -18.54 -17.68 -22.46
N ALA B 429 -19.60 -16.90 -22.25
CA ALA B 429 -20.13 -16.62 -20.92
C ALA B 429 -20.51 -17.88 -20.11
N GLN B 430 -20.97 -18.94 -20.80
CA GLN B 430 -21.41 -20.17 -20.11
C GLN B 430 -20.25 -21.11 -19.75
N MET B 431 -19.00 -20.80 -20.13
CA MET B 431 -17.85 -21.68 -19.89
C MET B 431 -17.04 -21.23 -18.67
N PRO B 432 -16.51 -22.16 -17.85
CA PRO B 432 -15.67 -21.73 -16.71
C PRO B 432 -14.30 -21.24 -17.23
N PHE B 433 -13.86 -20.08 -16.74
CA PHE B 433 -12.65 -19.42 -17.26
C PHE B 433 -11.75 -18.99 -16.12
N GLY B 434 -10.54 -19.50 -16.08
CA GLY B 434 -9.56 -19.11 -15.05
C GLY B 434 -8.27 -19.90 -15.19
N GLY B 435 -7.29 -19.61 -14.36
CA GLY B 435 -5.96 -20.21 -14.47
C GLY B 435 -5.52 -21.05 -13.29
N VAL B 436 -4.26 -21.46 -13.35
CA VAL B 436 -3.53 -22.21 -12.31
C VAL B 436 -2.17 -21.51 -12.15
N GLY B 437 -1.42 -21.87 -11.12
CA GLY B 437 -0.09 -21.29 -10.88
C GLY B 437 -0.12 -19.77 -10.75
N ALA B 438 0.84 -19.09 -11.41
CA ALA B 438 0.94 -17.64 -11.41
C ALA B 438 -0.24 -16.95 -12.14
N SER B 439 -1.06 -17.72 -12.90
CA SER B 439 -2.26 -17.17 -13.56
C SER B 439 -3.45 -17.02 -12.59
N GLY B 440 -3.30 -17.44 -11.32
CA GLY B 440 -4.33 -17.25 -10.31
C GLY B 440 -5.19 -18.45 -10.02
N TYR B 441 -6.39 -18.20 -9.49
CA TYR B 441 -7.35 -19.24 -9.11
C TYR B 441 -8.76 -18.64 -9.09
N GLY B 442 -9.75 -19.53 -9.04
CA GLY B 442 -11.15 -19.15 -9.16
C GLY B 442 -11.52 -19.13 -10.64
N ARG B 443 -12.81 -19.14 -10.93
CA ARG B 443 -13.32 -19.17 -12.30
C ARG B 443 -14.49 -18.23 -12.48
N PHE B 444 -14.52 -17.49 -13.59
CA PHE B 444 -15.69 -16.76 -14.02
C PHE B 444 -16.45 -17.73 -14.93
N GLY B 445 -17.75 -17.49 -15.13
CA GLY B 445 -18.53 -18.21 -16.13
C GLY B 445 -19.17 -19.51 -15.67
N GLY B 446 -20.33 -19.79 -16.27
CA GLY B 446 -21.11 -20.99 -15.97
C GLY B 446 -21.44 -21.15 -14.49
N LYS B 447 -21.56 -22.41 -14.06
CA LYS B 447 -21.88 -22.73 -12.67
C LYS B 447 -20.75 -22.34 -11.72
N ALA B 448 -19.47 -22.42 -12.18
CA ALA B 448 -18.33 -22.03 -11.35
C ALA B 448 -18.44 -20.55 -10.95
N GLY B 449 -18.81 -19.67 -11.89
CA GLY B 449 -19.00 -18.26 -11.63
C GLY B 449 -20.06 -18.00 -10.58
N ILE B 450 -21.19 -18.72 -10.66
CA ILE B 450 -22.26 -18.62 -9.65
C ILE B 450 -21.71 -18.95 -8.26
N ASP B 451 -20.94 -20.05 -8.15
CA ASP B 451 -20.34 -20.45 -6.85
C ASP B 451 -19.41 -19.38 -6.26
N GLN B 452 -18.72 -18.61 -7.12
CA GLN B 452 -17.81 -17.55 -6.64
C GLN B 452 -18.57 -16.40 -5.97
N PHE B 453 -19.81 -16.13 -6.40
CA PHE B 453 -20.60 -14.98 -5.92
C PHE B 453 -21.83 -15.34 -5.11
N THR B 454 -21.79 -16.52 -4.46
CA THR B 454 -22.87 -16.92 -3.56
C THR B 454 -22.24 -17.54 -2.36
N GLU B 455 -23.01 -17.60 -1.29
CA GLU B 455 -22.61 -18.20 -0.04
C GLU B 455 -23.33 -19.52 0.05
N LEU B 456 -22.59 -20.64 0.15
CA LEU B 456 -23.20 -21.97 0.27
C LEU B 456 -23.49 -22.21 1.75
N ARG B 457 -24.78 -22.40 2.10
CA ARG B 457 -25.16 -22.57 3.50
C ARG B 457 -25.83 -23.92 3.72
N TRP B 458 -25.49 -24.58 4.81
CA TRP B 458 -26.11 -25.85 5.19
C TRP B 458 -27.23 -25.49 6.14
N ILE B 459 -28.47 -25.64 5.69
CA ILE B 459 -29.67 -25.29 6.49
C ILE B 459 -30.44 -26.55 6.73
N THR B 460 -30.78 -26.85 7.99
CA THR B 460 -31.57 -28.03 8.27
C THR B 460 -32.82 -27.70 9.08
N MET B 461 -33.80 -28.60 9.00
N MET B 461 -33.79 -28.60 9.01
CA MET B 461 -35.05 -28.50 9.73
CA MET B 461 -35.03 -28.50 9.74
C MET B 461 -35.38 -29.88 10.30
C MET B 461 -35.38 -29.87 10.29
N GLU B 462 -35.63 -29.95 11.61
CA GLU B 462 -36.01 -31.22 12.24
C GLU B 462 -37.52 -31.37 12.11
N THR B 463 -37.99 -32.60 11.91
CA THR B 463 -39.42 -32.94 11.94
C THR B 463 -39.72 -33.96 13.04
N GLN B 464 -38.70 -34.38 13.83
CA GLN B 464 -38.87 -35.35 14.92
C GLN B 464 -38.07 -34.87 16.14
N PRO B 465 -38.40 -35.35 17.35
CA PRO B 465 -37.57 -34.99 18.52
C PRO B 465 -36.17 -35.58 18.41
N GLY B 466 -35.17 -34.88 18.91
CA GLY B 466 -33.79 -35.35 18.86
C GLY B 466 -33.52 -36.44 19.89
N HIS B 467 -32.49 -37.25 19.66
CA HIS B 467 -32.06 -38.29 20.59
C HIS B 467 -30.60 -37.98 20.91
N PHE B 468 -30.36 -37.42 22.10
CA PHE B 468 -29.03 -36.94 22.48
C PHE B 468 -28.24 -37.95 23.32
N PRO B 469 -26.92 -38.13 23.04
CA PRO B 469 -26.12 -39.08 23.86
C PRO B 469 -25.90 -38.60 25.30
N ILE B 470 -25.92 -37.27 25.55
CA ILE B 470 -25.81 -36.68 26.91
C ILE B 470 -26.89 -35.59 27.06
N THR C 5 -9.76 33.66 -26.96
CA THR C 5 -9.60 34.66 -25.91
C THR C 5 -10.73 34.49 -24.87
N VAL C 6 -10.40 33.88 -23.70
CA VAL C 6 -11.36 33.58 -22.64
C VAL C 6 -10.90 34.26 -21.34
N ASN C 7 -11.82 35.02 -20.71
CA ASN C 7 -11.57 35.72 -19.46
C ASN C 7 -12.54 35.25 -18.40
N PHE C 8 -12.18 35.48 -17.13
CA PHE C 8 -13.05 35.26 -15.98
C PHE C 8 -13.15 36.63 -15.33
N GLU C 9 -14.12 36.81 -14.44
CA GLU C 9 -14.26 38.08 -13.75
C GLU C 9 -14.32 37.89 -12.24
N ARG C 10 -14.05 38.97 -11.54
CA ARG C 10 -14.19 39.05 -10.10
C ARG C 10 -15.28 40.10 -9.85
N ILE C 11 -16.33 39.74 -9.12
CA ILE C 11 -17.41 40.68 -8.80
C ILE C 11 -17.04 41.43 -7.51
N ASN C 12 -17.28 42.76 -7.52
CA ASN C 12 -17.05 43.64 -6.37
C ASN C 12 -18.06 43.27 -5.25
N PRO C 13 -17.60 42.88 -4.04
CA PRO C 13 -18.57 42.49 -2.99
C PRO C 13 -19.44 43.61 -2.41
N MET C 14 -19.06 44.89 -2.59
CA MET C 14 -19.85 46.01 -2.07
C MET C 14 -20.92 46.48 -3.05
N THR C 15 -20.64 46.41 -4.37
CA THR C 15 -21.57 46.86 -5.42
C THR C 15 -22.23 45.74 -6.24
N ASN C 16 -21.69 44.51 -6.21
CA ASN C 16 -22.17 43.36 -7.01
C ASN C 16 -22.00 43.59 -8.54
N GLN C 17 -21.10 44.51 -8.93
CA GLN C 17 -20.76 44.80 -10.33
C GLN C 17 -19.35 44.26 -10.53
N THR C 18 -18.90 44.12 -11.78
CA THR C 18 -17.56 43.62 -12.09
C THR C 18 -16.47 44.53 -11.51
N ALA C 19 -15.56 43.96 -10.72
CA ALA C 19 -14.42 44.68 -10.16
C ALA C 19 -13.27 44.61 -11.16
N SER C 20 -13.08 43.45 -11.78
CA SER C 20 -11.97 43.24 -12.69
C SER C 20 -12.16 41.97 -13.50
N THR C 21 -11.34 41.80 -14.55
CA THR C 21 -11.34 40.61 -15.40
C THR C 21 -9.90 40.23 -15.66
N ALA C 22 -9.67 38.96 -15.97
CA ALA C 22 -8.33 38.47 -16.26
C ALA C 22 -8.42 37.26 -17.15
N LYS C 23 -7.32 36.94 -17.85
CA LYS C 23 -7.26 35.80 -18.76
C LYS C 23 -7.45 34.48 -18.00
N ALA C 24 -8.35 33.62 -18.50
CA ALA C 24 -8.58 32.29 -17.94
C ALA C 24 -7.60 31.40 -18.70
N MET C 25 -6.35 31.32 -18.21
CA MET C 25 -5.33 30.54 -18.93
C MET C 25 -5.61 29.04 -18.90
N THR C 26 -5.23 28.36 -19.99
CA THR C 26 -5.34 26.91 -20.10
C THR C 26 -4.07 26.30 -19.53
N ALA C 27 -4.04 24.96 -19.38
CA ALA C 27 -2.83 24.27 -18.91
C ALA C 27 -1.68 24.48 -19.91
N ALA C 28 -1.97 24.49 -21.23
CA ALA C 28 -0.97 24.71 -22.27
C ALA C 28 -0.35 26.11 -22.17
N GLU C 29 -1.18 27.15 -21.92
CA GLU C 29 -0.69 28.51 -21.77
C GLU C 29 0.16 28.65 -20.51
N ALA C 30 -0.24 27.98 -19.41
CA ALA C 30 0.53 27.99 -18.18
C ALA C 30 1.91 27.30 -18.40
N ARG C 31 1.95 26.19 -19.17
CA ARG C 31 3.23 25.53 -19.49
C ARG C 31 4.14 26.44 -20.30
N ALA C 32 3.57 27.23 -21.26
CA ALA C 32 4.35 28.17 -22.06
C ALA C 32 4.92 29.29 -21.17
N VAL C 33 4.20 29.69 -20.10
CA VAL C 33 4.76 30.68 -19.15
C VAL C 33 5.98 30.02 -18.45
N ALA C 34 5.86 28.76 -18.01
CA ALA C 34 7.00 28.07 -17.37
C ALA C 34 8.18 27.91 -18.33
N ASP C 35 7.93 27.73 -19.65
CA ASP C 35 9.02 27.66 -20.65
C ASP C 35 9.76 29.00 -20.74
N ARG C 36 9.03 30.14 -20.70
CA ARG C 36 9.67 31.47 -20.73
C ARG C 36 10.48 31.68 -19.45
N ALA C 37 9.95 31.25 -18.28
CA ALA C 37 10.68 31.37 -16.99
C ALA C 37 11.95 30.53 -17.02
N ALA C 38 11.86 29.30 -17.56
CA ALA C 38 13.01 28.39 -17.68
C ALA C 38 14.12 29.04 -18.52
N ALA C 39 13.76 29.73 -19.63
CA ALA C 39 14.74 30.38 -20.51
C ALA C 39 15.37 31.64 -19.87
N GLY C 40 14.61 32.36 -19.06
CA GLY C 40 15.10 33.55 -18.38
C GLY C 40 16.01 33.28 -17.19
N PHE C 41 15.88 32.08 -16.57
CA PHE C 41 16.67 31.68 -15.40
C PHE C 41 18.21 31.80 -15.56
N ALA C 42 18.80 31.22 -16.62
CA ALA C 42 20.28 31.19 -16.77
C ALA C 42 20.96 32.54 -16.61
N GLY C 43 20.47 33.56 -17.32
CA GLY C 43 21.02 34.90 -17.27
C GLY C 43 20.90 35.56 -15.90
N TRP C 44 19.68 35.53 -15.33
CA TRP C 44 19.41 36.10 -14.00
C TRP C 44 20.22 35.41 -12.89
N SER C 45 20.38 34.09 -12.97
CA SER C 45 21.05 33.31 -11.94
C SER C 45 22.54 33.64 -11.75
N VAL C 46 23.21 34.21 -12.76
CA VAL C 46 24.64 34.54 -12.66
C VAL C 46 24.90 36.02 -12.37
N LEU C 47 23.85 36.82 -12.18
CA LEU C 47 24.01 38.24 -11.89
C LEU C 47 24.59 38.38 -10.46
N GLY C 48 25.53 39.32 -10.27
CA GLY C 48 26.19 39.57 -8.98
C GLY C 48 25.24 40.10 -7.92
N PRO C 49 25.61 40.04 -6.62
CA PRO C 49 24.65 40.47 -5.58
C PRO C 49 24.27 41.95 -5.61
N ASN C 50 25.19 42.88 -5.91
CA ASN C 50 24.80 44.31 -5.96
C ASN C 50 23.91 44.63 -7.17
N ALA C 51 24.13 43.95 -8.30
CA ALA C 51 23.30 44.16 -9.49
C ALA C 51 21.89 43.63 -9.22
N ARG C 52 21.79 42.47 -8.56
N ARG C 52 21.77 42.45 -8.56
CA ARG C 52 20.50 41.90 -8.17
CA ARG C 52 20.45 41.90 -8.19
C ARG C 52 19.77 42.81 -7.18
C ARG C 52 19.75 42.82 -7.18
N ARG C 53 20.50 43.32 -6.17
CA ARG C 53 19.95 44.25 -5.16
C ARG C 53 19.39 45.51 -5.84
N ALA C 54 20.15 46.11 -6.78
CA ALA C 54 19.69 47.32 -7.48
C ALA C 54 18.38 47.11 -8.26
N VAL C 55 18.19 45.94 -8.92
CA VAL C 55 16.93 45.66 -9.64
C VAL C 55 15.79 45.54 -8.63
N LEU C 56 16.00 44.82 -7.50
CA LEU C 56 14.96 44.65 -6.51
C LEU C 56 14.56 45.97 -5.85
N MET C 57 15.53 46.89 -5.65
CA MET C 57 15.24 48.23 -5.11
C MET C 57 14.38 49.03 -6.09
N LYS C 58 14.60 48.87 -7.42
CA LYS C 58 13.76 49.53 -8.43
C LYS C 58 12.34 48.93 -8.40
N ALA C 59 12.21 47.60 -8.16
CA ALA C 59 10.90 46.94 -8.06
C ALA C 59 10.10 47.50 -6.89
N ALA C 60 10.73 47.69 -5.71
CA ALA C 60 10.06 48.27 -4.52
C ALA C 60 9.54 49.70 -4.84
N ALA C 61 10.38 50.54 -5.50
CA ALA C 61 9.96 51.90 -5.87
C ALA C 61 8.82 51.86 -6.93
N ALA C 62 8.89 50.93 -7.92
CA ALA C 62 7.84 50.82 -8.94
C ALA C 62 6.52 50.34 -8.31
N LEU C 63 6.60 49.49 -7.26
CA LEU C 63 5.40 49.03 -6.52
C LEU C 63 4.75 50.25 -5.86
N GLU C 64 5.54 51.06 -5.15
CA GLU C 64 5.04 52.28 -4.49
C GLU C 64 4.50 53.30 -5.51
N ALA C 65 5.07 53.39 -6.72
CA ALA C 65 4.59 54.29 -7.77
C ALA C 65 3.18 53.89 -8.30
N ARG C 66 2.76 52.58 -8.23
CA ARG C 66 1.41 52.15 -8.66
C ARG C 66 0.39 52.19 -7.48
N LYS C 67 0.65 52.98 -6.41
CA LYS C 67 -0.23 53.10 -5.24
C LYS C 67 -1.72 53.28 -5.56
N ASP C 68 -2.07 54.23 -6.45
CA ASP C 68 -3.48 54.49 -6.80
C ASP C 68 -4.14 53.27 -7.43
N ASP C 69 -3.44 52.58 -8.35
CA ASP C 69 -3.97 51.35 -8.97
C ASP C 69 -4.15 50.25 -7.93
N PHE C 70 -3.21 50.13 -6.96
CA PHE C 70 -3.32 49.10 -5.91
C PHE C 70 -4.47 49.37 -4.95
N VAL C 71 -4.65 50.64 -4.51
CA VAL C 71 -5.73 50.98 -3.57
C VAL C 71 -7.09 50.72 -4.23
N GLN C 72 -7.26 51.15 -5.50
CA GLN C 72 -8.52 50.94 -6.24
C GLN C 72 -8.81 49.43 -6.40
N ALA C 73 -7.80 48.66 -6.83
CA ALA C 73 -7.91 47.22 -7.07
C ALA C 73 -8.29 46.43 -5.81
N MET C 74 -7.61 46.66 -4.68
CA MET C 74 -7.94 45.95 -3.43
C MET C 74 -9.31 46.31 -2.89
N MET C 75 -9.66 47.60 -2.90
CA MET C 75 -10.97 48.03 -2.41
C MET C 75 -12.08 47.41 -3.25
N ALA C 76 -11.92 47.43 -4.58
CA ALA C 76 -12.92 46.87 -5.48
C ALA C 76 -12.98 45.33 -5.42
N GLU C 77 -11.83 44.65 -5.48
CA GLU C 77 -11.81 43.19 -5.56
C GLU C 77 -12.13 42.45 -4.27
N ILE C 78 -11.62 42.90 -3.10
CA ILE C 78 -11.82 42.16 -1.85
C ILE C 78 -12.63 42.94 -0.80
N GLY C 79 -13.03 44.18 -1.10
CA GLY C 79 -13.80 44.99 -0.15
C GLY C 79 -12.94 45.54 0.97
N ALA C 80 -11.64 45.77 0.69
CA ALA C 80 -10.71 46.29 1.70
C ALA C 80 -10.90 47.79 1.95
N THR C 81 -10.45 48.25 3.11
CA THR C 81 -10.41 49.67 3.41
C THR C 81 -9.17 50.22 2.70
N ALA C 82 -9.14 51.53 2.41
CA ALA C 82 -7.95 52.16 1.80
C ALA C 82 -6.75 52.02 2.76
N GLY C 83 -7.03 51.99 4.08
CA GLY C 83 -6.01 51.79 5.10
C GLY C 83 -5.34 50.45 5.00
N TRP C 84 -6.14 49.36 4.85
CA TRP C 84 -5.62 47.99 4.71
C TRP C 84 -4.80 47.89 3.42
N ALA C 85 -5.25 48.56 2.34
CA ALA C 85 -4.50 48.58 1.08
C ALA C 85 -3.18 49.34 1.19
N MET C 86 -3.17 50.51 1.85
CA MET C 86 -1.92 51.27 2.04
C MET C 86 -0.96 50.48 2.96
N PHE C 87 -1.49 49.82 4.01
CA PHE C 87 -0.68 48.99 4.91
C PHE C 87 -0.02 47.86 4.09
N ASN C 88 -0.80 47.23 3.19
CA ASN C 88 -0.30 46.19 2.30
C ASN C 88 0.83 46.66 1.41
N LEU C 89 0.66 47.86 0.81
CA LEU C 89 1.64 48.42 -0.10
C LEU C 89 2.92 48.76 0.63
N MET C 90 2.80 49.42 1.80
CA MET C 90 3.93 49.82 2.65
C MET C 90 4.77 48.62 3.06
N LEU C 91 4.12 47.63 3.67
CA LEU C 91 4.85 46.43 4.12
C LEU C 91 5.37 45.59 2.94
N ALA C 92 4.64 45.52 1.81
CA ALA C 92 5.12 44.74 0.67
C ALA C 92 6.41 45.37 0.14
N ALA C 93 6.46 46.70 0.05
CA ALA C 93 7.65 47.43 -0.41
C ALA C 93 8.83 47.20 0.55
N SER C 94 8.57 47.19 1.87
CA SER C 94 9.61 46.93 2.87
C SER C 94 10.18 45.49 2.71
N MET C 95 9.31 44.49 2.41
CA MET C 95 9.74 43.10 2.19
C MET C 95 10.62 42.95 0.93
N ILE C 96 10.32 43.72 -0.13
CA ILE C 96 11.15 43.71 -1.35
C ILE C 96 12.54 44.30 -0.99
N ARG C 97 12.57 45.40 -0.21
CA ARG C 97 13.85 46.00 0.21
C ARG C 97 14.62 45.05 1.13
N GLU C 98 13.93 44.26 1.98
CA GLU C 98 14.62 43.24 2.81
C GLU C 98 15.23 42.18 1.86
N ALA C 99 14.45 41.70 0.83
CA ALA C 99 15.00 40.71 -0.13
C ALA C 99 16.22 41.30 -0.86
N ALA C 100 16.18 42.61 -1.22
CA ALA C 100 17.32 43.29 -1.88
C ALA C 100 18.53 43.33 -0.90
N ALA C 101 18.29 43.62 0.39
CA ALA C 101 19.35 43.63 1.41
C ALA C 101 20.06 42.26 1.53
N LEU C 102 19.32 41.14 1.37
CA LEU C 102 19.89 39.79 1.51
C LEU C 102 20.83 39.31 0.43
N THR C 103 20.97 39.97 -0.71
CA THR C 103 21.75 39.38 -1.80
C THR C 103 23.20 39.10 -1.42
N THR C 104 23.88 39.99 -0.64
CA THR C 104 25.27 39.75 -0.23
C THR C 104 25.34 38.76 0.95
N GLN C 105 24.19 38.37 1.53
CA GLN C 105 24.09 37.46 2.68
C GLN C 105 23.80 36.01 2.28
N ILE C 106 23.62 35.73 0.96
CA ILE C 106 23.30 34.38 0.48
C ILE C 106 24.62 33.79 0.03
N GLY C 107 25.25 33.00 0.87
CA GLY C 107 26.55 32.45 0.53
C GLY C 107 26.64 30.97 0.82
N GLY C 108 27.71 30.59 1.50
CA GLY C 108 27.95 29.20 1.81
C GLY C 108 28.85 29.06 2.99
N GLU C 109 29.32 27.84 3.21
CA GLU C 109 30.16 27.49 4.34
C GLU C 109 31.37 26.74 3.84
N VAL C 110 32.50 26.85 4.55
CA VAL C 110 33.71 26.09 4.25
C VAL C 110 33.76 25.14 5.44
N ILE C 111 33.86 23.84 5.20
CA ILE C 111 33.80 22.84 6.28
C ILE C 111 35.13 22.09 6.33
N PRO C 112 35.76 21.93 7.50
CA PRO C 112 37.03 21.18 7.55
C PRO C 112 36.84 19.70 7.19
N SER C 113 37.74 19.18 6.39
CA SER C 113 37.68 17.80 5.90
C SER C 113 38.80 16.97 6.53
N ASP C 114 38.53 15.66 6.72
CA ASP C 114 39.56 14.72 7.16
C ASP C 114 40.35 14.17 5.99
N LYS C 115 40.00 14.52 4.75
CA LYS C 115 40.76 14.08 3.58
C LYS C 115 41.90 15.13 3.40
N PRO C 116 43.19 14.75 3.53
CA PRO C 116 44.27 15.77 3.44
C PRO C 116 44.24 16.63 2.17
N GLY C 117 44.29 17.95 2.36
CA GLY C 117 44.31 18.91 1.25
C GLY C 117 42.97 19.20 0.60
N CYS C 118 41.89 18.53 1.02
CA CYS C 118 40.59 18.69 0.42
C CYS C 118 39.93 19.99 0.90
N LEU C 119 39.62 20.91 -0.04
CA LEU C 119 38.87 22.13 0.31
C LEU C 119 37.42 21.75 0.10
N ALA C 120 36.58 21.83 1.15
CA ALA C 120 35.17 21.40 1.09
C ALA C 120 34.22 22.57 1.31
N LEU C 121 33.29 22.77 0.35
CA LEU C 121 32.32 23.89 0.40
C LEU C 121 30.89 23.38 0.45
N ALA C 122 30.02 24.13 1.11
CA ALA C 122 28.58 23.85 1.14
C ALA C 122 27.99 25.15 0.59
N LEU C 123 27.62 25.15 -0.69
CA LEU C 123 27.17 26.35 -1.41
C LEU C 123 25.68 26.43 -1.57
N ARG C 124 25.08 27.62 -1.35
CA ARG C 124 23.64 27.81 -1.58
C ARG C 124 23.52 28.42 -2.96
N GLU C 125 23.03 27.66 -3.94
CA GLU C 125 22.93 28.12 -5.32
C GLU C 125 21.48 28.34 -5.77
N PRO C 126 21.25 29.18 -6.80
CA PRO C 126 19.87 29.31 -7.34
C PRO C 126 19.33 27.94 -7.80
N VAL C 127 18.03 27.70 -7.69
CA VAL C 127 17.44 26.41 -8.06
C VAL C 127 16.96 26.35 -9.54
N GLY C 128 16.19 27.34 -9.97
CA GLY C 128 15.58 27.34 -11.30
C GLY C 128 14.35 28.22 -11.31
N VAL C 129 13.18 27.64 -11.58
CA VAL C 129 11.91 28.39 -11.57
C VAL C 129 11.18 28.09 -10.27
N VAL C 130 10.74 29.15 -9.57
CA VAL C 130 9.97 28.97 -8.34
C VAL C 130 8.52 29.33 -8.67
N LEU C 131 7.59 28.45 -8.29
CA LEU C 131 6.17 28.70 -8.45
C LEU C 131 5.65 29.23 -7.12
N GLY C 132 5.08 30.43 -7.13
CA GLY C 132 4.54 31.06 -5.94
C GLY C 132 3.05 31.27 -6.04
N ILE C 133 2.27 30.54 -5.21
CA ILE C 133 0.80 30.62 -5.26
C ILE C 133 0.35 31.50 -4.09
N ALA C 134 -0.23 32.66 -4.37
CA ALA C 134 -0.56 33.62 -3.33
C ALA C 134 -2.06 33.77 -3.11
N PRO C 135 -2.47 33.95 -1.84
CA PRO C 135 -3.89 34.14 -1.54
C PRO C 135 -4.25 35.64 -1.63
N TRP C 136 -5.53 35.92 -1.39
CA TRP C 136 -6.15 37.25 -1.53
C TRP C 136 -6.25 38.11 -0.27
N ASN C 137 -6.12 37.56 0.94
CA ASN C 137 -6.45 38.31 2.16
C ASN C 137 -5.53 39.52 2.50
N ALA C 138 -4.20 39.42 2.27
CA ALA C 138 -3.21 40.50 2.39
C ALA C 138 -2.49 40.33 1.02
N PRO C 139 -3.19 40.74 -0.05
CA PRO C 139 -2.77 40.35 -1.40
C PRO C 139 -1.44 40.89 -1.89
N ILE C 140 -1.07 42.13 -1.53
CA ILE C 140 0.22 42.68 -2.00
C ILE C 140 1.33 42.02 -1.17
N ILE C 141 1.15 41.99 0.16
CA ILE C 141 2.11 41.39 1.09
C ILE C 141 2.40 39.94 0.69
N LEU C 142 1.36 39.12 0.50
CA LEU C 142 1.54 37.70 0.21
C LEU C 142 1.90 37.38 -1.25
N GLY C 143 1.46 38.21 -2.21
CA GLY C 143 1.86 38.09 -3.62
C GLY C 143 3.35 38.40 -3.73
N VAL C 144 3.81 39.44 -3.00
CA VAL C 144 5.24 39.79 -2.96
C VAL C 144 6.05 38.73 -2.20
N ARG C 145 5.52 38.20 -1.08
CA ARG C 145 6.21 37.16 -0.30
C ARG C 145 6.47 35.91 -1.15
N ALA C 146 5.51 35.56 -2.02
CA ALA C 146 5.61 34.39 -2.91
C ALA C 146 6.80 34.49 -3.88
N ILE C 147 7.27 35.73 -4.20
CA ILE C 147 8.35 35.90 -5.19
C ILE C 147 9.60 36.69 -4.78
N ALA C 148 9.57 37.57 -3.74
CA ALA C 148 10.71 38.46 -3.44
C ALA C 148 12.02 37.76 -3.10
N VAL C 149 12.02 36.92 -2.05
CA VAL C 149 13.23 36.19 -1.65
C VAL C 149 13.55 35.15 -2.75
N PRO C 150 12.58 34.45 -3.36
CA PRO C 150 12.93 33.59 -4.52
C PRO C 150 13.74 34.36 -5.59
N LEU C 151 13.36 35.61 -5.92
CA LEU C 151 14.12 36.41 -6.90
C LEU C 151 15.51 36.78 -6.37
N ALA C 152 15.60 37.14 -5.08
CA ALA C 152 16.87 37.55 -4.46
C ALA C 152 17.87 36.38 -4.45
N CYS C 153 17.35 35.14 -4.41
CA CYS C 153 18.12 33.90 -4.47
C CYS C 153 18.55 33.51 -5.91
N GLY C 154 18.27 34.32 -6.91
CA GLY C 154 18.71 34.06 -8.28
C GLY C 154 17.79 33.17 -9.10
N ASN C 155 16.53 32.99 -8.66
CA ASN C 155 15.56 32.18 -9.41
C ASN C 155 14.66 33.03 -10.30
N ALA C 156 14.11 32.40 -11.39
CA ALA C 156 13.04 33.03 -12.17
C ALA C 156 11.77 32.64 -11.39
N VAL C 157 10.69 33.42 -11.51
CA VAL C 157 9.48 33.14 -10.72
C VAL C 157 8.21 33.17 -11.55
N ILE C 158 7.19 32.43 -11.07
CA ILE C 158 5.84 32.45 -11.62
C ILE C 158 4.95 32.76 -10.43
N LEU C 159 4.29 33.90 -10.46
CA LEU C 159 3.30 34.25 -9.44
C LEU C 159 1.99 33.65 -9.95
N LYS C 160 1.42 32.71 -9.20
CA LYS C 160 0.15 32.10 -9.57
C LYS C 160 -0.90 32.95 -8.84
N ALA C 161 -1.48 33.91 -9.55
CA ALA C 161 -2.41 34.90 -9.00
C ALA C 161 -3.73 34.31 -8.51
N SER C 162 -4.31 34.96 -7.50
CA SER C 162 -5.58 34.53 -6.94
C SER C 162 -6.72 34.96 -7.87
N GLU C 163 -7.71 34.07 -8.10
CA GLU C 163 -8.90 34.42 -8.89
C GLU C 163 -9.77 35.46 -8.15
N ILE C 164 -9.55 35.65 -6.82
CA ILE C 164 -10.29 36.62 -6.02
C ILE C 164 -9.75 38.04 -6.22
N CYS C 165 -8.45 38.21 -6.54
CA CYS C 165 -7.89 39.55 -6.73
C CYS C 165 -6.89 39.54 -7.89
N PRO C 166 -7.33 39.15 -9.11
CA PRO C 166 -6.40 39.07 -10.24
C PRO C 166 -5.74 40.37 -10.64
N ARG C 167 -6.44 41.51 -10.48
CA ARG C 167 -5.85 42.81 -10.80
C ARG C 167 -4.81 43.19 -9.75
N THR C 168 -5.09 43.02 -8.45
CA THR C 168 -4.10 43.35 -7.40
C THR C 168 -2.81 42.55 -7.65
N HIS C 169 -2.93 41.24 -7.93
CA HIS C 169 -1.75 40.41 -8.20
C HIS C 169 -1.10 40.75 -9.54
N GLY C 170 -1.90 41.08 -10.55
CA GLY C 170 -1.39 41.50 -11.85
C GLY C 170 -0.57 42.77 -11.76
N LEU C 171 -0.99 43.71 -10.89
CA LEU C 171 -0.25 44.94 -10.65
C LEU C 171 1.13 44.72 -10.01
N ILE C 172 1.31 43.61 -9.24
CA ILE C 172 2.63 43.32 -8.65
C ILE C 172 3.57 43.02 -9.79
N ILE C 173 3.12 42.18 -10.74
CA ILE C 173 3.95 41.79 -11.88
C ILE C 173 4.20 42.98 -12.84
N GLU C 174 3.22 43.88 -13.00
CA GLU C 174 3.41 45.09 -13.82
C GLU C 174 4.42 46.05 -13.16
N SER C 175 4.44 46.12 -11.81
CA SER C 175 5.42 46.93 -11.06
C SER C 175 6.82 46.35 -11.22
N PHE C 176 6.96 45.01 -11.09
CA PHE C 176 8.25 44.35 -11.24
C PHE C 176 8.75 44.50 -12.69
N ALA C 177 7.82 44.54 -13.68
CA ALA C 177 8.18 44.72 -15.11
C ALA C 177 8.89 46.04 -15.38
N GLU C 178 8.65 47.09 -14.58
CA GLU C 178 9.31 48.38 -14.73
C GLU C 178 10.73 48.43 -14.12
N ALA C 179 11.12 47.43 -13.31
CA ALA C 179 12.40 47.40 -12.61
C ALA C 179 13.62 47.01 -13.46
N GLY C 180 13.41 46.38 -14.61
CA GLY C 180 14.52 45.98 -15.46
C GLY C 180 15.08 44.59 -15.20
N PHE C 181 14.19 43.64 -14.87
CA PHE C 181 14.61 42.24 -14.72
C PHE C 181 14.81 41.73 -16.14
N PRO C 182 15.71 40.76 -16.39
CA PRO C 182 15.78 40.18 -17.76
C PRO C 182 14.44 39.57 -18.20
N GLU C 183 14.27 39.36 -19.51
CA GLU C 183 13.06 38.77 -20.09
C GLU C 183 12.79 37.36 -19.51
N GLY C 184 11.54 37.08 -19.16
CA GLY C 184 11.13 35.79 -18.62
C GLY C 184 11.46 35.55 -17.16
N VAL C 185 12.04 36.51 -16.44
CA VAL C 185 12.40 36.29 -15.03
C VAL C 185 11.18 36.41 -14.11
N VAL C 186 10.29 37.38 -14.37
CA VAL C 186 9.10 37.60 -13.56
C VAL C 186 7.89 37.32 -14.43
N ASN C 187 7.00 36.43 -13.99
CA ASN C 187 5.84 35.99 -14.78
C ASN C 187 4.61 35.82 -13.92
N VAL C 188 3.44 35.89 -14.54
CA VAL C 188 2.16 35.70 -13.87
C VAL C 188 1.37 34.60 -14.57
N VAL C 189 0.58 33.84 -13.79
CA VAL C 189 -0.39 32.90 -14.32
C VAL C 189 -1.72 33.25 -13.65
N THR C 190 -2.77 33.39 -14.47
CA THR C 190 -4.14 33.66 -14.00
C THR C 190 -5.03 32.54 -14.53
N ASN C 191 -6.02 32.13 -13.75
CA ASN C 191 -6.94 31.06 -14.19
C ASN C 191 -8.29 31.21 -13.52
N ALA C 192 -9.34 30.68 -14.18
CA ALA C 192 -10.69 30.66 -13.61
C ALA C 192 -10.67 29.65 -12.44
N PRO C 193 -11.51 29.84 -11.39
CA PRO C 193 -11.47 28.90 -10.24
C PRO C 193 -11.60 27.42 -10.60
N GLN C 194 -12.51 27.10 -11.52
CA GLN C 194 -12.75 25.72 -11.98
C GLN C 194 -11.54 25.07 -12.69
N ASP C 195 -10.58 25.88 -13.20
CA ASP C 195 -9.38 25.37 -13.87
C ASP C 195 -8.16 25.30 -12.93
N ALA C 196 -8.29 25.68 -11.65
CA ALA C 196 -7.19 25.69 -10.68
C ALA C 196 -6.43 24.37 -10.63
N GLY C 197 -7.16 23.27 -10.54
CA GLY C 197 -6.56 21.93 -10.49
C GLY C 197 -5.68 21.60 -11.69
N GLU C 198 -6.21 21.83 -12.90
CA GLU C 198 -5.45 21.56 -14.13
C GLU C 198 -4.29 22.53 -14.39
N VAL C 199 -4.47 23.83 -14.10
CA VAL C 199 -3.42 24.84 -14.34
C VAL C 199 -2.29 24.70 -13.32
N VAL C 200 -2.62 24.59 -12.03
CA VAL C 200 -1.61 24.45 -10.97
C VAL C 200 -0.90 23.09 -11.13
N GLY C 201 -1.66 22.05 -11.48
CA GLY C 201 -1.12 20.72 -11.75
C GLY C 201 -0.10 20.73 -12.87
N ALA C 202 -0.42 21.40 -14.00
CA ALA C 202 0.50 21.51 -15.14
C ALA C 202 1.81 22.24 -14.76
N LEU C 203 1.73 23.29 -13.91
CA LEU C 203 2.92 24.01 -13.45
C LEU C 203 3.75 23.17 -12.50
N ILE C 204 3.10 22.46 -11.54
CA ILE C 204 3.84 21.57 -10.63
C ILE C 204 4.56 20.45 -11.42
N ASP C 205 3.91 19.90 -12.49
CA ASP C 205 4.49 18.84 -13.33
C ASP C 205 5.61 19.34 -14.25
N HIS C 206 5.72 20.66 -14.50
CA HIS C 206 6.70 21.20 -15.43
C HIS C 206 8.15 20.97 -14.95
N PRO C 207 9.03 20.34 -15.77
CA PRO C 207 10.41 20.08 -15.30
C PRO C 207 11.22 21.30 -14.83
N ALA C 208 10.96 22.51 -15.36
CA ALA C 208 11.71 23.71 -14.96
C ALA C 208 11.33 24.21 -13.56
N VAL C 209 10.10 23.89 -13.08
CA VAL C 209 9.61 24.34 -11.79
C VAL C 209 10.23 23.43 -10.71
N LYS C 210 11.14 23.97 -9.91
CA LYS C 210 11.91 23.22 -8.90
C LYS C 210 11.51 23.43 -7.47
N ARG C 211 10.78 24.52 -7.15
CA ARG C 211 10.30 24.80 -5.80
C ARG C 211 8.90 25.36 -5.91
N ILE C 212 8.02 24.97 -4.99
CA ILE C 212 6.64 25.41 -4.96
C ILE C 212 6.39 26.04 -3.58
N ASN C 213 5.90 27.28 -3.52
CA ASN C 213 5.47 27.84 -2.25
C ASN C 213 3.96 28.10 -2.42
N PHE C 214 3.18 27.73 -1.41
CA PHE C 214 1.74 27.85 -1.43
C PHE C 214 1.27 28.37 -0.10
N THR C 215 0.37 29.35 -0.14
CA THR C 215 -0.28 29.88 1.05
C THR C 215 -1.78 29.77 0.76
N GLY C 216 -2.52 29.10 1.64
CA GLY C 216 -3.96 28.88 1.46
C GLY C 216 -4.50 27.87 2.45
N SER C 217 -5.57 27.14 2.08
CA SER C 217 -6.18 26.18 3.02
C SER C 217 -5.43 24.86 3.13
N THR C 218 -5.62 24.13 4.25
CA THR C 218 -5.02 22.81 4.45
C THR C 218 -5.46 21.82 3.35
N GLY C 219 -6.75 21.82 3.00
CA GLY C 219 -7.30 20.93 1.97
C GLY C 219 -6.61 21.07 0.62
N VAL C 220 -6.42 22.31 0.16
CA VAL C 220 -5.72 22.57 -1.12
C VAL C 220 -4.21 22.28 -0.94
N GLY C 221 -3.67 22.61 0.23
CA GLY C 221 -2.28 22.33 0.54
C GLY C 221 -1.91 20.86 0.41
N ARG C 222 -2.78 19.95 0.91
CA ARG C 222 -2.60 18.48 0.85
C ARG C 222 -2.65 18.01 -0.63
N ILE C 223 -3.54 18.60 -1.45
CA ILE C 223 -3.65 18.26 -2.88
C ILE C 223 -2.34 18.66 -3.58
N ILE C 224 -1.84 19.88 -3.29
CA ILE C 224 -0.57 20.37 -3.86
C ILE C 224 0.61 19.46 -3.43
N ALA C 225 0.71 19.11 -2.13
CA ALA C 225 1.79 18.24 -1.65
C ALA C 225 1.75 16.85 -2.36
N LYS C 226 0.56 16.26 -2.49
CA LYS C 226 0.39 14.98 -3.20
C LYS C 226 0.77 15.07 -4.68
N ARG C 227 0.40 16.14 -5.36
CA ARG C 227 0.77 16.36 -6.77
C ARG C 227 2.32 16.59 -6.91
N ALA C 228 2.90 17.35 -5.97
CA ALA C 228 4.36 17.62 -5.96
C ALA C 228 5.17 16.33 -5.73
N ALA C 229 4.67 15.42 -4.85
CA ALA C 229 5.32 14.13 -4.55
C ALA C 229 5.46 13.28 -5.78
N GLU C 230 4.52 13.36 -6.75
CA GLU C 230 4.60 12.59 -7.98
C GLU C 230 5.84 12.92 -8.83
N HIS C 231 6.36 14.16 -8.75
CA HIS C 231 7.59 14.55 -9.44
C HIS C 231 8.69 14.95 -8.43
N LEU C 232 8.60 14.43 -7.17
CA LEU C 232 9.59 14.70 -6.13
C LEU C 232 9.95 16.19 -6.00
N LYS C 233 8.94 17.08 -5.98
CA LYS C 233 9.21 18.52 -5.88
C LYS C 233 9.07 18.98 -4.42
N PRO C 234 10.08 19.63 -3.80
CA PRO C 234 9.88 20.15 -2.42
C PRO C 234 8.85 21.31 -2.38
N CYS C 235 8.07 21.42 -1.30
CA CYS C 235 7.03 22.47 -1.15
C CYS C 235 7.25 23.24 0.14
N LEU C 236 6.85 24.51 0.15
CA LEU C 236 6.79 25.37 1.33
C LEU C 236 5.27 25.60 1.45
N LEU C 237 4.63 25.03 2.48
CA LEU C 237 3.17 25.06 2.66
C LEU C 237 2.79 25.84 3.92
N GLU C 238 2.13 27.00 3.74
CA GLU C 238 1.63 27.89 4.79
C GLU C 238 0.11 27.70 4.74
N LEU C 239 -0.46 26.88 5.61
CA LEU C 239 -1.86 26.49 5.51
C LEU C 239 -2.75 27.12 6.58
N GLY C 240 -3.86 26.47 6.90
CA GLY C 240 -4.77 26.97 7.91
C GLY C 240 -4.16 27.23 9.28
N GLY C 241 -4.96 27.88 10.10
CA GLY C 241 -4.62 28.21 11.47
C GLY C 241 -5.89 28.39 12.27
N LYS C 242 -5.83 28.07 13.55
CA LYS C 242 -6.89 28.36 14.49
C LYS C 242 -6.16 28.90 15.72
N ALA C 243 -5.53 30.08 15.56
CA ALA C 243 -4.67 30.65 16.59
C ALA C 243 -5.28 30.78 17.97
N PRO C 244 -4.66 30.14 18.98
CA PRO C 244 -5.16 30.34 20.35
C PRO C 244 -4.38 31.45 21.05
N LEU C 245 -5.06 32.18 21.92
CA LEU C 245 -4.46 33.18 22.79
C LEU C 245 -4.78 32.73 24.24
N VAL C 246 -3.74 32.39 25.01
CA VAL C 246 -3.91 31.88 26.38
C VAL C 246 -3.78 33.00 27.40
N VAL C 247 -4.75 33.13 28.31
CA VAL C 247 -4.74 34.15 29.35
C VAL C 247 -4.60 33.43 30.68
N LEU C 248 -3.43 33.55 31.33
CA LEU C 248 -3.15 32.91 32.61
C LEU C 248 -3.54 33.82 33.76
N ASP C 249 -3.55 33.26 34.99
CA ASP C 249 -4.08 33.96 36.17
C ASP C 249 -3.39 35.28 36.51
N ASP C 250 -2.11 35.47 36.14
CA ASP C 250 -1.42 36.73 36.42
C ASP C 250 -1.26 37.59 35.15
N ALA C 251 -2.10 37.35 34.11
CA ALA C 251 -2.05 38.15 32.88
C ALA C 251 -2.50 39.59 33.13
N ASP C 252 -1.93 40.55 32.38
CA ASP C 252 -2.39 41.94 32.41
C ASP C 252 -3.66 41.85 31.55
N LEU C 253 -4.84 41.88 32.19
CA LEU C 253 -6.12 41.66 31.51
C LEU C 253 -6.47 42.76 30.50
N ASP C 254 -6.07 44.03 30.74
CA ASP C 254 -6.29 45.13 29.80
C ASP C 254 -5.49 44.90 28.54
N GLU C 255 -4.23 44.59 28.72
CA GLU C 255 -3.34 44.32 27.58
C GLU C 255 -3.80 43.08 26.80
N ALA C 256 -4.20 41.99 27.50
CA ALA C 256 -4.68 40.76 26.84
C ALA C 256 -5.94 41.08 26.00
N ALA C 257 -6.89 41.87 26.56
CA ALA C 257 -8.14 42.24 25.87
C ALA C 257 -7.84 43.08 24.61
N LYS C 258 -6.90 44.04 24.72
CA LYS C 258 -6.51 44.87 23.56
C LYS C 258 -5.81 44.05 22.49
N ALA C 259 -4.87 43.16 22.88
CA ALA C 259 -4.15 42.29 21.92
C ALA C 259 -5.13 41.30 21.28
N ALA C 260 -6.05 40.72 22.08
CA ALA C 260 -7.03 39.78 21.55
C ALA C 260 -8.00 40.45 20.57
N ALA C 261 -8.43 41.69 20.85
CA ALA C 261 -9.35 42.43 19.97
C ALA C 261 -8.67 42.78 18.66
N PHE C 262 -7.43 43.27 18.73
CA PHE C 262 -6.67 43.58 17.54
C PHE C 262 -6.44 42.29 16.71
N GLY C 263 -6.00 41.21 17.34
CA GLY C 263 -5.75 39.95 16.65
C GLY C 263 -6.98 39.26 16.11
N ALA C 264 -8.12 39.34 16.81
CA ALA C 264 -9.35 38.70 16.32
C ALA C 264 -9.97 39.44 15.13
N PHE C 265 -9.97 40.78 15.12
CA PHE C 265 -10.75 41.55 14.16
C PHE C 265 -9.98 42.36 13.11
N MET C 266 -8.64 42.39 13.15
CA MET C 266 -7.88 43.08 12.09
C MET C 266 -8.21 42.44 10.73
N ASN C 267 -8.49 43.27 9.70
CA ASN C 267 -8.89 42.80 8.37
C ASN C 267 -10.12 41.86 8.50
N GLN C 268 -11.04 42.17 9.44
CA GLN C 268 -12.25 41.36 9.66
C GLN C 268 -11.92 39.85 9.95
N GLY C 269 -10.81 39.59 10.65
CA GLY C 269 -10.38 38.23 10.97
C GLY C 269 -9.98 37.39 9.76
N GLN C 270 -9.61 38.04 8.64
CA GLN C 270 -9.23 37.33 7.41
C GLN C 270 -7.68 37.32 7.33
N ILE C 271 -7.04 36.65 8.31
CA ILE C 271 -5.58 36.54 8.39
C ILE C 271 -5.30 35.11 8.84
N CYS C 272 -4.23 34.47 8.31
CA CYS C 272 -3.82 33.10 8.67
C CYS C 272 -3.54 32.94 10.18
N MET C 273 -3.20 34.06 10.87
CA MET C 273 -2.84 34.13 12.29
C MET C 273 -3.85 34.94 13.13
N SER C 274 -5.08 35.17 12.61
CA SER C 274 -6.14 35.86 13.37
C SER C 274 -6.45 35.06 14.64
N THR C 275 -6.78 35.74 15.74
CA THR C 275 -7.10 35.08 17.01
C THR C 275 -8.46 34.44 16.88
N GLU C 276 -8.49 33.10 16.92
CA GLU C 276 -9.70 32.29 16.79
C GLU C 276 -10.24 31.75 18.12
N ARG C 277 -9.34 31.40 19.05
CA ARG C 277 -9.70 30.80 20.33
C ARG C 277 -9.04 31.56 21.46
N ILE C 278 -9.81 32.04 22.41
CA ILE C 278 -9.24 32.71 23.56
C ILE C 278 -9.44 31.74 24.73
N ILE C 279 -8.34 31.21 25.27
CA ILE C 279 -8.39 30.24 26.36
C ILE C 279 -8.06 30.98 27.65
N VAL C 280 -9.03 31.09 28.56
CA VAL C 280 -8.89 31.85 29.81
C VAL C 280 -9.01 30.92 31.01
N VAL C 281 -8.06 31.03 31.97
CA VAL C 281 -8.14 30.24 33.22
C VAL C 281 -9.32 30.76 34.07
N GLU C 282 -9.98 29.85 34.79
CA GLU C 282 -11.15 30.17 35.62
C GLU C 282 -10.91 31.32 36.61
N ALA C 283 -9.68 31.44 37.19
CA ALA C 283 -9.38 32.51 38.16
C ALA C 283 -9.66 33.93 37.65
N ILE C 284 -9.46 34.21 36.36
CA ILE C 284 -9.67 35.54 35.78
C ILE C 284 -10.68 35.56 34.61
N ALA C 285 -11.36 34.44 34.33
CA ALA C 285 -12.22 34.35 33.14
C ALA C 285 -13.38 35.37 33.13
N ALA C 286 -14.07 35.57 34.26
CA ALA C 286 -15.19 36.54 34.31
C ALA C 286 -14.70 37.97 34.03
N GLU C 287 -13.61 38.40 34.67
CA GLU C 287 -13.09 39.76 34.48
C GLU C 287 -12.55 39.96 33.06
N PHE C 288 -11.78 38.99 32.52
CA PHE C 288 -11.27 39.11 31.15
C PHE C 288 -12.43 39.26 30.16
N THR C 289 -13.42 38.38 30.29
CA THR C 289 -14.59 38.34 29.40
C THR C 289 -15.34 39.66 29.40
N ARG C 290 -15.56 40.26 30.58
CA ARG C 290 -16.21 41.57 30.67
C ARG C 290 -15.42 42.64 29.90
N ARG C 291 -14.11 42.71 30.16
CA ARG C 291 -13.23 43.69 29.50
C ARG C 291 -13.17 43.48 27.99
N PHE C 292 -13.03 42.20 27.57
CA PHE C 292 -12.94 41.86 26.16
C PHE C 292 -14.26 42.13 25.42
N ALA C 293 -15.41 41.76 26.05
CA ALA C 293 -16.74 42.02 25.47
C ALA C 293 -16.93 43.51 25.24
N ALA C 294 -16.58 44.35 26.24
CA ALA C 294 -16.69 45.81 26.14
C ALA C 294 -15.80 46.34 25.03
N LYS C 295 -14.58 45.78 24.87
CA LYS C 295 -13.69 46.20 23.81
C LYS C 295 -14.25 45.82 22.43
N ALA C 296 -14.75 44.58 22.26
CA ALA C 296 -15.30 44.14 20.96
C ALA C 296 -16.55 44.97 20.57
N GLN C 297 -17.38 45.32 21.56
CA GLN C 297 -18.57 46.15 21.32
C GLN C 297 -18.22 47.57 20.86
N SER C 298 -17.06 48.10 21.31
CA SER C 298 -16.61 49.44 20.90
C SER C 298 -16.02 49.50 19.47
N MET C 299 -15.85 48.35 18.78
CA MET C 299 -15.24 48.29 17.44
C MET C 299 -16.35 48.18 16.39
N ALA C 300 -16.67 49.31 15.73
CA ALA C 300 -17.76 49.35 14.75
C ALA C 300 -17.37 48.79 13.38
N THR C 301 -18.39 48.36 12.63
CA THR C 301 -18.24 47.92 11.24
C THR C 301 -18.91 48.99 10.39
N GLY C 302 -18.31 49.30 9.25
CA GLY C 302 -18.85 50.30 8.34
C GLY C 302 -18.39 50.08 6.91
N ASP C 303 -19.02 50.79 5.97
CA ASP C 303 -18.70 50.70 4.54
C ASP C 303 -17.21 51.02 4.36
N PRO C 304 -16.38 50.12 3.77
CA PRO C 304 -14.94 50.44 3.61
C PRO C 304 -14.67 51.69 2.76
N ARG C 305 -15.60 52.08 1.86
CA ARG C 305 -15.44 53.26 1.03
C ARG C 305 -15.49 54.54 1.86
N GLU C 306 -16.16 54.52 3.04
CA GLU C 306 -16.27 55.69 3.92
C GLU C 306 -15.01 55.90 4.80
N GLY C 307 -14.27 54.82 5.08
CA GLY C 307 -13.04 54.87 5.86
C GLY C 307 -13.15 55.41 7.28
N LYS C 308 -14.30 55.22 7.94
CA LYS C 308 -14.53 55.75 9.30
C LYS C 308 -14.56 54.70 10.43
N THR C 309 -14.45 53.39 10.11
CA THR C 309 -14.59 52.36 11.14
C THR C 309 -13.40 51.39 11.18
N PRO C 310 -13.12 50.75 12.34
CA PRO C 310 -12.00 49.80 12.40
C PRO C 310 -12.26 48.54 11.54
N LEU C 311 -13.53 48.11 11.38
CA LEU C 311 -13.86 46.96 10.53
C LEU C 311 -14.54 47.42 9.23
N GLY C 312 -14.17 46.78 8.14
CA GLY C 312 -14.78 46.99 6.83
C GLY C 312 -15.61 45.77 6.45
N ALA C 313 -15.54 45.32 5.17
CA ALA C 313 -16.31 44.19 4.67
C ALA C 313 -15.52 42.90 4.66
N VAL C 314 -16.25 41.77 4.73
CA VAL C 314 -15.67 40.45 4.50
C VAL C 314 -15.64 40.29 2.96
N VAL C 315 -14.82 39.36 2.47
CA VAL C 315 -14.57 39.14 1.05
C VAL C 315 -15.82 38.81 0.21
N ASP C 316 -16.82 38.10 0.75
CA ASP C 316 -18.06 37.80 0.02
C ASP C 316 -19.12 37.10 0.89
N ARG C 317 -20.31 36.88 0.31
CA ARG C 317 -21.45 36.23 0.96
C ARG C 317 -21.11 34.83 1.52
N LYS C 318 -20.21 34.05 0.88
CA LYS C 318 -19.79 32.73 1.38
C LYS C 318 -19.27 32.83 2.84
N THR C 319 -18.48 33.88 3.15
CA THR C 319 -17.97 34.10 4.51
C THR C 319 -19.12 34.46 5.44
N VAL C 320 -20.05 35.33 4.99
CA VAL C 320 -21.22 35.73 5.78
C VAL C 320 -22.01 34.48 6.23
N ASP C 321 -22.29 33.56 5.29
CA ASP C 321 -23.06 32.35 5.54
C ASP C 321 -22.31 31.35 6.42
N HIS C 322 -20.99 31.22 6.22
CA HIS C 322 -20.17 30.31 7.01
C HIS C 322 -20.11 30.78 8.48
N VAL C 323 -19.87 32.10 8.68
CA VAL C 323 -19.84 32.69 10.03
C VAL C 323 -21.22 32.52 10.71
N ASN C 324 -22.32 32.79 9.97
CA ASN C 324 -23.69 32.61 10.49
C ASN C 324 -23.99 31.15 10.88
N THR C 325 -23.46 30.18 10.14
CA THR C 325 -23.61 28.75 10.42
C THR C 325 -22.85 28.43 11.71
N LEU C 326 -21.63 28.99 11.86
CA LEU C 326 -20.83 28.79 13.06
C LEU C 326 -21.55 29.38 14.29
N ILE C 327 -22.21 30.55 14.14
CA ILE C 327 -22.97 31.16 15.24
C ILE C 327 -24.20 30.29 15.60
N ASP C 328 -24.99 29.85 14.59
CA ASP C 328 -26.17 29.00 14.84
C ASP C 328 -25.79 27.68 15.48
N ASP C 329 -24.69 27.04 15.01
CA ASP C 329 -24.22 25.78 15.59
C ASP C 329 -23.81 25.98 17.07
N ALA C 330 -23.08 27.08 17.35
CA ALA C 330 -22.62 27.41 18.70
C ALA C 330 -23.78 27.67 19.66
N THR C 331 -24.71 28.56 19.31
CA THR C 331 -25.83 28.89 20.20
C THR C 331 -26.81 27.72 20.38
N ALA C 332 -26.99 26.87 19.35
CA ALA C 332 -27.85 25.67 19.47
C ALA C 332 -27.24 24.67 20.46
N LYS C 333 -25.89 24.73 20.67
CA LYS C 333 -25.14 23.85 21.57
C LYS C 333 -24.81 24.52 22.94
N GLY C 334 -25.50 25.61 23.30
CA GLY C 334 -25.37 26.26 24.60
C GLY C 334 -24.49 27.49 24.72
N ALA C 335 -23.71 27.85 23.67
CA ALA C 335 -22.84 29.04 23.71
C ALA C 335 -23.65 30.32 23.73
N ARG C 336 -23.02 31.42 24.16
CA ARG C 336 -23.70 32.71 24.27
C ARG C 336 -22.97 33.79 23.45
N ILE C 337 -23.72 34.61 22.66
CA ILE C 337 -23.15 35.73 21.89
C ILE C 337 -23.04 36.89 22.90
N ILE C 338 -21.82 37.39 23.19
CA ILE C 338 -21.64 38.50 24.15
C ILE C 338 -21.16 39.82 23.46
N ALA C 339 -20.98 39.79 22.14
CA ALA C 339 -20.69 40.97 21.31
C ALA C 339 -21.04 40.61 19.87
N GLY C 340 -21.53 41.59 19.12
CA GLY C 340 -21.89 41.41 17.71
C GLY C 340 -23.01 40.42 17.52
N GLY C 341 -22.88 39.55 16.51
CA GLY C 341 -23.87 38.54 16.20
C GLY C 341 -23.98 38.27 14.73
N LYS C 342 -25.04 37.59 14.32
CA LYS C 342 -25.27 37.25 12.91
C LYS C 342 -25.54 38.49 12.08
N GLY C 343 -25.15 38.43 10.81
CA GLY C 343 -25.33 39.54 9.87
C GLY C 343 -25.98 39.11 8.58
N ASP C 344 -26.61 40.08 7.88
CA ASP C 344 -27.25 39.81 6.58
C ASP C 344 -26.45 40.43 5.43
N SER C 345 -25.23 40.97 5.68
CA SER C 345 -24.43 41.55 4.62
C SER C 345 -22.94 41.34 4.90
N VAL C 346 -22.10 41.68 3.91
CA VAL C 346 -20.64 41.58 4.03
C VAL C 346 -20.09 42.53 5.12
N LEU C 347 -20.87 43.54 5.56
CA LEU C 347 -20.48 44.40 6.67
C LEU C 347 -20.86 43.66 7.96
N MET C 348 -19.98 42.73 8.39
CA MET C 348 -20.26 41.91 9.58
C MET C 348 -19.74 42.56 10.84
N SER C 349 -20.43 42.35 11.96
CA SER C 349 -20.04 42.87 13.27
C SER C 349 -18.89 42.06 13.87
N ALA C 350 -18.08 42.69 14.74
CA ALA C 350 -17.01 41.99 15.48
C ALA C 350 -17.76 41.09 16.50
N THR C 351 -17.77 39.76 16.28
CA THR C 351 -18.56 38.82 17.10
C THR C 351 -17.72 38.06 18.12
N VAL C 352 -18.22 37.93 19.37
CA VAL C 352 -17.55 37.20 20.45
C VAL C 352 -18.54 36.17 20.97
N VAL C 353 -18.17 34.88 20.91
CA VAL C 353 -19.00 33.76 21.35
C VAL C 353 -18.39 33.19 22.61
N ASP C 354 -19.14 33.23 23.72
CA ASP C 354 -18.69 32.72 25.01
C ASP C 354 -19.24 31.30 25.27
N GLY C 355 -18.48 30.51 26.01
CA GLY C 355 -18.87 29.13 26.31
C GLY C 355 -18.69 28.18 25.15
N VAL C 356 -17.61 28.34 24.38
CA VAL C 356 -17.33 27.46 23.23
C VAL C 356 -16.79 26.12 23.74
N THR C 357 -17.29 24.99 23.18
CA THR C 357 -16.91 23.64 23.61
C THR C 357 -16.47 22.83 22.43
N ALA C 358 -15.87 21.66 22.72
CA ALA C 358 -15.39 20.69 21.73
C ALA C 358 -16.48 20.13 20.80
N ALA C 359 -17.75 20.22 21.19
CA ALA C 359 -18.87 19.77 20.36
C ALA C 359 -19.18 20.74 19.21
N MET C 360 -18.75 22.02 19.33
CA MET C 360 -19.10 23.05 18.35
C MET C 360 -18.14 23.16 17.21
N LYS C 361 -18.68 23.51 16.03
CA LYS C 361 -17.87 23.71 14.83
C LYS C 361 -16.87 24.87 15.02
N LEU C 362 -17.27 25.93 15.74
CA LEU C 362 -16.42 27.10 16.05
C LEU C 362 -15.19 26.73 16.90
N TYR C 363 -15.21 25.62 17.67
CA TYR C 363 -14.04 25.20 18.48
C TYR C 363 -12.90 24.76 17.57
N ARG C 364 -13.24 24.07 16.48
CA ARG C 364 -12.22 23.52 15.59
C ARG C 364 -12.09 24.20 14.23
N ASP C 365 -13.19 24.59 13.58
CA ASP C 365 -13.14 25.08 12.20
C ASP C 365 -12.63 26.50 12.05
N GLU C 366 -11.80 26.71 11.01
CA GLU C 366 -11.22 28.02 10.67
C GLU C 366 -12.36 28.87 10.12
N SER C 367 -12.68 29.97 10.80
CA SER C 367 -13.80 30.83 10.42
C SER C 367 -13.40 31.86 9.29
N PHE C 368 -12.16 32.36 9.32
CA PHE C 368 -11.68 33.42 8.40
C PHE C 368 -12.73 34.59 8.27
N GLY C 369 -13.28 34.99 9.40
CA GLY C 369 -14.28 36.04 9.50
C GLY C 369 -14.17 36.72 10.85
N PRO C 370 -14.92 37.80 11.11
CA PRO C 370 -14.74 38.52 12.38
C PRO C 370 -15.49 37.89 13.57
N ILE C 371 -15.09 36.65 13.94
CA ILE C 371 -15.72 35.90 15.03
C ILE C 371 -14.63 35.21 15.87
N VAL C 372 -14.72 35.25 17.20
CA VAL C 372 -13.75 34.61 18.09
C VAL C 372 -14.50 33.90 19.19
N GLY C 373 -13.99 32.75 19.63
CA GLY C 373 -14.59 31.96 20.69
C GLY C 373 -13.77 32.03 21.98
N ILE C 374 -14.47 32.03 23.14
CA ILE C 374 -13.83 32.05 24.47
C ILE C 374 -14.05 30.67 25.05
N ILE C 375 -12.95 30.02 25.42
CA ILE C 375 -12.95 28.67 26.00
C ILE C 375 -12.41 28.79 27.41
N ARG C 376 -13.08 28.15 28.38
CA ARG C 376 -12.68 28.16 29.77
C ARG C 376 -11.70 27.05 30.08
N ALA C 377 -10.59 27.39 30.76
CA ALA C 377 -9.59 26.42 31.20
C ALA C 377 -9.59 26.39 32.72
N LYS C 378 -9.34 25.22 33.32
CA LYS C 378 -9.30 25.10 34.79
C LYS C 378 -8.07 25.77 35.39
N ASP C 379 -6.90 25.57 34.78
CA ASP C 379 -5.63 26.07 35.28
C ASP C 379 -4.62 26.14 34.11
N GLU C 380 -3.34 26.46 34.39
CA GLU C 380 -2.31 26.54 33.34
C GLU C 380 -2.18 25.22 32.54
N ALA C 381 -2.09 24.07 33.25
CA ALA C 381 -1.95 22.76 32.59
C ALA C 381 -3.12 22.48 31.65
N ASP C 382 -4.36 22.78 32.09
CA ASP C 382 -5.56 22.61 31.26
C ASP C 382 -5.54 23.59 30.04
N ALA C 383 -5.09 24.85 30.24
CA ALA C 383 -5.01 25.82 29.14
C ALA C 383 -4.03 25.37 28.04
N VAL C 384 -2.89 24.76 28.44
CA VAL C 384 -1.92 24.21 27.48
C VAL C 384 -2.58 23.07 26.69
N ARG C 385 -3.27 22.14 27.37
CA ARG C 385 -3.94 21.02 26.72
C ARG C 385 -5.00 21.55 25.73
N LEU C 386 -5.78 22.57 26.15
CA LEU C 386 -6.79 23.17 25.26
C LEU C 386 -6.15 23.88 24.06
N ALA C 387 -5.05 24.61 24.30
CA ALA C 387 -4.34 25.28 23.19
C ALA C 387 -3.85 24.26 22.16
N ASN C 388 -3.40 23.08 22.64
CA ASN C 388 -2.90 22.01 21.77
C ASN C 388 -4.01 21.11 21.19
N ASP C 389 -5.30 21.29 21.58
CA ASP C 389 -6.39 20.44 21.10
C ASP C 389 -6.88 20.98 19.75
N SER C 390 -6.02 20.84 18.75
CA SER C 390 -6.25 21.30 17.38
C SER C 390 -5.27 20.58 16.46
N GLU C 391 -5.69 20.34 15.21
CA GLU C 391 -4.78 19.74 14.23
C GLU C 391 -3.83 20.83 13.71
N TYR C 392 -4.20 22.13 13.86
CA TYR C 392 -3.43 23.29 13.40
C TYR C 392 -2.35 23.71 14.39
N GLY C 393 -1.40 24.49 13.90
CA GLY C 393 -0.30 24.97 14.73
C GLY C 393 0.51 26.03 14.03
N LEU C 394 -0.11 27.17 13.71
CA LEU C 394 0.61 28.24 13.05
C LEU C 394 1.07 29.24 14.12
N ALA C 395 0.22 30.20 14.52
CA ALA C 395 0.58 31.19 15.55
C ALA C 395 -0.18 30.90 16.83
N ALA C 396 0.37 31.38 17.94
CA ALA C 396 -0.22 31.28 19.26
C ALA C 396 0.32 32.41 20.12
N ALA C 397 -0.37 32.73 21.21
CA ALA C 397 0.08 33.74 22.15
C ALA C 397 -0.26 33.34 23.56
N VAL C 398 0.54 33.81 24.52
CA VAL C 398 0.36 33.53 25.96
C VAL C 398 0.52 34.83 26.69
N PHE C 399 -0.44 35.16 27.56
CA PHE C 399 -0.40 36.36 28.39
C PHE C 399 -0.19 36.00 29.84
N THR C 400 0.85 36.59 30.43
CA THR C 400 1.24 36.36 31.83
C THR C 400 2.26 37.43 32.22
N ARG C 401 2.13 38.00 33.43
CA ARG C 401 3.12 38.97 33.91
C ARG C 401 4.46 38.26 34.24
N ASP C 402 4.44 36.93 34.42
CA ASP C 402 5.63 36.13 34.69
C ASP C 402 6.09 35.60 33.33
N THR C 403 6.98 36.34 32.70
CA THR C 403 7.49 36.00 31.38
C THR C 403 8.30 34.66 31.36
N ALA C 404 8.97 34.29 32.47
CA ALA C 404 9.66 32.99 32.56
C ALA C 404 8.59 31.85 32.46
N ARG C 405 7.40 32.05 33.07
CA ARG C 405 6.28 31.11 32.98
C ARG C 405 5.75 31.11 31.55
N GLY C 406 5.69 32.29 30.92
CA GLY C 406 5.32 32.40 29.51
C GLY C 406 6.21 31.56 28.62
N LEU C 407 7.53 31.54 28.91
CA LEU C 407 8.48 30.71 28.13
C LEU C 407 8.23 29.21 28.36
N ARG C 408 8.00 28.79 29.61
CA ARG C 408 7.69 27.38 29.91
C ARG C 408 6.42 26.95 29.16
N VAL C 409 5.39 27.82 29.11
CA VAL C 409 4.15 27.51 28.40
C VAL C 409 4.39 27.51 26.89
N ALA C 410 5.11 28.52 26.35
CA ALA C 410 5.37 28.58 24.91
C ALA C 410 6.12 27.32 24.43
N ARG C 411 7.03 26.78 25.25
CA ARG C 411 7.81 25.56 24.92
C ARG C 411 6.86 24.34 24.76
N GLN C 412 5.75 24.30 25.53
CA GLN C 412 4.78 23.20 25.47
C GLN C 412 3.72 23.35 24.37
N ILE C 413 3.46 24.60 23.91
CA ILE C 413 2.48 24.82 22.85
C ILE C 413 3.06 24.33 21.53
N ARG C 414 2.27 23.56 20.77
CA ARG C 414 2.70 23.04 19.48
C ARG C 414 2.28 24.02 18.39
N SER C 415 3.22 24.83 17.95
CA SER C 415 2.98 25.83 16.91
C SER C 415 4.32 26.25 16.31
N GLY C 416 4.31 26.82 15.14
CA GLY C 416 5.55 27.35 14.56
C GLY C 416 5.90 28.71 15.15
N ILE C 417 4.90 29.41 15.72
CA ILE C 417 5.07 30.77 16.24
C ILE C 417 4.38 30.89 17.60
N CYS C 418 5.05 31.53 18.57
CA CYS C 418 4.42 31.82 19.87
C CYS C 418 4.87 33.17 20.40
N HIS C 419 3.92 34.07 20.69
CA HIS C 419 4.19 35.40 21.19
C HIS C 419 3.82 35.50 22.67
N ILE C 420 4.79 35.84 23.53
CA ILE C 420 4.54 36.00 24.96
C ILE C 420 4.19 37.49 25.17
N ASN C 421 2.97 37.75 25.63
CA ASN C 421 2.42 39.08 25.89
C ASN C 421 2.29 39.96 24.61
N GLY C 422 2.18 39.32 23.46
CA GLY C 422 1.96 39.98 22.18
C GLY C 422 0.75 39.38 21.47
N PRO C 423 0.15 40.08 20.50
CA PRO C 423 -1.00 39.49 19.78
C PRO C 423 -0.55 38.32 18.87
N THR C 424 -1.51 37.51 18.43
CA THR C 424 -1.21 36.39 17.52
C THR C 424 -0.87 36.93 16.12
N VAL C 425 -1.38 38.14 15.77
CA VAL C 425 -1.14 38.80 14.48
C VAL C 425 0.15 39.61 14.56
N HIS C 426 1.19 39.14 13.90
CA HIS C 426 2.51 39.77 13.93
C HIS C 426 3.36 39.09 12.87
N ASP C 427 4.04 39.88 12.04
CA ASP C 427 4.98 39.32 11.07
C ASP C 427 6.00 40.38 10.73
N GLU C 428 7.24 39.95 10.48
CA GLU C 428 8.33 40.82 10.07
C GLU C 428 9.15 40.03 9.06
N ALA C 429 9.61 40.67 7.97
CA ALA C 429 10.31 40.00 6.87
C ALA C 429 11.55 39.20 7.32
N GLN C 430 12.25 39.66 8.37
CA GLN C 430 13.49 39.01 8.84
C GLN C 430 13.23 37.81 9.78
N MET C 431 11.97 37.52 10.14
CA MET C 431 11.65 36.44 11.08
C MET C 431 11.18 35.19 10.34
N PRO C 432 11.55 33.99 10.80
CA PRO C 432 11.03 32.76 10.15
C PRO C 432 9.54 32.57 10.47
N PHE C 433 8.72 32.31 9.45
CA PHE C 433 7.26 32.25 9.60
C PHE C 433 6.71 31.00 8.94
N GLY C 434 6.06 30.14 9.72
CA GLY C 434 5.44 28.94 9.20
C GLY C 434 4.84 28.10 10.31
N GLY C 435 4.19 27.01 9.90
CA GLY C 435 3.43 26.15 10.81
C GLY C 435 3.98 24.76 11.04
N VAL C 436 3.22 23.99 11.85
CA VAL C 436 3.44 22.59 12.15
C VAL C 436 2.06 21.93 11.97
N GLY C 437 2.02 20.59 11.94
CA GLY C 437 0.77 19.86 11.79
C GLY C 437 0.02 20.22 10.51
N ALA C 438 -1.30 20.41 10.64
CA ALA C 438 -2.18 20.79 9.51
C ALA C 438 -1.89 22.21 8.99
N SER C 439 -1.09 23.03 9.73
CA SER C 439 -0.68 24.35 9.25
C SER C 439 0.47 24.28 8.23
N GLY C 440 0.98 23.08 7.94
CA GLY C 440 1.99 22.88 6.91
C GLY C 440 3.41 22.78 7.43
N TYR C 441 4.36 23.11 6.57
CA TYR C 441 5.78 23.02 6.87
C TYR C 441 6.54 23.95 5.94
N GLY C 442 7.80 24.19 6.29
CA GLY C 442 8.63 25.16 5.61
C GLY C 442 8.42 26.52 6.25
N ARG C 443 9.32 27.46 5.99
CA ARG C 443 9.27 28.79 6.57
C ARG C 443 9.63 29.85 5.54
N PHE C 444 8.88 30.95 5.54
CA PHE C 444 9.24 32.15 4.79
C PHE C 444 10.03 32.99 5.79
N GLY C 445 10.85 33.92 5.29
CA GLY C 445 11.52 34.90 6.12
C GLY C 445 12.87 34.51 6.69
N GLY C 446 13.72 35.52 6.87
CA GLY C 446 15.07 35.33 7.39
C GLY C 446 15.91 34.32 6.64
N LYS C 447 16.82 33.67 7.37
CA LYS C 447 17.70 32.64 6.79
C LYS C 447 16.93 31.39 6.35
N ALA C 448 15.82 31.06 7.06
CA ALA C 448 15.01 29.90 6.70
C ALA C 448 14.42 30.08 5.27
N GLY C 449 13.94 31.28 4.97
CA GLY C 449 13.40 31.60 3.66
C GLY C 449 14.42 31.40 2.56
N ILE C 450 15.67 31.85 2.80
CA ILE C 450 16.77 31.67 1.84
C ILE C 450 16.98 30.18 1.56
N ASP C 451 17.03 29.35 2.61
CA ASP C 451 17.21 27.89 2.44
C ASP C 451 16.10 27.25 1.59
N GLN C 452 14.85 27.76 1.67
CA GLN C 452 13.74 27.22 0.88
C GLN C 452 13.91 27.44 -0.64
N PHE C 453 14.59 28.53 -1.03
CA PHE C 453 14.74 28.90 -2.44
C PHE C 453 16.19 28.83 -2.97
N THR C 454 17.03 28.01 -2.36
CA THR C 454 18.39 27.74 -2.84
C THR C 454 18.61 26.23 -2.77
N GLU C 455 19.59 25.78 -3.53
CA GLU C 455 20.01 24.38 -3.59
C GLU C 455 21.32 24.31 -2.83
N LEU C 456 21.38 23.50 -1.78
CA LEU C 456 22.60 23.35 -1.00
C LEU C 456 23.47 22.29 -1.67
N ARG C 457 24.69 22.65 -2.12
CA ARG C 457 25.54 21.69 -2.84
C ARG C 457 26.85 21.50 -2.10
N TRP C 458 27.32 20.26 -2.04
CA TRP C 458 28.59 19.92 -1.45
C TRP C 458 29.59 19.89 -2.60
N ILE C 459 30.49 20.87 -2.65
CA ILE C 459 31.49 21.00 -3.72
C ILE C 459 32.86 20.86 -3.09
N THR C 460 33.70 19.98 -3.62
CA THR C 460 35.05 19.83 -3.07
C THR C 460 36.10 19.97 -4.14
N MET C 461 37.31 20.28 -3.72
N MET C 461 37.32 20.27 -3.71
CA MET C 461 38.48 20.42 -4.58
CA MET C 461 38.47 20.40 -4.59
C MET C 461 39.66 19.74 -3.89
C MET C 461 39.66 19.76 -3.90
N GLU C 462 40.32 18.83 -4.57
CA GLU C 462 41.51 18.19 -4.02
C GLU C 462 42.72 19.05 -4.32
N THR C 463 43.68 19.11 -3.41
CA THR C 463 44.98 19.78 -3.64
C THR C 463 46.14 18.78 -3.49
N GLN C 464 45.84 17.49 -3.21
CA GLN C 464 46.88 16.45 -3.07
C GLN C 464 46.40 15.18 -3.81
N PRO C 465 47.32 14.27 -4.17
CA PRO C 465 46.87 12.99 -4.75
C PRO C 465 46.10 12.14 -3.72
N GLY C 466 45.10 11.41 -4.19
CA GLY C 466 44.29 10.57 -3.31
C GLY C 466 45.02 9.31 -2.88
N HIS C 467 44.59 8.70 -1.78
CA HIS C 467 45.14 7.44 -1.28
C HIS C 467 43.95 6.49 -1.20
N PHE C 468 43.87 5.58 -2.18
CA PHE C 468 42.72 4.68 -2.32
C PHE C 468 42.93 3.31 -1.67
N PRO C 469 41.92 2.76 -0.96
CA PRO C 469 42.07 1.41 -0.38
C PRO C 469 42.14 0.29 -1.41
N ILE C 470 41.53 0.47 -2.61
CA ILE C 470 41.58 -0.50 -3.72
C ILE C 470 41.90 0.26 -5.03
N THR D 5 18.70 -36.86 15.45
CA THR D 5 17.41 -37.45 15.85
C THR D 5 16.83 -36.64 17.02
N VAL D 6 15.84 -35.77 16.74
CA VAL D 6 15.21 -34.88 17.72
C VAL D 6 13.71 -35.16 17.79
N ASN D 7 13.20 -35.38 19.01
CA ASN D 7 11.79 -35.64 19.28
C ASN D 7 11.22 -34.59 20.20
N PHE D 8 9.89 -34.46 20.19
CA PHE D 8 9.15 -33.63 21.14
C PHE D 8 8.21 -34.60 21.82
N GLU D 9 7.62 -34.19 22.94
CA GLU D 9 6.68 -35.06 23.64
C GLU D 9 5.37 -34.34 23.92
N ARG D 10 4.35 -35.15 24.17
CA ARG D 10 3.05 -34.68 24.60
C ARG D 10 2.86 -35.24 26.01
N ILE D 11 2.58 -34.38 26.99
CA ILE D 11 2.34 -34.82 28.36
C ILE D 11 0.85 -35.15 28.54
N ASN D 12 0.58 -36.27 29.21
CA ASN D 12 -0.78 -36.75 29.51
C ASN D 12 -1.42 -35.76 30.53
N PRO D 13 -2.57 -35.10 30.19
CA PRO D 13 -3.16 -34.14 31.14
C PRO D 13 -3.73 -34.71 32.44
N MET D 14 -4.02 -36.03 32.49
CA MET D 14 -4.56 -36.66 33.71
C MET D 14 -3.47 -37.12 34.67
N THR D 15 -2.31 -37.58 34.15
CA THR D 15 -1.21 -38.09 34.96
C THR D 15 0.03 -37.18 35.03
N ASN D 16 0.18 -36.21 34.10
CA ASN D 16 1.36 -35.33 34.00
C ASN D 16 2.66 -36.10 33.63
N GLN D 17 2.52 -37.31 33.06
CA GLN D 17 3.63 -38.15 32.59
C GLN D 17 3.54 -38.10 31.06
N THR D 18 4.61 -38.53 30.37
CA THR D 18 4.64 -38.56 28.91
C THR D 18 3.56 -39.47 28.33
N ALA D 19 2.72 -38.93 27.45
CA ALA D 19 1.67 -39.70 26.75
C ALA D 19 2.28 -40.29 25.49
N SER D 20 3.10 -39.51 24.78
CA SER D 20 3.69 -39.95 23.52
C SER D 20 4.83 -39.02 23.11
N THR D 21 5.59 -39.45 22.11
CA THR D 21 6.70 -38.69 21.53
C THR D 21 6.62 -38.81 20.01
N ALA D 22 7.17 -37.84 19.30
CA ALA D 22 7.18 -37.86 17.84
C ALA D 22 8.35 -37.06 17.34
N LYS D 23 8.76 -37.31 16.08
CA LYS D 23 9.87 -36.60 15.46
C LYS D 23 9.59 -35.11 15.33
N ALA D 24 10.54 -34.26 15.78
CA ALA D 24 10.44 -32.82 15.63
C ALA D 24 11.08 -32.53 14.29
N MET D 25 10.30 -32.61 13.20
CA MET D 25 10.88 -32.43 11.86
C MET D 25 11.34 -31.00 11.62
N THR D 26 12.41 -30.85 10.84
CA THR D 26 12.92 -29.55 10.43
C THR D 26 12.19 -29.13 9.13
N ALA D 27 12.39 -27.88 8.69
CA ALA D 27 11.79 -27.41 7.43
C ALA D 27 12.34 -28.25 6.25
N ALA D 28 13.65 -28.62 6.28
CA ALA D 28 14.26 -29.45 5.24
C ALA D 28 13.61 -30.85 5.16
N GLU D 29 13.35 -31.47 6.32
CA GLU D 29 12.70 -32.79 6.37
C GLU D 29 11.26 -32.70 5.87
N ALA D 30 10.54 -31.61 6.21
CA ALA D 30 9.18 -31.40 5.73
C ALA D 30 9.17 -31.23 4.19
N ARG D 31 10.18 -30.51 3.63
CA ARG D 31 10.28 -30.34 2.16
C ARG D 31 10.53 -31.68 1.48
N ALA D 32 11.35 -32.56 2.09
CA ALA D 32 11.62 -33.90 1.55
C ALA D 32 10.34 -34.76 1.57
N VAL D 33 9.44 -34.56 2.56
CA VAL D 33 8.14 -35.28 2.58
C VAL D 33 7.34 -34.78 1.36
N ALA D 34 7.30 -33.45 1.12
CA ALA D 34 6.57 -32.92 -0.04
C ALA D 34 7.16 -33.41 -1.37
N ASP D 35 8.50 -33.63 -1.45
CA ASP D 35 9.12 -34.19 -2.67
C ASP D 35 8.64 -35.63 -2.90
N ARG D 36 8.50 -36.45 -1.84
CA ARG D 36 8.00 -37.81 -1.96
C ARG D 36 6.53 -37.79 -2.40
N ALA D 37 5.71 -36.88 -1.85
CA ALA D 37 4.29 -36.73 -2.22
C ALA D 37 4.17 -36.31 -3.68
N ALA D 38 5.03 -35.37 -4.13
CA ALA D 38 5.05 -34.89 -5.52
C ALA D 38 5.33 -36.06 -6.48
N ALA D 39 6.27 -36.96 -6.13
CA ALA D 39 6.63 -38.11 -6.98
C ALA D 39 5.54 -39.19 -6.98
N GLY D 40 4.82 -39.36 -5.89
CA GLY D 40 3.73 -40.34 -5.80
C GLY D 40 2.44 -39.92 -6.50
N PHE D 41 2.23 -38.60 -6.69
CA PHE D 41 1.03 -38.07 -7.33
C PHE D 41 0.71 -38.64 -8.73
N ALA D 42 1.66 -38.63 -9.68
CA ALA D 42 1.39 -39.05 -11.07
C ALA D 42 0.69 -40.40 -11.20
N GLY D 43 1.22 -41.42 -10.53
CA GLY D 43 0.67 -42.77 -10.57
C GLY D 43 -0.73 -42.86 -9.98
N TRP D 44 -0.90 -42.30 -8.77
CA TRP D 44 -2.20 -42.29 -8.06
C TRP D 44 -3.27 -41.52 -8.85
N SER D 45 -2.90 -40.40 -9.46
CA SER D 45 -3.84 -39.52 -10.16
C SER D 45 -4.52 -40.16 -11.38
N VAL D 46 -3.92 -41.20 -11.99
CA VAL D 46 -4.51 -41.84 -13.18
C VAL D 46 -5.24 -43.15 -12.85
N LEU D 47 -5.32 -43.52 -11.58
CA LEU D 47 -6.03 -44.74 -11.19
C LEU D 47 -7.54 -44.53 -11.40
N GLY D 48 -8.23 -45.57 -11.90
CA GLY D 48 -9.67 -45.51 -12.19
C GLY D 48 -10.53 -45.38 -10.93
N PRO D 49 -11.80 -44.98 -11.05
CA PRO D 49 -12.61 -44.77 -9.83
C PRO D 49 -12.86 -46.01 -8.97
N ASN D 50 -13.09 -47.20 -9.57
CA ASN D 50 -13.31 -48.39 -8.74
C ASN D 50 -12.03 -48.87 -8.03
N ALA D 51 -10.87 -48.71 -8.67
CA ALA D 51 -9.59 -49.07 -8.06
C ALA D 51 -9.29 -48.13 -6.87
N ARG D 52 -9.58 -46.84 -7.06
N ARG D 52 -9.56 -46.82 -7.04
CA ARG D 52 -9.40 -45.84 -6.01
CA ARG D 52 -9.38 -45.84 -5.97
C ARG D 52 -10.35 -46.12 -4.83
C ARG D 52 -10.35 -46.13 -4.82
N ARG D 53 -11.63 -46.43 -5.15
CA ARG D 53 -12.64 -46.79 -4.14
C ARG D 53 -12.20 -48.01 -3.31
N ALA D 54 -11.70 -49.07 -3.98
CA ALA D 54 -11.24 -50.28 -3.28
C ALA D 54 -10.10 -50.00 -2.27
N VAL D 55 -9.12 -49.12 -2.62
CA VAL D 55 -8.03 -48.77 -1.70
C VAL D 55 -8.60 -48.02 -0.50
N LEU D 56 -9.52 -47.05 -0.74
CA LEU D 56 -10.10 -46.28 0.36
C LEU D 56 -10.93 -47.16 1.30
N MET D 57 -11.63 -48.16 0.76
CA MET D 57 -12.40 -49.11 1.59
C MET D 57 -11.45 -49.94 2.47
N LYS D 58 -10.25 -50.31 1.96
CA LYS D 58 -9.25 -51.02 2.77
C LYS D 58 -8.72 -50.09 3.87
N ALA D 59 -8.56 -48.77 3.58
CA ALA D 59 -8.10 -47.80 4.59
C ALA D 59 -9.09 -47.69 5.73
N ALA D 60 -10.42 -47.62 5.42
CA ALA D 60 -11.47 -47.58 6.46
C ALA D 60 -11.41 -48.82 7.37
N ALA D 61 -11.26 -50.03 6.77
CA ALA D 61 -11.15 -51.28 7.57
C ALA D 61 -9.84 -51.30 8.39
N ALA D 62 -8.71 -50.81 7.83
CA ALA D 62 -7.43 -50.77 8.57
C ALA D 62 -7.50 -49.77 9.74
N LEU D 63 -8.28 -48.66 9.56
CA LEU D 63 -8.50 -47.68 10.64
C LEU D 63 -9.24 -48.38 11.79
N GLU D 64 -10.34 -49.09 11.47
CA GLU D 64 -11.12 -49.82 12.47
C GLU D 64 -10.29 -50.94 13.14
N ALA D 65 -9.36 -51.57 12.42
CA ALA D 65 -8.49 -52.62 12.98
C ALA D 65 -7.50 -52.09 14.04
N ARG D 66 -7.09 -50.78 13.99
CA ARG D 66 -6.20 -50.17 14.99
C ARG D 66 -6.99 -49.52 16.18
N LYS D 67 -8.25 -49.92 16.41
CA LYS D 67 -9.12 -49.41 17.47
C LYS D 67 -8.44 -49.30 18.86
N ASP D 68 -7.76 -50.38 19.33
CA ASP D 68 -7.11 -50.35 20.65
C ASP D 68 -6.03 -49.27 20.72
N ASP D 69 -5.19 -49.15 19.67
CA ASP D 69 -4.15 -48.12 19.63
C ASP D 69 -4.77 -46.71 19.62
N PHE D 70 -5.90 -46.51 18.88
CA PHE D 70 -6.59 -45.20 18.83
C PHE D 70 -7.22 -44.82 20.17
N VAL D 71 -7.89 -45.78 20.84
CA VAL D 71 -8.52 -45.46 22.12
C VAL D 71 -7.45 -45.10 23.17
N GLN D 72 -6.35 -45.88 23.25
CA GLN D 72 -5.25 -45.60 24.19
C GLN D 72 -4.63 -44.22 23.92
N ALA D 73 -4.32 -43.94 22.63
CA ALA D 73 -3.69 -42.69 22.20
C ALA D 73 -4.53 -41.45 22.52
N MET D 74 -5.83 -41.45 22.19
CA MET D 74 -6.71 -40.29 22.47
C MET D 74 -6.90 -40.05 23.95
N MET D 75 -7.13 -41.13 24.71
CA MET D 75 -7.32 -41.04 26.15
C MET D 75 -6.07 -40.46 26.81
N ALA D 76 -4.90 -40.95 26.44
CA ALA D 76 -3.64 -40.47 27.01
C ALA D 76 -3.27 -39.06 26.54
N GLU D 77 -3.37 -38.78 25.23
CA GLU D 77 -2.91 -37.49 24.69
C GLU D 77 -3.81 -36.29 24.97
N ILE D 78 -5.15 -36.43 24.87
CA ILE D 78 -6.05 -35.29 25.03
C ILE D 78 -6.99 -35.42 26.24
N GLY D 79 -6.93 -36.53 26.98
CA GLY D 79 -7.79 -36.74 28.14
C GLY D 79 -9.20 -37.09 27.74
N ALA D 80 -9.38 -37.74 26.58
CA ALA D 80 -10.72 -38.12 26.09
C ALA D 80 -11.28 -39.33 26.81
N THR D 81 -12.60 -39.48 26.78
CA THR D 81 -13.25 -40.68 27.29
C THR D 81 -13.11 -41.76 26.20
N ALA D 82 -13.19 -43.04 26.57
CA ALA D 82 -13.14 -44.12 25.57
C ALA D 82 -14.32 -43.98 24.59
N GLY D 83 -15.46 -43.45 25.09
CA GLY D 83 -16.64 -43.20 24.27
C GLY D 83 -16.39 -42.19 23.18
N TRP D 84 -15.73 -41.05 23.52
CA TRP D 84 -15.40 -40.00 22.54
C TRP D 84 -14.42 -40.57 21.51
N ALA D 85 -13.45 -41.40 21.96
CA ALA D 85 -12.52 -42.06 21.03
C ALA D 85 -13.22 -43.06 20.10
N MET D 86 -14.15 -43.90 20.63
CA MET D 86 -14.89 -44.86 19.78
C MET D 86 -15.80 -44.11 18.81
N PHE D 87 -16.43 -43.01 19.25
CA PHE D 87 -17.26 -42.18 18.37
C PHE D 87 -16.39 -41.61 17.21
N ASN D 88 -15.15 -41.17 17.55
CA ASN D 88 -14.22 -40.64 16.55
C ASN D 88 -13.87 -41.69 15.51
N LEU D 89 -13.55 -42.91 15.97
CA LEU D 89 -13.17 -44.02 15.11
C LEU D 89 -14.32 -44.39 14.17
N MET D 90 -15.53 -44.54 14.73
CA MET D 90 -16.73 -44.89 13.98
C MET D 90 -17.03 -43.86 12.88
N LEU D 91 -17.13 -42.57 13.23
CA LEU D 91 -17.45 -41.52 12.27
C LEU D 91 -16.32 -41.30 11.24
N ALA D 92 -15.05 -41.42 11.66
CA ALA D 92 -13.91 -41.26 10.73
C ALA D 92 -13.97 -42.38 9.68
N ALA D 93 -14.25 -43.63 10.11
CA ALA D 93 -14.36 -44.78 9.18
C ALA D 93 -15.51 -44.55 8.19
N SER D 94 -16.66 -44.02 8.68
CA SER D 94 -17.79 -43.72 7.82
C SER D 94 -17.44 -42.64 6.77
N MET D 95 -16.64 -41.62 7.17
CA MET D 95 -16.21 -40.55 6.24
C MET D 95 -15.26 -41.09 5.16
N ILE D 96 -14.40 -42.06 5.50
CA ILE D 96 -13.52 -42.69 4.50
C ILE D 96 -14.39 -43.46 3.49
N ARG D 97 -15.41 -44.20 3.98
CA ARG D 97 -16.31 -44.94 3.09
C ARG D 97 -17.13 -43.98 2.22
N GLU D 98 -17.50 -42.79 2.75
CA GLU D 98 -18.20 -41.79 1.92
C GLU D 98 -17.23 -41.30 0.82
N ALA D 99 -15.94 -41.02 1.18
CA ALA D 99 -14.94 -40.60 0.17
C ALA D 99 -14.77 -41.69 -0.90
N ALA D 100 -14.76 -42.98 -0.48
CA ALA D 100 -14.66 -44.11 -1.42
C ALA D 100 -15.92 -44.14 -2.36
N ALA D 101 -17.12 -43.88 -1.78
CA ALA D 101 -18.37 -43.85 -2.56
C ALA D 101 -18.34 -42.75 -3.66
N LEU D 102 -17.69 -41.61 -3.38
CA LEU D 102 -17.63 -40.48 -4.33
C LEU D 102 -16.77 -40.66 -5.58
N THR D 103 -15.86 -41.65 -5.66
CA THR D 103 -14.94 -41.74 -6.80
C THR D 103 -15.67 -41.73 -8.20
N THR D 104 -16.81 -42.45 -8.35
CA THR D 104 -17.52 -42.46 -9.64
C THR D 104 -18.38 -41.19 -9.83
N GLN D 105 -18.50 -40.34 -8.78
CA GLN D 105 -19.30 -39.11 -8.80
C GLN D 105 -18.44 -37.86 -9.08
N ILE D 106 -17.13 -38.00 -9.28
CA ILE D 106 -16.22 -36.85 -9.52
C ILE D 106 -16.05 -36.82 -11.03
N GLY D 107 -16.82 -36.01 -11.71
CA GLY D 107 -16.72 -35.95 -13.16
C GLY D 107 -16.66 -34.52 -13.65
N GLY D 108 -17.43 -34.25 -14.68
CA GLY D 108 -17.45 -32.94 -15.30
C GLY D 108 -18.75 -32.67 -15.97
N GLU D 109 -18.73 -31.66 -16.81
CA GLU D 109 -19.92 -31.20 -17.49
C GLU D 109 -19.59 -30.97 -18.93
N VAL D 110 -20.59 -31.13 -19.80
CA VAL D 110 -20.48 -30.85 -21.24
C VAL D 110 -21.35 -29.61 -21.37
N ILE D 111 -20.82 -28.55 -21.94
CA ILE D 111 -21.51 -27.25 -22.03
C ILE D 111 -21.76 -26.94 -23.50
N PRO D 112 -22.96 -26.50 -23.89
CA PRO D 112 -23.16 -26.15 -25.32
C PRO D 112 -22.41 -24.86 -25.70
N SER D 113 -21.78 -24.89 -26.85
CA SER D 113 -20.96 -23.79 -27.37
C SER D 113 -21.64 -23.12 -28.56
N ASP D 114 -21.41 -21.81 -28.72
CA ASP D 114 -21.85 -21.08 -29.91
C ASP D 114 -20.84 -21.20 -31.05
N LYS D 115 -19.69 -21.82 -30.83
CA LYS D 115 -18.71 -22.02 -31.90
C LYS D 115 -19.13 -23.33 -32.63
N PRO D 116 -19.50 -23.28 -33.91
CA PRO D 116 -20.00 -24.51 -34.59
C PRO D 116 -19.06 -25.71 -34.52
N GLY D 117 -19.60 -26.85 -34.09
CA GLY D 117 -18.85 -28.11 -34.01
C GLY D 117 -17.95 -28.25 -32.78
N CYS D 118 -17.86 -27.22 -31.94
CA CYS D 118 -16.97 -27.24 -30.78
C CYS D 118 -17.57 -28.09 -29.67
N LEU D 119 -16.85 -29.15 -29.25
CA LEU D 119 -17.29 -29.94 -28.08
C LEU D 119 -16.58 -29.28 -26.90
N ALA D 120 -17.33 -28.73 -25.92
CA ALA D 120 -16.75 -28.03 -24.76
C ALA D 120 -16.98 -28.79 -23.44
N LEU D 121 -15.91 -29.02 -22.70
CA LEU D 121 -16.01 -29.75 -21.41
C LEU D 121 -15.53 -28.89 -20.27
N ALA D 122 -16.07 -29.12 -19.09
CA ALA D 122 -15.59 -28.51 -17.83
C ALA D 122 -15.25 -29.73 -16.97
N LEU D 123 -13.95 -30.07 -16.86
CA LEU D 123 -13.48 -31.29 -16.18
C LEU D 123 -12.92 -30.99 -14.81
N ARG D 124 -13.20 -31.86 -13.79
CA ARG D 124 -12.65 -31.71 -12.43
C ARG D 124 -11.52 -32.71 -12.36
N GLU D 125 -10.29 -32.23 -12.35
CA GLU D 125 -9.10 -33.09 -12.38
C GLU D 125 -8.36 -33.04 -11.07
N PRO D 126 -7.54 -34.09 -10.77
CA PRO D 126 -6.68 -34.05 -9.56
C PRO D 126 -5.73 -32.84 -9.60
N VAL D 127 -5.40 -32.25 -8.44
CA VAL D 127 -4.57 -31.04 -8.42
C VAL D 127 -3.06 -31.36 -8.30
N GLY D 128 -2.69 -32.17 -7.33
CA GLY D 128 -1.29 -32.46 -7.04
C GLY D 128 -1.17 -32.93 -5.60
N VAL D 129 -0.43 -32.19 -4.77
CA VAL D 129 -0.27 -32.53 -3.35
C VAL D 129 -1.19 -31.62 -2.54
N VAL D 130 -1.98 -32.20 -1.63
CA VAL D 130 -2.85 -31.44 -0.76
C VAL D 130 -2.23 -31.48 0.65
N LEU D 131 -2.10 -30.33 1.27
CA LEU D 131 -1.59 -30.22 2.63
C LEU D 131 -2.81 -30.10 3.53
N GLY D 132 -3.01 -31.06 4.44
CA GLY D 132 -4.14 -31.02 5.36
C GLY D 132 -3.65 -30.89 6.79
N ILE D 133 -3.96 -29.77 7.44
CA ILE D 133 -3.50 -29.47 8.81
C ILE D 133 -4.68 -29.74 9.73
N ALA D 134 -4.53 -30.73 10.64
CA ALA D 134 -5.61 -31.22 11.48
C ALA D 134 -5.48 -30.83 12.96
N PRO D 135 -6.57 -30.41 13.62
CA PRO D 135 -6.50 -30.11 15.05
C PRO D 135 -6.70 -31.39 15.88
N TRP D 136 -6.64 -31.20 17.20
CA TRP D 136 -6.68 -32.28 18.20
C TRP D 136 -8.05 -32.58 18.83
N ASN D 137 -9.04 -31.68 18.80
CA ASN D 137 -10.29 -31.92 19.56
C ASN D 137 -11.15 -33.14 19.14
N ALA D 138 -11.29 -33.43 17.83
CA ALA D 138 -11.98 -34.62 17.31
C ALA D 138 -10.91 -35.14 16.36
N PRO D 139 -9.82 -35.70 16.94
CA PRO D 139 -8.59 -35.92 16.16
C PRO D 139 -8.67 -36.93 15.03
N ILE D 140 -9.45 -38.01 15.19
CA ILE D 140 -9.54 -39.01 14.13
C ILE D 140 -10.46 -38.45 13.05
N ILE D 141 -11.61 -37.89 13.45
CA ILE D 141 -12.57 -37.29 12.50
C ILE D 141 -11.88 -36.21 11.64
N LEU D 142 -11.17 -35.27 12.28
CA LEU D 142 -10.57 -34.12 11.56
C LEU D 142 -9.22 -34.44 10.88
N GLY D 143 -8.48 -35.42 11.39
CA GLY D 143 -7.28 -35.90 10.72
C GLY D 143 -7.69 -36.62 9.43
N VAL D 144 -8.78 -37.41 9.50
CA VAL D 144 -9.31 -38.12 8.33
C VAL D 144 -9.95 -37.12 7.35
N ARG D 145 -10.70 -36.12 7.86
CA ARG D 145 -11.35 -35.11 7.00
C ARG D 145 -10.30 -34.34 6.17
N ALA D 146 -9.13 -34.06 6.79
CA ALA D 146 -8.04 -33.34 6.12
C ALA D 146 -7.49 -34.07 4.88
N ILE D 147 -7.67 -35.41 4.78
CA ILE D 147 -7.09 -36.18 3.66
C ILE D 147 -8.02 -37.12 2.88
N ALA D 148 -9.22 -37.50 3.36
CA ALA D 148 -10.04 -38.52 2.70
C ALA D 148 -10.59 -38.11 1.34
N VAL D 149 -11.33 -37.01 1.27
CA VAL D 149 -11.84 -36.55 -0.05
C VAL D 149 -10.66 -36.07 -0.91
N PRO D 150 -9.63 -35.38 -0.37
CA PRO D 150 -8.43 -35.09 -1.19
C PRO D 150 -7.88 -36.37 -1.88
N LEU D 151 -7.79 -37.51 -1.15
CA LEU D 151 -7.32 -38.76 -1.78
C LEU D 151 -8.31 -39.30 -2.81
N ALA D 152 -9.63 -39.23 -2.56
CA ALA D 152 -10.64 -39.71 -3.51
C ALA D 152 -10.62 -38.90 -4.79
N CYS D 153 -10.20 -37.64 -4.71
CA CYS D 153 -10.06 -36.74 -5.86
C CYS D 153 -8.74 -36.99 -6.65
N GLY D 154 -7.94 -38.02 -6.29
CA GLY D 154 -6.73 -38.37 -7.01
C GLY D 154 -5.47 -37.61 -6.63
N ASN D 155 -5.46 -36.96 -5.45
CA ASN D 155 -4.30 -36.21 -4.99
C ASN D 155 -3.42 -37.02 -4.04
N ALA D 156 -2.13 -36.67 -3.97
CA ALA D 156 -1.26 -37.21 -2.92
C ALA D 156 -1.53 -36.26 -1.74
N VAL D 157 -1.31 -36.70 -0.50
CA VAL D 157 -1.61 -35.87 0.67
C VAL D 157 -0.50 -35.84 1.69
N ILE D 158 -0.46 -34.74 2.47
CA ILE D 158 0.43 -34.59 3.61
C ILE D 158 -0.50 -34.24 4.76
N LEU D 159 -0.58 -35.10 5.76
CA LEU D 159 -1.32 -34.81 6.97
C LEU D 159 -0.31 -34.08 7.88
N LYS D 160 -0.60 -32.84 8.23
CA LYS D 160 0.26 -32.09 9.13
C LYS D 160 -0.32 -32.32 10.51
N ALA D 161 0.26 -33.27 11.24
CA ALA D 161 -0.25 -33.72 12.54
C ALA D 161 -0.17 -32.68 13.64
N SER D 162 -1.11 -32.76 14.58
CA SER D 162 -1.14 -31.84 15.71
C SER D 162 -0.07 -32.24 16.74
N GLU D 163 0.66 -31.26 17.30
CA GLU D 163 1.64 -31.53 18.37
C GLU D 163 0.93 -31.97 19.67
N ILE D 164 -0.40 -31.74 19.77
CA ILE D 164 -1.20 -32.14 20.94
C ILE D 164 -1.54 -33.64 20.90
N CYS D 165 -1.66 -34.24 19.72
CA CYS D 165 -2.00 -35.66 19.62
C CYS D 165 -1.21 -36.33 18.47
N PRO D 166 0.14 -36.29 18.53
CA PRO D 166 0.94 -36.84 17.42
C PRO D 166 0.77 -38.32 17.19
N ARG D 167 0.53 -39.11 18.25
CA ARG D 167 0.31 -40.54 18.08
C ARG D 167 -1.06 -40.81 17.45
N THR D 168 -2.14 -40.13 17.91
CA THR D 168 -3.47 -40.34 17.31
C THR D 168 -3.40 -40.04 15.80
N HIS D 169 -2.77 -38.92 15.40
CA HIS D 169 -2.64 -38.59 13.97
C HIS D 169 -1.67 -39.52 13.24
N GLY D 170 -0.60 -39.95 13.90
CA GLY D 170 0.34 -40.90 13.33
C GLY D 170 -0.32 -42.23 13.03
N LEU D 171 -1.24 -42.67 13.91
CA LEU D 171 -1.99 -43.91 13.70
C LEU D 171 -2.94 -43.85 12.47
N ILE D 172 -3.40 -42.65 12.07
CA ILE D 172 -4.25 -42.52 10.87
C ILE D 172 -3.39 -42.90 9.69
N ILE D 173 -2.16 -42.35 9.63
CA ILE D 173 -1.25 -42.60 8.51
C ILE D 173 -0.75 -44.07 8.51
N GLU D 174 -0.55 -44.67 9.71
CA GLU D 174 -0.18 -46.09 9.77
C GLU D 174 -1.33 -47.00 9.29
N SER D 175 -2.60 -46.61 9.56
CA SER D 175 -3.78 -47.36 9.08
C SER D 175 -3.88 -47.25 7.55
N PHE D 176 -3.69 -46.05 7.01
CA PHE D 176 -3.75 -45.83 5.55
C PHE D 176 -2.59 -46.60 4.87
N ALA D 177 -1.41 -46.72 5.54
CA ALA D 177 -0.26 -47.46 5.02
C ALA D 177 -0.55 -48.94 4.75
N GLU D 178 -1.49 -49.55 5.48
CA GLU D 178 -1.88 -50.94 5.29
C GLU D 178 -2.86 -51.15 4.11
N ALA D 179 -3.45 -50.07 3.57
CA ALA D 179 -4.45 -50.14 2.50
C ALA D 179 -3.92 -50.40 1.09
N GLY D 180 -2.63 -50.19 0.86
CA GLY D 180 -2.07 -50.41 -0.48
C GLY D 180 -2.10 -49.22 -1.40
N PHE D 181 -1.91 -48.00 -0.85
CA PHE D 181 -1.79 -46.81 -1.69
C PHE D 181 -0.40 -46.89 -2.33
N PRO D 182 -0.17 -46.33 -3.52
CA PRO D 182 1.22 -46.29 -4.04
C PRO D 182 2.16 -45.53 -3.11
N GLU D 183 3.49 -45.74 -3.28
CA GLU D 183 4.52 -45.09 -2.47
C GLU D 183 4.42 -43.55 -2.59
N GLY D 184 4.54 -42.85 -1.46
CA GLY D 184 4.50 -41.39 -1.43
C GLY D 184 3.13 -40.76 -1.54
N VAL D 185 2.05 -41.54 -1.61
CA VAL D 185 0.70 -40.94 -1.74
C VAL D 185 0.15 -40.43 -0.41
N VAL D 186 0.40 -41.17 0.69
CA VAL D 186 -0.08 -40.75 2.01
C VAL D 186 1.16 -40.49 2.87
N ASN D 187 1.24 -39.28 3.47
CA ASN D 187 2.41 -38.85 4.22
C ASN D 187 2.00 -38.09 5.47
N VAL D 188 2.90 -38.05 6.44
CA VAL D 188 2.69 -37.32 7.68
C VAL D 188 3.85 -36.36 7.91
N VAL D 189 3.56 -35.20 8.53
CA VAL D 189 4.59 -34.27 8.98
C VAL D 189 4.27 -34.01 10.47
N THR D 190 5.29 -34.13 11.33
CA THR D 190 5.18 -33.86 12.76
C THR D 190 6.21 -32.81 13.10
N ASN D 191 5.90 -31.91 14.03
CA ASN D 191 6.84 -30.85 14.42
C ASN D 191 6.58 -30.40 15.85
N ALA D 192 7.63 -29.87 16.50
CA ALA D 192 7.50 -29.29 17.84
C ALA D 192 6.69 -27.99 17.70
N PRO D 193 5.91 -27.57 18.74
CA PRO D 193 5.09 -26.34 18.61
C PRO D 193 5.85 -25.10 18.14
N GLN D 194 7.04 -24.89 18.70
CA GLN D 194 7.90 -23.74 18.35
C GLN D 194 8.37 -23.72 16.90
N ASP D 195 8.35 -24.87 16.19
CA ASP D 195 8.75 -24.96 14.77
C ASP D 195 7.56 -24.90 13.80
N ALA D 196 6.30 -24.78 14.31
CA ALA D 196 5.09 -24.75 13.48
C ALA D 196 5.18 -23.74 12.33
N GLY D 197 5.59 -22.51 12.66
CA GLY D 197 5.72 -21.45 11.66
C GLY D 197 6.65 -21.80 10.51
N GLU D 198 7.87 -22.28 10.84
CA GLU D 198 8.85 -22.64 9.81
C GLU D 198 8.50 -23.92 9.03
N VAL D 199 7.96 -24.95 9.69
CA VAL D 199 7.61 -26.21 9.03
C VAL D 199 6.37 -26.04 8.12
N VAL D 200 5.31 -25.41 8.64
CA VAL D 200 4.09 -25.19 7.86
C VAL D 200 4.39 -24.20 6.70
N GLY D 201 5.21 -23.19 6.98
CA GLY D 201 5.66 -22.22 5.98
C GLY D 201 6.38 -22.88 4.83
N ALA D 202 7.34 -23.78 5.15
CA ALA D 202 8.10 -24.52 4.12
C ALA D 202 7.18 -25.39 3.24
N LEU D 203 6.15 -26.03 3.83
CA LEU D 203 5.19 -26.84 3.07
C LEU D 203 4.29 -25.97 2.19
N ILE D 204 3.78 -24.85 2.73
CA ILE D 204 2.96 -23.92 1.92
C ILE D 204 3.78 -23.37 0.72
N ASP D 205 5.08 -23.08 0.93
CA ASP D 205 5.98 -22.56 -0.13
C ASP D 205 6.37 -23.62 -1.17
N HIS D 206 6.23 -24.91 -0.85
CA HIS D 206 6.67 -25.99 -1.75
C HIS D 206 5.87 -26.01 -3.07
N PRO D 207 6.53 -25.94 -4.24
CA PRO D 207 5.78 -25.91 -5.52
C PRO D 207 4.80 -27.06 -5.76
N ALA D 208 5.03 -28.26 -5.21
CA ALA D 208 4.13 -29.41 -5.42
C ALA D 208 2.82 -29.28 -4.64
N VAL D 209 2.82 -28.51 -3.54
CA VAL D 209 1.65 -28.34 -2.68
C VAL D 209 0.73 -27.32 -3.36
N LYS D 210 -0.44 -27.77 -3.85
CA LYS D 210 -1.38 -26.96 -4.62
C LYS D 210 -2.64 -26.54 -3.91
N ARG D 211 -3.01 -27.23 -2.80
CA ARG D 211 -4.20 -26.89 -2.02
C ARG D 211 -3.84 -27.07 -0.56
N ILE D 212 -4.31 -26.15 0.31
CA ILE D 212 -4.04 -26.20 1.73
C ILE D 212 -5.41 -26.21 2.41
N ASN D 213 -5.69 -27.21 3.29
CA ASN D 213 -6.89 -27.16 4.12
C ASN D 213 -6.36 -27.05 5.57
N PHE D 214 -6.97 -26.18 6.35
CA PHE D 214 -6.56 -25.91 7.72
C PHE D 214 -7.80 -25.80 8.59
N THR D 215 -7.76 -26.48 9.74
CA THR D 215 -8.82 -26.39 10.74
C THR D 215 -8.09 -25.98 12.04
N GLY D 216 -8.52 -24.89 12.65
CA GLY D 216 -7.88 -24.39 13.86
C GLY D 216 -8.36 -22.98 14.21
N SER D 217 -7.53 -22.18 14.88
CA SER D 217 -7.96 -20.84 15.31
C SER D 217 -7.95 -19.79 14.19
N THR D 218 -8.72 -18.71 14.35
CA THR D 218 -8.75 -17.59 13.40
C THR D 218 -7.35 -16.97 13.24
N GLY D 219 -6.65 -16.76 14.35
CA GLY D 219 -5.30 -16.17 14.35
C GLY D 219 -4.30 -16.92 13.49
N VAL D 220 -4.24 -18.24 13.65
CA VAL D 220 -3.34 -19.08 12.85
C VAL D 220 -3.86 -19.16 11.39
N GLY D 221 -5.19 -19.22 11.21
CA GLY D 221 -5.81 -19.23 9.88
C GLY D 221 -5.41 -18.04 9.04
N ARG D 222 -5.38 -16.82 9.65
CA ARG D 222 -4.98 -15.57 8.98
C ARG D 222 -3.49 -15.62 8.57
N ILE D 223 -2.64 -16.19 9.43
CA ILE D 223 -1.19 -16.34 9.15
C ILE D 223 -1.01 -17.29 7.94
N ILE D 224 -1.74 -18.41 7.94
CA ILE D 224 -1.72 -19.38 6.84
C ILE D 224 -2.21 -18.74 5.53
N ALA D 225 -3.33 -18.00 5.56
CA ALA D 225 -3.86 -17.33 4.36
C ALA D 225 -2.84 -16.31 3.80
N LYS D 226 -2.19 -15.54 4.68
CA LYS D 226 -1.19 -14.55 4.23
C LYS D 226 0.03 -15.23 3.63
N ARG D 227 0.50 -16.34 4.22
CA ARG D 227 1.64 -17.10 3.68
C ARG D 227 1.27 -17.76 2.33
N ALA D 228 0.03 -18.29 2.21
CA ALA D 228 -0.47 -18.92 0.97
C ALA D 228 -0.58 -17.89 -0.18
N ALA D 229 -1.03 -16.64 0.14
CA ALA D 229 -1.15 -15.54 -0.82
C ALA D 229 0.17 -15.23 -1.50
N GLU D 230 1.30 -15.38 -0.78
CA GLU D 230 2.62 -15.11 -1.36
C GLU D 230 2.96 -16.02 -2.55
N HIS D 231 2.42 -17.26 -2.58
CA HIS D 231 2.60 -18.17 -3.72
C HIS D 231 1.26 -18.47 -4.42
N LEU D 232 0.25 -17.56 -4.26
CA LEU D 232 -1.07 -17.70 -4.88
C LEU D 232 -1.66 -19.10 -4.68
N LYS D 233 -1.62 -19.63 -3.45
CA LYS D 233 -2.17 -20.98 -3.17
C LYS D 233 -3.59 -20.85 -2.61
N PRO D 234 -4.62 -21.49 -3.19
CA PRO D 234 -5.97 -21.43 -2.58
C PRO D 234 -6.04 -22.19 -1.24
N CYS D 235 -6.88 -21.71 -0.29
CA CYS D 235 -7.01 -22.34 1.05
C CYS D 235 -8.44 -22.67 1.35
N LEU D 236 -8.64 -23.71 2.16
CA LEU D 236 -9.93 -24.08 2.74
C LEU D 236 -9.65 -23.83 4.25
N LEU D 237 -10.28 -22.81 4.83
CA LEU D 237 -10.03 -22.40 6.22
C LEU D 237 -11.29 -22.59 7.08
N GLU D 238 -11.22 -23.50 8.05
CA GLU D 238 -12.30 -23.84 9.01
C GLU D 238 -11.77 -23.29 10.33
N LEU D 239 -12.21 -22.10 10.73
N LEU D 239 -12.20 -22.10 10.71
CA LEU D 239 -11.61 -21.42 11.87
CA LEU D 239 -11.62 -21.42 11.87
C LEU D 239 -12.49 -21.28 13.14
C LEU D 239 -12.57 -21.41 13.09
N GLY D 240 -13.34 -22.28 13.39
N GLY D 240 -12.28 -20.56 14.08
CA GLY D 240 -14.21 -22.31 14.57
CA GLY D 240 -13.06 -20.44 15.30
C GLY D 240 -15.17 -21.14 14.71
C GLY D 240 -14.54 -20.14 15.10
N GLY D 241 -15.65 -20.90 15.92
N GLY D 241 -15.31 -20.38 16.14
CA GLY D 241 -16.56 -19.79 16.13
CA GLY D 241 -16.75 -20.14 16.12
C GLY D 241 -17.09 -19.59 17.53
C GLY D 241 -17.32 -19.93 17.50
N LYS D 242 -18.29 -19.02 17.63
CA LYS D 242 -18.96 -18.73 18.89
C LYS D 242 -20.45 -19.00 18.60
N ALA D 243 -20.79 -20.30 18.39
CA ALA D 243 -22.13 -20.73 17.96
C ALA D 243 -23.29 -20.24 18.82
N PRO D 244 -24.21 -19.44 18.25
CA PRO D 244 -25.39 -19.03 19.02
C PRO D 244 -26.55 -20.01 18.80
N LEU D 245 -27.35 -20.20 19.83
CA LEU D 245 -28.58 -20.98 19.77
C LEU D 245 -29.69 -20.00 20.20
N VAL D 246 -30.63 -19.72 19.31
CA VAL D 246 -31.71 -18.74 19.55
C VAL D 246 -32.99 -19.47 19.99
N VAL D 247 -33.59 -19.05 21.12
CA VAL D 247 -34.81 -19.64 21.65
C VAL D 247 -35.90 -18.56 21.52
N LEU D 248 -36.87 -18.76 20.59
CA LEU D 248 -37.96 -17.82 20.35
C LEU D 248 -39.16 -18.16 21.23
N ASP D 249 -40.16 -17.26 21.29
CA ASP D 249 -41.29 -17.35 22.22
C ASP D 249 -42.15 -18.61 22.09
N ASP D 250 -42.19 -19.25 20.91
CA ASP D 250 -42.98 -20.48 20.75
C ASP D 250 -42.07 -21.73 20.65
N ALA D 251 -40.81 -21.64 21.14
CA ALA D 251 -39.88 -22.78 21.13
C ALA D 251 -40.37 -23.89 22.06
N ASP D 252 -40.08 -25.16 21.71
CA ASP D 252 -40.33 -26.29 22.61
C ASP D 252 -39.15 -26.16 23.60
N LEU D 253 -39.42 -25.67 24.80
CA LEU D 253 -38.39 -25.36 25.78
C LEU D 253 -37.63 -26.59 26.29
N ASP D 254 -38.31 -27.74 26.47
CA ASP D 254 -37.64 -28.98 26.88
C ASP D 254 -36.64 -29.43 25.79
N GLU D 255 -37.07 -29.42 24.52
CA GLU D 255 -36.21 -29.79 23.40
C GLU D 255 -35.03 -28.80 23.27
N ALA D 256 -35.30 -27.47 23.39
CA ALA D 256 -34.23 -26.46 23.30
C ALA D 256 -33.19 -26.67 24.41
N ALA D 257 -33.64 -26.97 25.65
CA ALA D 257 -32.74 -27.20 26.79
C ALA D 257 -31.88 -28.45 26.57
N LYS D 258 -32.48 -29.54 26.03
CA LYS D 258 -31.74 -30.77 25.75
C LYS D 258 -30.72 -30.56 24.64
N ALA D 259 -31.12 -29.88 23.54
CA ALA D 259 -30.21 -29.60 22.41
C ALA D 259 -29.09 -28.65 22.85
N ALA D 260 -29.42 -27.62 23.64
CA ALA D 260 -28.43 -26.66 24.14
C ALA D 260 -27.42 -27.34 25.07
N ALA D 261 -27.88 -28.27 25.94
CA ALA D 261 -26.99 -28.97 26.88
C ALA D 261 -26.06 -29.89 26.12
N PHE D 262 -26.60 -30.67 25.17
CA PHE D 262 -25.78 -31.54 24.34
C PHE D 262 -24.74 -30.70 23.56
N GLY D 263 -25.18 -29.62 22.90
CA GLY D 263 -24.28 -28.78 22.12
C GLY D 263 -23.25 -28.01 22.92
N ALA D 264 -23.61 -27.56 24.13
CA ALA D 264 -22.67 -26.81 24.95
C ALA D 264 -21.57 -27.69 25.54
N PHE D 265 -21.91 -28.91 25.99
CA PHE D 265 -20.98 -29.71 26.79
C PHE D 265 -20.44 -30.98 26.17
N MET D 266 -20.85 -31.37 24.95
CA MET D 266 -20.27 -32.54 24.29
C MET D 266 -18.76 -32.32 24.12
N ASN D 267 -17.94 -33.34 24.46
CA ASN D 267 -16.47 -33.24 24.43
C ASN D 267 -16.00 -32.01 25.27
N GLN D 268 -16.69 -31.74 26.39
CA GLN D 268 -16.35 -30.60 27.28
C GLN D 268 -16.34 -29.25 26.52
N GLY D 269 -17.22 -29.07 25.54
CA GLY D 269 -17.29 -27.84 24.74
C GLY D 269 -16.06 -27.59 23.88
N GLN D 270 -15.29 -28.63 23.52
CA GLN D 270 -14.08 -28.47 22.68
C GLN D 270 -14.45 -28.92 21.26
N ILE D 271 -15.36 -28.18 20.65
CA ILE D 271 -15.82 -28.46 19.28
C ILE D 271 -15.95 -27.10 18.61
N CYS D 272 -15.62 -27.00 17.32
CA CYS D 272 -15.72 -25.75 16.53
C CYS D 272 -17.14 -25.15 16.54
N MET D 273 -18.16 -26.03 16.71
CA MET D 273 -19.58 -25.74 16.67
C MET D 273 -20.28 -25.93 18.03
N SER D 274 -19.51 -25.96 19.14
CA SER D 274 -20.09 -26.05 20.49
C SER D 274 -20.98 -24.83 20.74
N THR D 275 -22.07 -24.99 21.48
CA THR D 275 -22.99 -23.90 21.79
C THR D 275 -22.32 -22.99 22.81
N GLU D 276 -22.00 -21.77 22.39
CA GLU D 276 -21.34 -20.76 23.23
C GLU D 276 -22.27 -19.69 23.77
N ARG D 277 -23.30 -19.31 23.00
CA ARG D 277 -24.23 -18.25 23.36
C ARG D 277 -25.65 -18.74 23.22
N ILE D 278 -26.46 -18.66 24.27
CA ILE D 278 -27.85 -19.04 24.20
C ILE D 278 -28.61 -17.72 24.27
N ILE D 279 -29.28 -17.34 23.18
CA ILE D 279 -30.02 -16.07 23.11
C ILE D 279 -31.50 -16.40 23.31
N VAL D 280 -32.09 -15.92 24.43
CA VAL D 280 -33.46 -16.26 24.83
C VAL D 280 -34.35 -15.02 24.84
N VAL D 281 -35.52 -15.09 24.18
CA VAL D 281 -36.45 -13.96 24.17
C VAL D 281 -37.05 -13.78 25.56
N GLU D 282 -37.36 -12.53 25.93
CA GLU D 282 -37.92 -12.18 27.24
C GLU D 282 -39.12 -13.05 27.65
N ALA D 283 -40.04 -13.29 26.71
CA ALA D 283 -41.29 -14.03 26.99
C ALA D 283 -41.11 -15.41 27.62
N ILE D 284 -40.02 -16.13 27.29
CA ILE D 284 -39.78 -17.48 27.82
C ILE D 284 -38.43 -17.61 28.55
N ALA D 285 -37.69 -16.49 28.76
CA ALA D 285 -36.35 -16.53 29.36
C ALA D 285 -36.27 -17.21 30.73
N ALA D 286 -37.19 -16.86 31.66
CA ALA D 286 -37.18 -17.45 33.00
C ALA D 286 -37.42 -18.96 32.98
N GLU D 287 -38.43 -19.43 32.22
CA GLU D 287 -38.74 -20.85 32.14
C GLU D 287 -37.61 -21.64 31.45
N PHE D 288 -37.08 -21.13 30.33
CA PHE D 288 -35.97 -21.83 29.64
C PHE D 288 -34.77 -21.97 30.57
N THR D 289 -34.39 -20.87 31.23
CA THR D 289 -33.24 -20.83 32.13
C THR D 289 -33.37 -21.84 33.26
N ARG D 290 -34.57 -21.96 33.88
CA ARG D 290 -34.81 -22.95 34.93
C ARG D 290 -34.58 -24.37 34.40
N ARG D 291 -35.20 -24.70 33.25
CA ARG D 291 -35.09 -26.02 32.64
C ARG D 291 -33.65 -26.33 32.24
N PHE D 292 -32.96 -25.35 31.62
CA PHE D 292 -31.59 -25.52 31.15
C PHE D 292 -30.60 -25.65 32.32
N ALA D 293 -30.76 -24.82 33.37
CA ALA D 293 -29.91 -24.88 34.57
C ALA D 293 -30.02 -26.27 35.21
N ALA D 294 -31.27 -26.80 35.36
CA ALA D 294 -31.51 -28.13 35.93
C ALA D 294 -30.86 -29.20 35.07
N LYS D 295 -30.92 -29.06 33.74
CA LYS D 295 -30.29 -30.02 32.84
C LYS D 295 -28.75 -29.98 32.96
N ALA D 296 -28.14 -28.77 32.98
CA ALA D 296 -26.68 -28.65 33.10
C ALA D 296 -26.18 -29.19 34.46
N GLN D 297 -26.95 -28.97 35.54
CA GLN D 297 -26.60 -29.49 36.86
C GLN D 297 -26.62 -31.03 36.91
N SER D 298 -27.50 -31.67 36.10
CA SER D 298 -27.58 -33.14 36.06
C SER D 298 -26.45 -33.81 35.27
N MET D 299 -25.56 -33.04 34.60
CA MET D 299 -24.48 -33.58 33.78
C MET D 299 -23.17 -33.53 34.56
N ALA D 300 -22.75 -34.67 35.12
CA ALA D 300 -21.56 -34.72 35.97
C ALA D 300 -20.26 -34.76 35.16
N THR D 301 -19.18 -34.34 35.82
CA THR D 301 -17.83 -34.44 35.28
C THR D 301 -17.12 -35.50 36.11
N GLY D 302 -16.31 -36.32 35.46
CA GLY D 302 -15.57 -37.37 36.14
C GLY D 302 -14.32 -37.76 35.39
N ASP D 303 -13.45 -38.53 36.04
CA ASP D 303 -12.20 -38.99 35.45
C ASP D 303 -12.53 -39.78 34.16
N PRO D 304 -11.99 -39.37 32.99
CA PRO D 304 -12.32 -40.11 31.75
C PRO D 304 -11.92 -41.58 31.76
N ARG D 305 -10.93 -41.97 32.61
CA ARG D 305 -10.51 -43.37 32.70
C ARG D 305 -11.58 -44.24 33.37
N GLU D 306 -12.48 -43.65 34.18
CA GLU D 306 -13.57 -44.39 34.83
C GLU D 306 -14.77 -44.63 33.91
N GLY D 307 -14.96 -43.78 32.92
CA GLY D 307 -16.04 -43.91 31.93
C GLY D 307 -17.45 -43.91 32.46
N LYS D 308 -17.72 -43.19 33.57
CA LYS D 308 -19.04 -43.17 34.21
C LYS D 308 -19.81 -41.86 34.08
N THR D 309 -19.22 -40.80 33.48
CA THR D 309 -19.87 -39.48 33.43
C THR D 309 -19.98 -38.92 32.00
N PRO D 310 -20.97 -38.04 31.73
CA PRO D 310 -21.08 -37.46 30.38
C PRO D 310 -19.90 -36.53 30.03
N LEU D 311 -19.29 -35.83 31.03
CA LEU D 311 -18.12 -34.99 30.79
C LEU D 311 -16.85 -35.64 31.33
N GLY D 312 -15.77 -35.47 30.60
CA GLY D 312 -14.45 -35.91 31.02
C GLY D 312 -13.55 -34.71 31.27
N ALA D 313 -12.29 -34.78 30.81
CA ALA D 313 -11.31 -33.72 31.04
C ALA D 313 -11.20 -32.77 29.86
N VAL D 314 -10.76 -31.52 30.14
CA VAL D 314 -10.39 -30.57 29.11
C VAL D 314 -8.92 -30.94 28.77
N VAL D 315 -8.45 -30.46 27.62
CA VAL D 315 -7.15 -30.83 27.07
C VAL D 315 -5.93 -30.47 27.95
N ASP D 316 -5.98 -29.37 28.72
CA ASP D 316 -4.87 -29.00 29.63
C ASP D 316 -5.22 -27.81 30.54
N ARG D 317 -4.31 -27.48 31.47
CA ARG D 317 -4.44 -26.36 32.42
C ARG D 317 -4.72 -25.00 31.75
N LYS D 318 -4.19 -24.74 30.53
CA LYS D 318 -4.45 -23.48 29.80
C LYS D 318 -5.97 -23.23 29.67
N THR D 319 -6.74 -24.28 29.34
CA THR D 319 -8.20 -24.17 29.21
C THR D 319 -8.84 -23.83 30.55
N VAL D 320 -8.38 -24.48 31.64
CA VAL D 320 -8.91 -24.26 32.99
C VAL D 320 -8.74 -22.78 33.37
N ASP D 321 -7.52 -22.25 33.17
CA ASP D 321 -7.21 -20.85 33.51
C ASP D 321 -7.99 -19.86 32.66
N HIS D 322 -8.16 -20.16 31.37
CA HIS D 322 -8.91 -19.30 30.45
C HIS D 322 -10.39 -19.22 30.83
N VAL D 323 -11.04 -20.37 31.09
CA VAL D 323 -12.45 -20.38 31.49
C VAL D 323 -12.64 -19.63 32.82
N ASN D 324 -11.75 -19.85 33.81
CA ASN D 324 -11.80 -19.15 35.11
C ASN D 324 -11.68 -17.64 34.93
N THR D 325 -10.83 -17.21 33.98
CA THR D 325 -10.68 -15.79 33.67
C THR D 325 -12.01 -15.23 33.09
N LEU D 326 -12.66 -15.98 32.18
CA LEU D 326 -13.97 -15.60 31.60
C LEU D 326 -15.05 -15.54 32.71
N ILE D 327 -15.04 -16.51 33.67
CA ILE D 327 -16.00 -16.52 34.78
C ILE D 327 -15.74 -15.29 35.67
N ASP D 328 -14.48 -15.03 36.08
CA ASP D 328 -14.16 -13.88 36.95
C ASP D 328 -14.56 -12.54 36.32
N ASP D 329 -14.27 -12.36 35.03
CA ASP D 329 -14.63 -11.16 34.29
C ASP D 329 -16.16 -10.98 34.24
N ALA D 330 -16.91 -12.06 33.94
CA ALA D 330 -18.37 -12.03 33.85
C ALA D 330 -19.02 -11.71 35.22
N THR D 331 -18.65 -12.45 36.28
CA THR D 331 -19.22 -12.22 37.62
C THR D 331 -18.90 -10.83 38.17
N ALA D 332 -17.67 -10.33 37.92
CA ALA D 332 -17.30 -8.97 38.36
C ALA D 332 -18.17 -7.89 37.70
N LYS D 333 -18.84 -8.21 36.56
CA LYS D 333 -19.73 -7.29 35.86
C LYS D 333 -21.23 -7.60 36.08
N GLY D 334 -21.54 -8.42 37.08
CA GLY D 334 -22.91 -8.76 37.45
C GLY D 334 -23.51 -10.01 36.83
N ALA D 335 -22.70 -10.85 36.13
CA ALA D 335 -23.22 -12.11 35.61
C ALA D 335 -23.45 -13.07 36.79
N ARG D 336 -24.31 -14.07 36.65
CA ARG D 336 -24.59 -15.03 37.71
C ARG D 336 -24.31 -16.45 37.22
N ILE D 337 -23.55 -17.24 38.01
CA ILE D 337 -23.29 -18.65 37.70
C ILE D 337 -24.55 -19.37 38.19
N ILE D 338 -25.27 -20.06 37.30
CA ILE D 338 -26.48 -20.80 37.68
C ILE D 338 -26.29 -22.34 37.61
N ALA D 339 -25.12 -22.80 37.13
CA ALA D 339 -24.73 -24.22 37.11
C ALA D 339 -23.21 -24.25 37.04
N GLY D 340 -22.60 -25.25 37.69
CA GLY D 340 -21.15 -25.44 37.69
C GLY D 340 -20.42 -24.30 38.35
N GLY D 341 -19.32 -23.89 37.75
CA GLY D 341 -18.52 -22.77 38.27
C GLY D 341 -17.05 -22.97 38.00
N LYS D 342 -16.22 -22.17 38.68
CA LYS D 342 -14.76 -22.26 38.53
C LYS D 342 -14.22 -23.59 39.03
N GLY D 343 -13.14 -24.06 38.41
CA GLY D 343 -12.49 -25.32 38.76
C GLY D 343 -11.00 -25.19 38.97
N ASP D 344 -10.41 -26.12 39.73
CA ASP D 344 -8.96 -26.13 39.96
C ASP D 344 -8.28 -27.30 39.23
N SER D 345 -8.99 -28.02 38.35
CA SER D 345 -8.38 -29.13 37.61
C SER D 345 -8.97 -29.25 36.22
N VAL D 346 -8.38 -30.12 35.39
CA VAL D 346 -8.86 -30.40 34.03
C VAL D 346 -10.26 -31.04 34.04
N LEU D 347 -10.72 -31.59 35.19
CA LEU D 347 -12.07 -32.12 35.33
C LEU D 347 -12.97 -30.93 35.65
N MET D 348 -13.39 -30.19 34.62
CA MET D 348 -14.21 -28.99 34.79
C MET D 348 -15.71 -29.30 34.79
N SER D 349 -16.48 -28.56 35.60
CA SER D 349 -17.93 -28.71 35.65
C SER D 349 -18.60 -28.10 34.42
N ALA D 350 -19.78 -28.61 34.06
CA ALA D 350 -20.59 -28.02 32.98
C ALA D 350 -21.10 -26.67 33.55
N THR D 351 -20.57 -25.53 33.08
CA THR D 351 -20.87 -24.20 33.64
C THR D 351 -21.86 -23.39 32.79
N VAL D 352 -22.86 -22.75 33.44
CA VAL D 352 -23.85 -21.91 32.78
C VAL D 352 -23.82 -20.54 33.46
N VAL D 353 -23.52 -19.48 32.67
CA VAL D 353 -23.46 -18.10 33.16
C VAL D 353 -24.66 -17.35 32.63
N ASP D 354 -25.51 -16.83 33.53
CA ASP D 354 -26.71 -16.09 33.18
C ASP D 354 -26.46 -14.56 33.25
N GLY D 355 -27.23 -13.83 32.45
CA GLY D 355 -27.14 -12.37 32.42
C GLY D 355 -25.89 -11.88 31.74
N VAL D 356 -25.49 -12.58 30.66
CA VAL D 356 -24.30 -12.22 29.88
C VAL D 356 -24.66 -11.01 29.03
N THR D 357 -23.76 -10.02 29.02
CA THR D 357 -23.93 -8.78 28.28
C THR D 357 -22.71 -8.54 27.42
N ALA D 358 -22.81 -7.56 26.50
CA ALA D 358 -21.72 -7.17 25.62
C ALA D 358 -20.49 -6.59 26.34
N ALA D 359 -20.61 -6.15 27.60
CA ALA D 359 -19.48 -5.67 28.37
C ALA D 359 -18.52 -6.79 28.83
N MET D 360 -18.91 -8.09 28.71
CA MET D 360 -18.13 -9.23 29.21
C MET D 360 -17.33 -9.98 28.15
N LYS D 361 -16.17 -10.53 28.56
CA LYS D 361 -15.30 -11.31 27.66
C LYS D 361 -16.04 -12.57 27.14
N LEU D 362 -16.89 -13.18 28.01
CA LEU D 362 -17.70 -14.35 27.67
C LEU D 362 -18.68 -14.08 26.52
N TYR D 363 -19.14 -12.82 26.31
CA TYR D 363 -20.03 -12.49 25.19
C TYR D 363 -19.36 -12.71 23.81
N ARG D 364 -18.03 -12.44 23.65
CA ARG D 364 -17.31 -12.54 22.35
C ARG D 364 -16.25 -13.63 22.24
N ASP D 365 -15.44 -13.87 23.28
CA ASP D 365 -14.29 -14.79 23.22
C ASP D 365 -14.67 -16.27 23.13
N GLU D 366 -13.96 -17.02 22.25
CA GLU D 366 -14.15 -18.47 22.10
C GLU D 366 -13.54 -19.14 23.34
N SER D 367 -14.34 -19.82 24.15
CA SER D 367 -13.84 -20.45 25.38
C SER D 367 -13.19 -21.84 25.13
N PHE D 368 -13.72 -22.62 24.15
CA PHE D 368 -13.29 -24.01 23.89
C PHE D 368 -13.19 -24.83 25.20
N GLY D 369 -14.21 -24.66 26.05
CA GLY D 369 -14.30 -25.33 27.34
C GLY D 369 -15.75 -25.52 27.73
N PRO D 370 -16.06 -26.20 28.83
CA PRO D 370 -17.47 -26.49 29.15
C PRO D 370 -18.20 -25.34 29.84
N ILE D 371 -18.35 -24.21 29.15
CA ILE D 371 -19.02 -23.02 29.68
C ILE D 371 -19.89 -22.40 28.58
N VAL D 372 -21.12 -21.97 28.93
CA VAL D 372 -22.04 -21.35 27.97
C VAL D 372 -22.69 -20.13 28.64
N GLY D 373 -22.95 -19.09 27.86
CA GLY D 373 -23.56 -17.87 28.35
C GLY D 373 -24.99 -17.71 27.87
N ILE D 374 -25.88 -17.24 28.74
CA ILE D 374 -27.27 -16.95 28.41
C ILE D 374 -27.36 -15.42 28.24
N ILE D 375 -27.81 -14.98 27.04
CA ILE D 375 -27.99 -13.58 26.65
C ILE D 375 -29.49 -13.34 26.50
N ARG D 376 -30.01 -12.29 27.14
CA ARG D 376 -31.44 -11.94 27.07
C ARG D 376 -31.72 -11.02 25.86
N ALA D 377 -32.76 -11.36 25.09
CA ALA D 377 -33.18 -10.60 23.91
C ALA D 377 -34.61 -10.15 24.15
N LYS D 378 -35.00 -9.02 23.57
CA LYS D 378 -36.33 -8.47 23.77
C LYS D 378 -37.37 -9.25 22.95
N ASP D 379 -37.09 -9.49 21.70
CA ASP D 379 -37.99 -10.17 20.78
C ASP D 379 -37.17 -10.82 19.67
N GLU D 380 -37.85 -11.37 18.68
CA GLU D 380 -37.21 -12.04 17.56
C GLU D 380 -36.17 -11.15 16.84
N ALA D 381 -36.55 -9.90 16.51
CA ALA D 381 -35.64 -8.97 15.82
C ALA D 381 -34.38 -8.71 16.63
N ASP D 382 -34.51 -8.52 17.95
CA ASP D 382 -33.36 -8.32 18.83
C ASP D 382 -32.49 -9.59 18.92
N ALA D 383 -33.10 -10.81 18.93
CA ALA D 383 -32.33 -12.07 18.99
C ALA D 383 -31.49 -12.24 17.73
N VAL D 384 -32.05 -11.91 16.55
CA VAL D 384 -31.31 -11.98 15.30
C VAL D 384 -30.10 -11.03 15.37
N ARG D 385 -30.30 -9.79 15.82
CA ARG D 385 -29.22 -8.81 15.94
C ARG D 385 -28.14 -9.34 16.90
N LEU D 386 -28.55 -9.91 18.04
CA LEU D 386 -27.60 -10.48 19.01
C LEU D 386 -26.88 -11.69 18.44
N ALA D 387 -27.57 -12.58 17.72
CA ALA D 387 -26.94 -13.74 17.09
C ALA D 387 -25.86 -13.28 16.10
N ASN D 388 -26.12 -12.19 15.37
CA ASN D 388 -25.18 -11.65 14.38
C ASN D 388 -24.10 -10.73 14.98
N ASP D 389 -24.15 -10.42 16.29
CA ASP D 389 -23.17 -9.52 16.90
C ASP D 389 -21.91 -10.30 17.29
N SER D 390 -21.20 -10.74 16.27
CA SER D 390 -19.99 -11.55 16.40
C SER D 390 -19.22 -11.48 15.08
N GLU D 391 -17.89 -11.56 15.16
CA GLU D 391 -17.06 -11.59 13.94
C GLU D 391 -17.13 -13.01 13.35
N TYR D 392 -17.50 -14.03 14.16
CA TYR D 392 -17.60 -15.43 13.75
C TYR D 392 -18.93 -15.75 13.07
N GLY D 393 -18.96 -16.88 12.38
CA GLY D 393 -20.16 -17.33 11.69
C GLY D 393 -20.01 -18.74 11.17
N LEU D 394 -19.84 -19.70 12.07
CA LEU D 394 -19.73 -21.10 11.64
C LEU D 394 -21.10 -21.76 11.74
N ALA D 395 -21.49 -22.26 12.93
CA ALA D 395 -22.79 -22.91 13.12
C ALA D 395 -23.70 -22.03 13.96
N ALA D 396 -24.99 -22.23 13.83
CA ALA D 396 -26.02 -21.55 14.59
C ALA D 396 -27.26 -22.43 14.63
N ALA D 397 -28.16 -22.17 15.58
CA ALA D 397 -29.42 -22.90 15.67
C ALA D 397 -30.53 -21.97 16.12
N VAL D 398 -31.76 -22.28 15.72
CA VAL D 398 -32.95 -21.49 16.07
C VAL D 398 -34.02 -22.48 16.50
N PHE D 399 -34.65 -22.24 17.67
CA PHE D 399 -35.72 -23.07 18.18
C PHE D 399 -37.04 -22.31 18.12
N THR D 400 -38.04 -22.91 17.49
CA THR D 400 -39.37 -22.35 17.32
C THR D 400 -40.29 -23.45 16.79
N ARG D 401 -41.52 -23.54 17.33
CA ARG D 401 -42.49 -24.52 16.83
C ARG D 401 -43.00 -24.12 15.43
N ASP D 402 -42.82 -22.84 15.03
CA ASP D 402 -43.19 -22.33 13.72
C ASP D 402 -41.93 -22.43 12.86
N THR D 403 -41.79 -23.55 12.17
CA THR D 403 -40.62 -23.82 11.33
C THR D 403 -40.49 -22.81 10.15
N ALA D 404 -41.62 -22.27 9.63
CA ALA D 404 -41.56 -21.24 8.58
C ALA D 404 -40.87 -19.97 9.14
N ARG D 405 -41.15 -19.66 10.41
CA ARG D 405 -40.51 -18.53 11.12
C ARG D 405 -39.02 -18.87 11.35
N GLY D 406 -38.73 -20.14 11.68
CA GLY D 406 -37.36 -20.61 11.79
C GLY D 406 -36.57 -20.38 10.50
N LEU D 407 -37.20 -20.62 9.34
CA LEU D 407 -36.55 -20.34 8.04
C LEU D 407 -36.30 -18.86 7.81
N ARG D 408 -37.28 -18.00 8.14
CA ARG D 408 -37.11 -16.55 7.99
C ARG D 408 -35.94 -16.06 8.87
N VAL D 409 -35.82 -16.59 10.11
CA VAL D 409 -34.74 -16.24 11.02
C VAL D 409 -33.41 -16.80 10.50
N ALA D 410 -33.37 -18.09 10.09
CA ALA D 410 -32.14 -18.71 9.58
C ALA D 410 -31.58 -17.91 8.39
N ARG D 411 -32.46 -17.39 7.51
CA ARG D 411 -32.05 -16.61 6.32
C ARG D 411 -31.32 -15.31 6.75
N GLN D 412 -31.71 -14.72 7.89
CA GLN D 412 -31.09 -13.49 8.41
C GLN D 412 -29.82 -13.72 9.23
N ILE D 413 -29.63 -14.92 9.80
CA ILE D 413 -28.44 -15.23 10.58
C ILE D 413 -27.25 -15.39 9.63
N ARG D 414 -26.13 -14.73 9.95
CA ARG D 414 -24.91 -14.80 9.14
C ARG D 414 -24.04 -15.94 9.65
N SER D 415 -24.11 -17.07 8.99
CA SER D 415 -23.34 -18.26 9.35
C SER D 415 -23.28 -19.18 8.15
N GLY D 416 -22.34 -20.11 8.15
CA GLY D 416 -22.26 -21.10 7.07
C GLY D 416 -23.23 -22.24 7.31
N ILE D 417 -23.70 -22.40 8.57
CA ILE D 417 -24.60 -23.50 8.98
C ILE D 417 -25.68 -22.97 9.90
N CYS D 418 -26.94 -23.40 9.68
CA CYS D 418 -28.03 -23.06 10.61
C CYS D 418 -29.01 -24.22 10.75
N HIS D 419 -29.22 -24.68 11.98
CA HIS D 419 -30.11 -25.79 12.27
C HIS D 419 -31.40 -25.30 12.92
N ILE D 420 -32.56 -25.57 12.30
CA ILE D 420 -33.85 -25.17 12.86
C ILE D 420 -34.33 -26.35 13.72
N ASN D 421 -34.49 -26.11 15.02
CA ASN D 421 -34.91 -27.09 16.03
C ASN D 421 -33.91 -28.28 16.19
N GLY D 422 -32.65 -28.05 15.87
CA GLY D 422 -31.58 -29.03 16.06
C GLY D 422 -30.44 -28.40 16.84
N PRO D 423 -29.54 -29.20 17.46
CA PRO D 423 -28.40 -28.60 18.17
C PRO D 423 -27.39 -27.96 17.20
N THR D 424 -26.50 -27.12 17.73
CA THR D 424 -25.45 -26.49 16.91
C THR D 424 -24.39 -27.53 16.51
N VAL D 425 -24.24 -28.60 17.33
CA VAL D 425 -23.28 -29.69 17.08
C VAL D 425 -23.93 -30.73 16.20
N HIS D 426 -23.49 -30.81 14.94
CA HIS D 426 -24.07 -31.73 13.95
C HIS D 426 -23.16 -31.69 12.73
N ASP D 427 -22.77 -32.86 12.21
CA ASP D 427 -22.01 -32.93 10.96
C ASP D 427 -22.28 -34.28 10.35
N GLU D 428 -22.32 -34.31 9.03
CA GLU D 428 -22.49 -35.53 8.23
C GLU D 428 -21.58 -35.37 7.03
N ALA D 429 -20.88 -36.43 6.63
CA ALA D 429 -19.88 -36.36 5.54
C ALA D 429 -20.45 -35.83 4.20
N GLN D 430 -21.72 -36.09 3.92
CA GLN D 430 -22.35 -35.65 2.63
C GLN D 430 -22.82 -34.18 2.65
N MET D 431 -22.72 -33.48 3.78
CA MET D 431 -23.21 -32.10 3.91
C MET D 431 -22.07 -31.09 3.76
N PRO D 432 -22.29 -29.93 3.11
CA PRO D 432 -21.22 -28.91 3.03
C PRO D 432 -21.03 -28.24 4.40
N PHE D 433 -19.79 -28.13 4.87
CA PHE D 433 -19.50 -27.65 6.22
C PHE D 433 -18.40 -26.59 6.18
N GLY D 434 -18.71 -25.38 6.64
CA GLY D 434 -17.73 -24.30 6.71
C GLY D 434 -18.37 -23.02 7.18
N GLY D 435 -17.58 -21.98 7.33
CA GLY D 435 -18.06 -20.72 7.88
C GLY D 435 -17.93 -19.50 6.97
N VAL D 436 -18.25 -18.35 7.58
CA VAL D 436 -18.20 -17.02 6.96
C VAL D 436 -17.48 -16.12 7.97
N GLY D 437 -17.07 -14.93 7.54
CA GLY D 437 -16.38 -13.99 8.42
C GLY D 437 -15.10 -14.55 9.02
N ALA D 438 -14.89 -14.34 10.31
CA ALA D 438 -13.71 -14.82 11.03
C ALA D 438 -13.68 -16.34 11.16
N SER D 439 -14.79 -17.06 10.83
CA SER D 439 -14.82 -18.53 10.82
C SER D 439 -14.19 -19.10 9.54
N GLY D 440 -13.76 -18.25 8.59
CA GLY D 440 -13.05 -18.70 7.41
C GLY D 440 -13.90 -18.79 6.16
N TYR D 441 -13.47 -19.62 5.22
CA TYR D 441 -14.12 -19.82 3.93
C TYR D 441 -13.73 -21.18 3.38
N GLY D 442 -14.49 -21.61 2.36
CA GLY D 442 -14.36 -22.94 1.80
C GLY D 442 -15.24 -23.89 2.59
N ARG D 443 -15.50 -25.06 2.02
CA ARG D 443 -16.37 -26.07 2.63
C ARG D 443 -15.81 -27.45 2.47
N PHE D 444 -15.87 -28.25 3.53
CA PHE D 444 -15.59 -29.68 3.45
C PHE D 444 -16.97 -30.32 3.20
N GLY D 445 -16.98 -31.54 2.67
CA GLY D 445 -18.21 -32.33 2.56
C GLY D 445 -19.00 -32.14 1.28
N GLY D 446 -19.68 -33.23 0.87
CA GLY D 446 -20.50 -33.24 -0.33
C GLY D 446 -19.78 -32.77 -1.59
N LYS D 447 -20.54 -32.18 -2.51
CA LYS D 447 -19.99 -31.70 -3.78
C LYS D 447 -19.04 -30.52 -3.58
N ALA D 448 -19.30 -29.67 -2.55
CA ALA D 448 -18.42 -28.54 -2.27
C ALA D 448 -16.99 -29.01 -1.92
N GLY D 449 -16.90 -30.09 -1.13
CA GLY D 449 -15.61 -30.67 -0.77
C GLY D 449 -14.83 -31.13 -1.99
N ILE D 450 -15.53 -31.78 -2.92
CA ILE D 450 -14.91 -32.24 -4.18
C ILE D 450 -14.33 -31.05 -4.94
N ASP D 451 -15.10 -29.96 -5.06
CA ASP D 451 -14.60 -28.73 -5.76
C ASP D 451 -13.34 -28.16 -5.12
N GLN D 452 -13.18 -28.28 -3.79
CA GLN D 452 -12.00 -27.75 -3.09
C GLN D 452 -10.71 -28.50 -3.48
N PHE D 453 -10.82 -29.78 -3.80
CA PHE D 453 -9.65 -30.65 -4.08
C PHE D 453 -9.56 -31.13 -5.51
N THR D 454 -10.21 -30.40 -6.45
CA THR D 454 -10.07 -30.68 -7.88
C THR D 454 -9.78 -29.35 -8.60
N GLU D 455 -9.20 -29.46 -9.79
CA GLU D 455 -8.90 -28.34 -10.64
C GLU D 455 -9.96 -28.37 -11.73
N LEU D 456 -10.75 -27.29 -11.87
CA LEU D 456 -11.78 -27.21 -12.89
C LEU D 456 -11.13 -26.71 -14.17
N ARG D 457 -11.16 -27.53 -15.26
CA ARG D 457 -10.50 -27.12 -16.49
C ARG D 457 -11.49 -27.05 -17.64
N TRP D 458 -11.33 -26.00 -18.47
CA TRP D 458 -12.16 -25.85 -19.67
C TRP D 458 -11.38 -26.47 -20.80
N ILE D 459 -11.85 -27.60 -21.31
CA ILE D 459 -11.19 -28.34 -22.38
C ILE D 459 -12.13 -28.36 -23.57
N THR D 460 -11.65 -27.97 -24.74
CA THR D 460 -12.50 -28.02 -25.93
C THR D 460 -11.83 -28.79 -27.05
N MET D 461 -12.65 -29.23 -28.01
N MET D 461 -12.65 -29.22 -28.01
CA MET D 461 -12.22 -29.94 -29.21
CA MET D 461 -12.20 -29.93 -29.20
C MET D 461 -13.01 -29.41 -30.39
C MET D 461 -13.01 -29.42 -30.39
N GLU D 462 -12.33 -28.97 -31.46
CA GLU D 462 -13.00 -28.51 -32.66
C GLU D 462 -13.28 -29.72 -33.55
N THR D 463 -14.42 -29.70 -34.25
CA THR D 463 -14.75 -30.70 -35.27
C THR D 463 -14.97 -30.05 -36.63
N GLN D 464 -14.80 -28.71 -36.74
CA GLN D 464 -14.95 -28.01 -38.02
C GLN D 464 -13.80 -26.98 -38.15
N PRO D 465 -13.49 -26.52 -39.37
CA PRO D 465 -12.47 -25.45 -39.50
C PRO D 465 -12.95 -24.14 -38.87
N GLY D 466 -12.05 -23.39 -38.27
CA GLY D 466 -12.40 -22.12 -37.64
C GLY D 466 -12.67 -21.02 -38.65
N HIS D 467 -13.42 -19.99 -38.25
CA HIS D 467 -13.71 -18.82 -39.09
C HIS D 467 -13.20 -17.64 -38.29
N PHE D 468 -12.05 -17.11 -38.69
CA PHE D 468 -11.36 -16.05 -37.93
C PHE D 468 -11.65 -14.64 -38.47
N PRO D 469 -11.90 -13.65 -37.58
CA PRO D 469 -12.14 -12.28 -38.05
C PRO D 469 -10.90 -11.61 -38.67
N ILE D 470 -9.67 -12.03 -38.27
CA ILE D 470 -8.40 -11.53 -38.85
C ILE D 470 -7.49 -12.76 -39.11
C1 DHB E . 26.44 5.74 1.28
C2 DHB E . 27.50 4.83 1.36
C3 DHB E . 28.65 5.14 2.05
O3 DHB E . 29.68 4.23 2.06
C4 DHB E . 28.73 6.35 2.73
O4 DHB E . 29.88 6.64 3.41
C5 DHB E . 27.66 7.26 2.68
C6 DHB E . 26.51 6.96 1.95
C DHB E . 25.23 5.32 0.51
O1 DHB E . 25.29 4.26 -0.15
O2 DHB E . 24.20 6.04 0.56
C1 GOL F . 17.86 19.81 -0.67
O1 GOL F . 16.65 19.46 -1.23
C2 GOL F . 17.64 20.90 0.33
O2 GOL F . 17.41 20.33 1.64
C3 GOL F . 18.93 21.68 0.29
O3 GOL F . 18.99 22.32 -0.97
C1 DHB G . -10.30 -11.51 -21.83
C2 DHB G . -10.55 -10.89 -23.05
C3 DHB G . -11.63 -11.26 -23.83
O3 DHB G . -11.87 -10.67 -25.03
C4 DHB G . -12.51 -12.23 -23.35
O4 DHB G . -13.56 -12.55 -24.15
C5 DHB G . -12.28 -12.84 -22.12
C6 DHB G . -11.18 -12.49 -21.34
C DHB G . -9.13 -11.03 -21.00
O1 DHB G . -8.20 -10.45 -21.58
O2 DHB G . -9.12 -11.22 -19.74
C1 DHB H . -0.35 36.83 6.52
C2 DHB H . -0.98 38.09 6.57
C3 DHB H . -0.26 39.23 6.90
O3 DHB H . -0.93 40.41 7.02
C4 DHB H . 1.11 39.13 7.16
O4 DHB H . 1.76 40.26 7.52
C5 DHB H . 1.75 37.88 7.07
C6 DHB H . 1.03 36.74 6.75
C DHB H . -1.19 35.65 6.12
O1 DHB H . -0.63 34.57 5.78
O2 DHB H . -2.46 35.75 6.15
C1 DHB I . -15.64 -30.79 14.23
C2 DHB I . -15.85 -31.78 15.19
C3 DHB I . -16.67 -32.86 14.95
O3 DHB I . -16.86 -33.79 15.93
C4 DHB I . -17.27 -32.98 13.69
O4 DHB I . -18.08 -34.06 13.47
C5 DHB I . -17.06 -32.00 12.72
C6 DHB I . -16.24 -30.91 12.97
C DHB I . -14.72 -29.65 14.56
O1 DHB I . -14.15 -29.00 13.62
O2 DHB I . -14.53 -29.37 15.77
#